data_4QH1
#
_entry.id   4QH1
#
_cell.length_a   181.431
_cell.length_b   134.021
_cell.length_c   158.861
_cell.angle_alpha   90.00
_cell.angle_beta   101.86
_cell.angle_gamma   90.00
#
_symmetry.space_group_name_H-M   'C 1 2 1'
#
loop_
_entity.id
_entity.type
_entity.pdbx_description
1 polymer 'Proton-gated ion channel'
2 non-polymer 'BROMIDE ION'
3 non-polymer 'bromoacetic acid'
4 non-polymer 'SODIUM ION'
5 water water
#
_entity_poly.entity_id   1
_entity_poly.type   'polypeptide(L)'
_entity_poly.pdbx_seq_one_letter_code
;QDMVSPPPPIADEPLTVNTGIYLIECYSLDDKAETFKVNAFLSLSWKDRRLAFDPVRSGVRVKTYEPEAIWIPEIRFVNV
ENARDADVVDISVSPDGTVQYLERFSARVLSPLDFRRYPFDSQTLHIYLIVRSVDTRNIVLAVDLEKVGKNDDVFLTGWD
IESFTAVVKPANFALEDRLESKLDYQLRISRQYFSYIPNIILPMLFILFISWTAFWSTSYEANVTLVVSTLIAHIAFNIL
VETNLPKTPYMTYTGAIIFMIYLFYFVAVIEVTVQHYLKVESQPARAASITRASRIAFPVVFLLANIILAFLFFGF
;
_entity_poly.pdbx_strand_id   A,B,C,D,E
#
# COMPACT_ATOMS: atom_id res chain seq x y z
N VAL A 4 -5.40 -24.19 36.13
CA VAL A 4 -5.71 -25.43 35.42
C VAL A 4 -4.45 -26.18 35.00
N SER A 5 -4.51 -27.53 35.01
CA SER A 5 -3.40 -28.40 34.62
C SER A 5 -3.89 -29.44 33.58
N PRO A 6 -2.99 -30.06 32.78
CA PRO A 6 -3.46 -31.03 31.78
C PRO A 6 -4.08 -32.31 32.35
N PRO A 7 -4.90 -33.09 31.58
CA PRO A 7 -5.49 -34.32 32.13
C PRO A 7 -4.43 -35.33 32.51
N PRO A 8 -4.52 -35.97 33.69
CA PRO A 8 -3.47 -36.93 34.08
C PRO A 8 -3.54 -38.23 33.30
N PRO A 9 -2.37 -38.85 32.99
CA PRO A 9 -2.40 -40.10 32.22
C PRO A 9 -2.80 -41.27 33.10
N ILE A 10 -3.81 -42.00 32.61
CA ILE A 10 -4.36 -43.21 33.24
C ILE A 10 -3.30 -44.28 33.05
N ALA A 11 -2.70 -44.26 31.88
CA ALA A 11 -1.58 -45.06 31.50
C ALA A 11 -0.56 -44.02 31.07
N ASP A 12 0.66 -44.42 30.73
CA ASP A 12 1.75 -43.55 30.30
C ASP A 12 1.39 -42.79 29.00
N GLU A 13 0.42 -43.34 28.28
CA GLU A 13 -0.07 -42.81 27.04
C GLU A 13 -0.05 -41.26 26.97
N PRO A 14 0.40 -40.76 25.83
CA PRO A 14 0.41 -39.31 25.61
C PRO A 14 -1.01 -38.86 25.31
N LEU A 15 -1.32 -37.58 25.59
CA LEU A 15 -2.66 -37.06 25.34
C LEU A 15 -2.89 -36.80 23.85
N THR A 16 -3.90 -37.47 23.27
CA THR A 16 -4.25 -37.30 21.86
C THR A 16 -5.29 -36.20 21.69
N VAL A 17 -4.93 -35.16 20.94
CA VAL A 17 -5.82 -34.06 20.65
C VAL A 17 -6.23 -34.24 19.18
N ASN A 18 -7.49 -34.63 18.96
CA ASN A 18 -8.06 -34.80 17.62
C ASN A 18 -8.38 -33.42 17.04
N THR A 19 -7.91 -33.16 15.81
CA THR A 19 -8.06 -31.88 15.16
C THR A 19 -8.85 -31.98 13.88
N GLY A 20 -9.30 -30.81 13.42
CA GLY A 20 -10.05 -30.62 12.19
C GLY A 20 -10.10 -29.15 11.79
N ILE A 21 -9.95 -28.88 10.47
CA ILE A 21 -10.01 -27.53 9.91
C ILE A 21 -11.06 -27.55 8.82
N TYR A 22 -12.05 -26.65 8.92
CA TYR A 22 -13.09 -26.50 7.92
C TYR A 22 -13.02 -25.10 7.35
N LEU A 23 -12.52 -24.97 6.08
CA LEU A 23 -12.36 -23.69 5.36
C LEU A 23 -13.68 -23.04 5.02
N ILE A 24 -13.87 -21.80 5.49
CA ILE A 24 -15.06 -20.98 5.23
C ILE A 24 -14.77 -20.01 4.07
N GLU A 25 -13.58 -19.36 4.11
CA GLU A 25 -13.11 -18.39 3.12
C GLU A 25 -11.60 -18.55 2.84
N CYS A 26 -11.23 -18.42 1.54
CA CYS A 26 -9.85 -18.44 1.02
C CYS A 26 -9.75 -17.24 0.17
N TYR A 27 -8.76 -16.40 0.47
CA TYR A 27 -8.57 -15.15 -0.26
C TYR A 27 -7.13 -14.67 -0.16
N SER A 28 -6.83 -13.65 -0.96
CA SER A 28 -5.56 -12.95 -1.01
C SER A 28 -4.31 -13.85 -1.11
N LEU A 29 -4.26 -14.71 -2.17
CA LEU A 29 -3.05 -15.44 -2.43
C LEU A 29 -2.10 -14.43 -3.12
N ASP A 30 -1.09 -13.99 -2.35
CA ASP A 30 -0.08 -13.04 -2.77
C ASP A 30 1.13 -13.84 -3.28
N ASP A 31 1.37 -13.81 -4.60
CA ASP A 31 2.48 -14.51 -5.25
C ASP A 31 3.85 -13.97 -4.83
N LYS A 32 4.00 -12.64 -4.87
CA LYS A 32 5.22 -11.95 -4.48
C LYS A 32 5.58 -12.24 -3.01
N ALA A 33 4.58 -12.12 -2.09
CA ALA A 33 4.76 -12.36 -0.64
C ALA A 33 4.78 -13.83 -0.20
N GLU A 34 4.26 -14.73 -1.08
CA GLU A 34 4.10 -16.18 -0.89
C GLU A 34 3.21 -16.48 0.33
N THR A 35 2.12 -15.70 0.45
CA THR A 35 1.14 -15.79 1.52
C THR A 35 -0.28 -15.96 0.98
N PHE A 36 -1.20 -16.35 1.84
CA PHE A 36 -2.63 -16.47 1.56
C PHE A 36 -3.39 -16.29 2.87
N LYS A 37 -4.58 -15.69 2.79
CA LYS A 37 -5.41 -15.48 3.97
C LYS A 37 -6.48 -16.57 4.01
N VAL A 38 -6.79 -17.02 5.23
CA VAL A 38 -7.75 -18.08 5.46
C VAL A 38 -8.70 -17.71 6.59
N ASN A 39 -9.98 -18.06 6.42
CA ASN A 39 -11.00 -17.91 7.44
C ASN A 39 -11.62 -19.33 7.61
N ALA A 40 -11.41 -19.97 8.77
CA ALA A 40 -11.84 -21.34 8.96
C ALA A 40 -12.27 -21.69 10.37
N PHE A 41 -12.87 -22.88 10.52
CA PHE A 41 -13.25 -23.43 11.80
C PHE A 41 -12.13 -24.34 12.19
N LEU A 42 -11.72 -24.29 13.48
CA LEU A 42 -10.72 -25.20 14.04
C LEU A 42 -11.43 -25.99 15.13
N SER A 43 -11.51 -27.32 14.94
CA SER A 43 -12.15 -28.19 15.92
C SER A 43 -11.09 -28.99 16.69
N LEU A 44 -11.24 -29.08 18.00
CA LEU A 44 -10.32 -29.83 18.86
C LEU A 44 -11.11 -30.79 19.75
N SER A 45 -10.56 -32.00 19.98
CA SER A 45 -11.21 -33.02 20.82
C SER A 45 -10.20 -33.86 21.62
N TRP A 46 -10.42 -33.99 22.93
CA TRP A 46 -9.52 -34.75 23.81
C TRP A 46 -10.28 -35.29 25.01
N LYS A 47 -9.74 -36.33 25.67
CA LYS A 47 -10.35 -36.92 26.87
C LYS A 47 -9.76 -36.31 28.15
N ASP A 48 -10.63 -35.72 28.97
CA ASP A 48 -10.25 -35.19 30.27
C ASP A 48 -11.20 -35.84 31.26
N ARG A 49 -10.73 -36.94 31.90
CA ARG A 49 -11.48 -37.75 32.85
C ARG A 49 -11.99 -36.98 34.05
N ARG A 50 -11.29 -35.90 34.47
CA ARG A 50 -11.67 -35.03 35.58
C ARG A 50 -13.00 -34.31 35.31
N LEU A 51 -13.39 -34.22 34.02
CA LEU A 51 -14.62 -33.58 33.55
C LEU A 51 -15.80 -34.55 33.35
N ALA A 52 -15.54 -35.88 33.47
CA ALA A 52 -16.55 -36.91 33.30
C ALA A 52 -17.70 -36.76 34.31
N PHE A 53 -18.92 -37.17 33.91
CA PHE A 53 -20.14 -37.07 34.71
C PHE A 53 -21.14 -38.17 34.38
N ASP A 54 -22.12 -38.39 35.28
CA ASP A 54 -23.20 -39.37 35.08
C ASP A 54 -24.39 -38.62 34.49
N PRO A 55 -24.96 -39.06 33.34
CA PRO A 55 -26.08 -38.31 32.72
C PRO A 55 -27.36 -38.34 33.53
N VAL A 56 -27.63 -39.49 34.22
CA VAL A 56 -28.81 -39.73 35.05
C VAL A 56 -28.83 -38.76 36.25
N ARG A 57 -27.71 -38.71 37.01
CA ARG A 57 -27.54 -37.86 38.19
C ARG A 57 -27.59 -36.36 37.87
N SER A 58 -26.85 -35.93 36.84
CA SER A 58 -26.76 -34.54 36.43
C SER A 58 -28.01 -33.99 35.75
N GLY A 59 -28.73 -34.86 35.04
CA GLY A 59 -29.94 -34.49 34.30
C GLY A 59 -29.64 -33.80 32.99
N VAL A 60 -28.41 -33.97 32.48
CA VAL A 60 -27.92 -33.42 31.21
C VAL A 60 -27.08 -34.46 30.47
N ARG A 61 -27.07 -34.42 29.13
CA ARG A 61 -26.27 -35.36 28.34
C ARG A 61 -25.00 -34.68 27.84
N VAL A 62 -24.95 -33.34 27.94
CA VAL A 62 -23.81 -32.51 27.53
C VAL A 62 -23.59 -31.38 28.55
N LYS A 63 -22.32 -30.97 28.74
CA LYS A 63 -21.96 -29.87 29.63
C LYS A 63 -21.16 -28.80 28.88
N THR A 64 -21.65 -27.56 28.93
CA THR A 64 -21.05 -26.40 28.25
C THR A 64 -20.22 -25.58 29.23
N TYR A 65 -18.93 -25.41 28.92
CA TYR A 65 -18.00 -24.62 29.72
C TYR A 65 -17.51 -23.38 28.95
N GLU A 66 -16.89 -22.46 29.71
CA GLU A 66 -16.21 -21.27 29.20
C GLU A 66 -14.73 -21.65 29.08
N PRO A 67 -13.97 -21.14 28.08
CA PRO A 67 -12.56 -21.57 27.91
C PRO A 67 -11.68 -21.52 29.17
N GLU A 68 -11.90 -20.51 30.03
CA GLU A 68 -11.15 -20.29 31.27
C GLU A 68 -11.47 -21.32 32.33
N ALA A 69 -12.70 -21.88 32.33
CA ALA A 69 -13.15 -22.86 33.31
C ALA A 69 -12.43 -24.20 33.24
N ILE A 70 -12.01 -24.61 32.03
CA ILE A 70 -11.34 -25.92 31.83
C ILE A 70 -9.97 -25.81 31.16
N TRP A 71 -9.22 -26.92 31.19
CA TRP A 71 -7.92 -27.00 30.54
C TRP A 71 -8.13 -27.20 29.03
N ILE A 72 -7.47 -26.36 28.22
CA ILE A 72 -7.52 -26.41 26.75
C ILE A 72 -6.09 -26.43 26.21
N PRO A 73 -5.77 -27.36 25.27
CA PRO A 73 -4.40 -27.43 24.74
C PRO A 73 -4.01 -26.19 23.96
N GLU A 74 -2.76 -25.72 24.17
CA GLU A 74 -2.22 -24.56 23.45
C GLU A 74 -1.82 -24.99 22.04
N ILE A 75 -2.78 -24.88 21.11
CA ILE A 75 -2.61 -25.24 19.70
C ILE A 75 -2.20 -23.99 18.92
N ARG A 76 -1.11 -24.11 18.17
CA ARG A 76 -0.60 -22.99 17.39
C ARG A 76 -0.39 -23.39 15.91
N PHE A 77 -0.27 -22.39 15.03
CA PHE A 77 0.03 -22.62 13.63
C PHE A 77 1.49 -22.30 13.45
N VAL A 78 2.22 -23.13 12.70
CA VAL A 78 3.65 -22.90 12.52
C VAL A 78 3.89 -21.75 11.55
N ASN A 79 3.31 -21.84 10.34
CA ASN A 79 3.54 -20.92 9.23
C ASN A 79 2.57 -19.74 9.14
N VAL A 80 2.40 -19.00 10.24
CA VAL A 80 1.54 -17.82 10.27
C VAL A 80 2.37 -16.60 10.52
N GLU A 81 1.96 -15.46 9.90
CA GLU A 81 2.63 -14.16 10.05
C GLU A 81 2.53 -13.74 11.51
N ASN A 82 1.30 -13.57 11.98
CA ASN A 82 1.00 -13.24 13.37
C ASN A 82 0.09 -14.34 13.95
N ALA A 83 -0.07 -14.38 15.28
CA ALA A 83 -0.96 -15.32 15.92
C ALA A 83 -2.40 -15.12 15.36
N ARG A 84 -3.10 -16.25 15.06
CA ARG A 84 -4.46 -16.28 14.51
C ARG A 84 -5.46 -15.43 15.31
N ASP A 85 -6.42 -14.83 14.60
CA ASP A 85 -7.49 -14.05 15.21
C ASP A 85 -8.56 -15.10 15.44
N ALA A 86 -8.71 -15.56 16.70
CA ALA A 86 -9.67 -16.62 17.02
C ALA A 86 -10.76 -16.22 17.96
N ASP A 87 -11.96 -16.79 17.73
CA ASP A 87 -13.17 -16.60 18.52
C ASP A 87 -13.74 -17.98 18.82
N VAL A 88 -13.84 -18.33 20.14
CA VAL A 88 -14.37 -19.65 20.54
C VAL A 88 -15.87 -19.63 20.26
N VAL A 89 -16.34 -20.65 19.53
CA VAL A 89 -17.74 -20.82 19.14
C VAL A 89 -18.45 -21.68 20.18
N ASP A 90 -17.87 -22.84 20.52
CA ASP A 90 -18.45 -23.76 21.50
C ASP A 90 -17.47 -24.76 22.11
N ILE A 91 -17.72 -25.10 23.41
CA ILE A 91 -16.99 -26.10 24.20
C ILE A 91 -18.05 -26.99 24.84
N SER A 92 -18.05 -28.28 24.48
CA SER A 92 -19.03 -29.26 24.95
C SER A 92 -18.35 -30.49 25.51
N VAL A 93 -18.79 -30.95 26.68
CA VAL A 93 -18.24 -32.13 27.36
C VAL A 93 -19.28 -33.24 27.41
N SER A 94 -18.92 -34.42 26.90
CA SER A 94 -19.77 -35.61 26.88
C SER A 94 -19.63 -36.31 28.25
N PRO A 95 -20.55 -37.24 28.64
CA PRO A 95 -20.44 -37.87 29.97
C PRO A 95 -19.10 -38.52 30.31
N ASP A 96 -18.40 -39.07 29.32
CA ASP A 96 -17.10 -39.75 29.54
C ASP A 96 -15.88 -38.79 29.59
N GLY A 97 -16.14 -37.47 29.58
CA GLY A 97 -15.12 -36.45 29.63
C GLY A 97 -14.49 -36.12 28.29
N THR A 98 -15.19 -36.44 27.18
CA THR A 98 -14.71 -36.12 25.83
C THR A 98 -15.08 -34.66 25.49
N VAL A 99 -14.07 -33.79 25.46
CA VAL A 99 -14.23 -32.38 25.19
C VAL A 99 -14.28 -32.12 23.67
N GLN A 100 -15.25 -31.29 23.23
CA GLN A 100 -15.44 -30.90 21.85
C GLN A 100 -15.37 -29.39 21.77
N TYR A 101 -14.22 -28.91 21.30
CA TYR A 101 -13.86 -27.50 21.17
C TYR A 101 -14.01 -27.07 19.73
N LEU A 102 -14.57 -25.87 19.52
CA LEU A 102 -14.74 -25.29 18.21
C LEU A 102 -14.52 -23.81 18.24
N GLU A 103 -13.63 -23.33 17.38
CA GLU A 103 -13.31 -21.92 17.22
C GLU A 103 -13.32 -21.53 15.76
N ARG A 104 -13.65 -20.29 15.48
CA ARG A 104 -13.58 -19.76 14.13
C ARG A 104 -12.37 -18.81 14.13
N PHE A 105 -11.44 -19.01 13.19
CA PHE A 105 -10.25 -18.19 13.12
C PHE A 105 -10.02 -17.62 11.72
N SER A 106 -9.13 -16.65 11.65
CA SER A 106 -8.66 -16.00 10.44
C SER A 106 -7.15 -15.85 10.63
N ALA A 107 -6.37 -16.16 9.57
CA ALA A 107 -4.90 -16.08 9.63
C ALA A 107 -4.27 -15.88 8.29
N ARG A 108 -3.11 -15.19 8.27
CA ARG A 108 -2.29 -14.99 7.07
C ARG A 108 -1.18 -16.04 7.16
N VAL A 109 -1.20 -16.96 6.19
CA VAL A 109 -0.33 -18.13 6.15
C VAL A 109 0.84 -17.95 5.17
N LEU A 110 2.07 -18.25 5.60
CA LEU A 110 3.30 -18.24 4.80
C LEU A 110 3.41 -19.62 4.20
N SER A 111 3.32 -19.73 2.89
CA SER A 111 3.46 -21.04 2.25
C SER A 111 4.26 -20.85 0.96
N PRO A 112 5.51 -21.40 0.88
CA PRO A 112 6.33 -21.19 -0.33
C PRO A 112 5.67 -21.71 -1.61
N LEU A 113 5.89 -20.95 -2.72
CA LEU A 113 5.34 -21.26 -4.01
C LEU A 113 6.43 -21.57 -5.03
N ASP A 114 6.19 -22.58 -5.91
CA ASP A 114 7.13 -22.99 -6.96
C ASP A 114 6.65 -22.40 -8.26
N PHE A 115 7.37 -21.37 -8.74
CA PHE A 115 7.01 -20.63 -9.95
C PHE A 115 7.63 -21.17 -11.26
N ARG A 116 8.36 -22.30 -11.17
CA ARG A 116 9.03 -22.90 -12.33
C ARG A 116 8.12 -23.06 -13.56
N ARG A 117 6.84 -23.46 -13.37
CA ARG A 117 5.94 -23.65 -14.51
C ARG A 117 4.92 -22.51 -14.71
N TYR A 118 5.13 -21.34 -14.07
CA TYR A 118 4.27 -20.16 -14.18
C TYR A 118 4.05 -19.71 -15.64
N PRO A 119 2.81 -19.38 -16.06
CA PRO A 119 1.56 -19.36 -15.30
C PRO A 119 0.75 -20.64 -15.40
N PHE A 120 1.40 -21.78 -15.72
CA PHE A 120 0.76 -23.09 -15.81
C PHE A 120 1.15 -23.95 -14.58
N ASP A 121 1.30 -23.31 -13.43
CA ASP A 121 1.74 -23.92 -12.18
C ASP A 121 0.61 -24.32 -11.28
N SER A 122 0.90 -25.32 -10.42
CA SER A 122 0.02 -25.85 -9.39
C SER A 122 0.79 -25.74 -8.07
N GLN A 123 0.08 -25.52 -6.98
CA GLN A 123 0.71 -25.37 -5.67
C GLN A 123 0.03 -26.25 -4.63
N THR A 124 0.77 -26.58 -3.56
CA THR A 124 0.26 -27.29 -2.38
C THR A 124 0.48 -26.33 -1.21
N LEU A 125 -0.56 -25.59 -0.84
CA LEU A 125 -0.49 -24.67 0.29
C LEU A 125 -0.57 -25.50 1.58
N HIS A 126 0.21 -25.10 2.61
CA HIS A 126 0.26 -25.83 3.88
C HIS A 126 -0.22 -24.98 5.03
N ILE A 127 -0.91 -25.62 5.96
CA ILE A 127 -1.37 -25.03 7.21
C ILE A 127 -0.85 -26.02 8.25
N TYR A 128 0.23 -25.66 8.96
CA TYR A 128 0.84 -26.55 9.95
C TYR A 128 0.32 -26.30 11.32
N LEU A 129 -0.39 -27.29 11.89
CA LEU A 129 -0.92 -27.27 13.26
C LEU A 129 0.13 -27.84 14.19
N ILE A 130 0.35 -27.19 15.33
CA ILE A 130 1.38 -27.66 16.25
C ILE A 130 0.96 -27.54 17.73
N VAL A 131 1.46 -28.48 18.56
CA VAL A 131 1.25 -28.51 20.00
C VAL A 131 2.56 -28.88 20.71
N ARG A 132 2.91 -28.10 21.76
CA ARG A 132 4.12 -28.33 22.53
C ARG A 132 3.70 -29.02 23.78
N SER A 133 4.42 -30.11 24.13
CA SER A 133 4.17 -30.89 25.33
C SER A 133 4.52 -30.12 26.59
N VAL A 134 3.81 -30.42 27.68
CA VAL A 134 3.99 -29.83 29.00
C VAL A 134 4.79 -30.76 29.90
N ASP A 135 5.38 -30.21 31.00
CA ASP A 135 6.21 -31.00 31.90
C ASP A 135 5.45 -32.19 32.47
N THR A 136 4.15 -31.99 32.77
CA THR A 136 3.29 -33.03 33.33
C THR A 136 3.05 -34.13 32.28
N ARG A 137 2.74 -33.82 31.00
CA ARG A 137 2.62 -34.91 30.01
C ARG A 137 2.79 -34.48 28.51
N ASN A 138 3.10 -35.47 27.68
CA ASN A 138 3.33 -35.35 26.25
C ASN A 138 2.02 -35.28 25.49
N ILE A 139 1.93 -34.30 24.57
CA ILE A 139 0.73 -34.06 23.76
C ILE A 139 1.02 -34.37 22.29
N VAL A 140 0.13 -35.22 21.72
CA VAL A 140 0.20 -35.68 20.32
C VAL A 140 -1.08 -35.28 19.59
N LEU A 141 -0.94 -34.86 18.31
CA LEU A 141 -2.07 -34.44 17.47
C LEU A 141 -2.54 -35.56 16.55
N ALA A 142 -3.85 -35.56 16.26
CA ALA A 142 -4.50 -36.53 15.38
C ALA A 142 -5.49 -35.82 14.48
N VAL A 143 -5.88 -36.47 13.38
CA VAL A 143 -6.84 -35.88 12.43
C VAL A 143 -8.17 -36.61 12.52
N ASP A 144 -9.26 -35.85 12.74
CA ASP A 144 -10.63 -36.36 12.70
C ASP A 144 -11.09 -35.97 11.31
N LEU A 145 -11.02 -36.92 10.37
CA LEU A 145 -11.34 -36.69 8.96
C LEU A 145 -12.77 -36.19 8.74
N GLU A 146 -13.69 -36.52 9.67
CA GLU A 146 -15.09 -36.09 9.63
C GLU A 146 -15.22 -34.58 9.86
N LYS A 147 -14.19 -33.95 10.44
CA LYS A 147 -14.16 -32.51 10.73
C LYS A 147 -13.13 -31.73 9.91
N VAL A 148 -12.70 -32.30 8.77
CA VAL A 148 -11.78 -31.68 7.79
C VAL A 148 -12.56 -31.49 6.49
N GLY A 149 -12.61 -30.26 6.01
CA GLY A 149 -13.33 -29.94 4.79
C GLY A 149 -13.28 -28.48 4.40
N LYS A 150 -14.20 -28.09 3.49
CA LYS A 150 -14.31 -26.73 2.99
C LYS A 150 -15.71 -26.47 2.47
N ASN A 151 -16.14 -25.21 2.57
CA ASN A 151 -17.43 -24.74 2.08
C ASN A 151 -17.38 -24.82 0.53
N ASP A 152 -18.53 -25.15 -0.09
CA ASP A 152 -18.67 -25.28 -1.54
C ASP A 152 -18.37 -23.97 -2.28
N ASP A 153 -18.73 -22.83 -1.65
CA ASP A 153 -18.55 -21.47 -2.16
C ASP A 153 -17.11 -20.94 -2.04
N VAL A 154 -16.17 -21.70 -1.38
CA VAL A 154 -14.76 -21.28 -1.22
C VAL A 154 -14.13 -21.10 -2.61
N PHE A 155 -13.74 -19.85 -2.91
CA PHE A 155 -13.15 -19.48 -4.17
C PHE A 155 -11.85 -18.70 -3.92
N LEU A 156 -10.81 -19.00 -4.68
CA LEU A 156 -9.55 -18.27 -4.58
C LEU A 156 -9.35 -17.65 -5.96
N THR A 157 -9.56 -16.32 -6.05
CA THR A 157 -9.44 -15.52 -7.28
C THR A 157 -8.19 -15.88 -8.09
N GLY A 158 -8.43 -16.29 -9.34
CA GLY A 158 -7.37 -16.67 -10.27
C GLY A 158 -6.79 -18.07 -10.10
N TRP A 159 -7.43 -18.89 -9.23
CA TRP A 159 -7.00 -20.25 -8.97
C TRP A 159 -8.19 -21.19 -8.91
N ASP A 160 -7.91 -22.48 -9.16
CA ASP A 160 -8.88 -23.58 -9.05
C ASP A 160 -8.49 -24.35 -7.79
N ILE A 161 -9.45 -24.59 -6.88
CA ILE A 161 -9.15 -25.32 -5.67
C ILE A 161 -9.44 -26.80 -5.94
N GLU A 162 -8.40 -27.65 -5.83
CA GLU A 162 -8.52 -29.08 -6.09
C GLU A 162 -8.98 -29.85 -4.87
N SER A 163 -8.16 -29.85 -3.80
CA SER A 163 -8.47 -30.58 -2.57
C SER A 163 -7.94 -29.92 -1.32
N PHE A 164 -8.55 -30.27 -0.19
CA PHE A 164 -8.15 -29.86 1.15
C PHE A 164 -8.17 -31.11 2.00
N THR A 165 -6.98 -31.67 2.22
CA THR A 165 -6.75 -32.91 2.97
C THR A 165 -5.70 -32.67 4.05
N ALA A 166 -5.57 -33.62 4.98
CA ALA A 166 -4.61 -33.54 6.05
C ALA A 166 -3.80 -34.82 6.09
N VAL A 167 -2.48 -34.67 6.34
CA VAL A 167 -1.55 -35.79 6.50
C VAL A 167 -1.85 -36.30 7.90
N VAL A 168 -2.57 -37.46 7.98
CA VAL A 168 -3.10 -38.08 9.21
C VAL A 168 -2.03 -38.40 10.27
N LYS A 169 -0.81 -38.78 9.85
CA LYS A 169 0.30 -39.07 10.77
C LYS A 169 1.08 -37.77 11.11
N PRO A 170 1.09 -37.33 12.39
CA PRO A 170 1.81 -36.10 12.73
C PRO A 170 3.31 -36.29 12.73
N ALA A 171 4.05 -35.18 12.61
CA ALA A 171 5.49 -35.16 12.65
C ALA A 171 5.89 -34.83 14.07
N ASN A 172 6.26 -35.87 14.84
CA ASN A 172 6.65 -35.71 16.25
C ASN A 172 8.15 -35.52 16.34
N PHE A 173 8.60 -34.44 17.02
CA PHE A 173 10.01 -34.09 17.14
C PHE A 173 10.32 -33.31 18.41
N ALA A 174 11.61 -33.24 18.77
CA ALA A 174 12.09 -32.53 19.95
C ALA A 174 12.53 -31.14 19.56
N LEU A 175 12.09 -30.14 20.34
CA LEU A 175 12.45 -28.73 20.17
C LEU A 175 12.60 -28.15 21.55
N GLU A 176 13.85 -27.82 21.95
CA GLU A 176 14.20 -27.27 23.27
C GLU A 176 13.78 -28.21 24.42
N ASP A 177 14.16 -29.48 24.28
CA ASP A 177 13.92 -30.63 25.15
C ASP A 177 12.44 -30.96 25.42
N ARG A 178 11.52 -30.50 24.54
CA ARG A 178 10.11 -30.84 24.70
C ARG A 178 9.57 -31.39 23.42
N LEU A 179 8.67 -32.37 23.55
CA LEU A 179 8.04 -33.01 22.40
C LEU A 179 7.09 -32.03 21.72
N GLU A 180 7.18 -31.98 20.39
CA GLU A 180 6.29 -31.18 19.58
C GLU A 180 5.62 -32.03 18.54
N SER A 181 4.28 -31.91 18.41
CA SER A 181 3.47 -32.71 17.49
C SER A 181 2.90 -31.79 16.42
N LYS A 182 3.33 -31.99 15.15
CA LYS A 182 2.97 -31.16 14.01
C LYS A 182 2.12 -31.87 12.95
N LEU A 183 0.97 -31.28 12.60
CA LEU A 183 0.10 -31.80 11.56
C LEU A 183 0.18 -30.94 10.31
N ASP A 184 0.10 -31.57 9.13
CA ASP A 184 0.16 -30.87 7.85
C ASP A 184 -1.19 -30.89 7.10
N TYR A 185 -1.88 -29.75 7.10
CA TYR A 185 -3.12 -29.54 6.35
C TYR A 185 -2.74 -28.99 4.96
N GLN A 186 -3.10 -29.72 3.89
CA GLN A 186 -2.72 -29.36 2.51
C GLN A 186 -3.88 -28.92 1.63
N LEU A 187 -3.76 -27.69 1.08
CA LEU A 187 -4.72 -27.12 0.16
C LEU A 187 -4.09 -27.09 -1.25
N ARG A 188 -4.52 -28.02 -2.12
CA ARG A 188 -3.99 -28.14 -3.47
C ARG A 188 -4.76 -27.25 -4.43
N ILE A 189 -4.02 -26.38 -5.13
CA ILE A 189 -4.57 -25.39 -6.04
C ILE A 189 -3.82 -25.42 -7.37
N SER A 190 -4.51 -25.05 -8.46
CA SER A 190 -3.92 -24.96 -9.79
C SER A 190 -4.29 -23.61 -10.39
N ARG A 191 -3.31 -22.93 -10.98
CA ARG A 191 -3.49 -21.61 -11.53
C ARG A 191 -4.38 -21.61 -12.77
N GLN A 192 -5.26 -20.58 -12.85
CA GLN A 192 -6.12 -20.31 -13.99
C GLN A 192 -5.26 -19.44 -14.94
N TYR A 193 -4.59 -20.12 -15.90
CA TYR A 193 -3.66 -19.51 -16.88
C TYR A 193 -4.33 -18.74 -18.02
N PHE A 194 -5.67 -18.92 -18.23
CA PHE A 194 -6.45 -18.34 -19.32
C PHE A 194 -6.04 -16.91 -19.71
N SER A 195 -6.20 -15.94 -18.78
CA SER A 195 -5.95 -14.51 -19.02
C SER A 195 -4.55 -14.17 -19.51
N TYR A 196 -3.53 -15.04 -19.21
CA TYR A 196 -2.15 -14.85 -19.63
C TYR A 196 -1.97 -14.95 -21.14
N ILE A 197 -2.83 -15.73 -21.79
CA ILE A 197 -2.82 -15.91 -23.25
C ILE A 197 -3.20 -14.58 -23.99
N PRO A 198 -4.39 -13.95 -23.82
CA PRO A 198 -4.67 -12.72 -24.57
C PRO A 198 -3.99 -11.47 -24.02
N ASN A 199 -3.54 -11.52 -22.75
CA ASN A 199 -2.94 -10.34 -22.15
C ASN A 199 -1.44 -10.26 -22.27
N ILE A 200 -0.72 -11.40 -22.15
CA ILE A 200 0.73 -11.36 -22.20
C ILE A 200 1.35 -12.19 -23.35
N ILE A 201 1.03 -13.51 -23.44
CA ILE A 201 1.61 -14.42 -24.44
C ILE A 201 1.34 -13.95 -25.90
N LEU A 202 0.07 -13.81 -26.34
CA LEU A 202 -0.23 -13.41 -27.73
C LEU A 202 0.24 -11.99 -28.08
N PRO A 203 0.04 -10.93 -27.26
CA PRO A 203 0.59 -9.61 -27.62
C PRO A 203 2.12 -9.64 -27.79
N MET A 204 2.80 -10.42 -26.93
CA MET A 204 4.24 -10.58 -26.96
C MET A 204 4.69 -11.26 -28.28
N LEU A 205 3.88 -12.24 -28.78
CA LEU A 205 4.15 -12.96 -30.03
C LEU A 205 3.90 -12.05 -31.22
N PHE A 206 2.83 -11.23 -31.18
CA PHE A 206 2.50 -10.30 -32.26
C PHE A 206 3.61 -9.31 -32.54
N ILE A 207 4.17 -8.67 -31.47
CA ILE A 207 5.25 -7.69 -31.62
C ILE A 207 6.52 -8.34 -32.17
N LEU A 208 6.80 -9.59 -31.75
CA LEU A 208 7.94 -10.36 -32.25
C LEU A 208 7.79 -10.66 -33.76
N PHE A 209 6.57 -11.09 -34.18
CA PHE A 209 6.28 -11.38 -35.57
C PHE A 209 6.34 -10.14 -36.42
N ILE A 210 5.97 -8.98 -35.85
CA ILE A 210 6.04 -7.69 -36.51
C ILE A 210 7.49 -7.32 -36.78
N SER A 211 8.41 -7.65 -35.83
CA SER A 211 9.84 -7.41 -36.04
C SER A 211 10.40 -8.21 -37.23
N TRP A 212 9.81 -9.39 -37.51
CA TRP A 212 10.22 -10.28 -38.60
C TRP A 212 9.79 -9.82 -39.99
N THR A 213 8.96 -8.75 -40.06
CA THR A 213 8.57 -8.19 -41.36
C THR A 213 9.77 -7.50 -42.01
N ALA A 214 10.83 -7.21 -41.20
CA ALA A 214 12.09 -6.61 -41.63
C ALA A 214 12.85 -7.54 -42.60
N PHE A 215 12.47 -8.83 -42.64
CA PHE A 215 13.06 -9.83 -43.54
C PHE A 215 12.45 -9.76 -44.94
N TRP A 216 11.45 -8.90 -45.15
CA TRP A 216 10.79 -8.64 -46.43
C TRP A 216 10.94 -7.16 -46.77
N SER A 217 11.97 -6.52 -46.19
CA SER A 217 12.28 -5.11 -46.41
C SER A 217 13.77 -4.89 -46.58
N THR A 218 14.12 -4.04 -47.58
CA THR A 218 15.47 -3.63 -47.93
C THR A 218 15.80 -2.25 -47.32
N SER A 219 14.77 -1.57 -46.80
CA SER A 219 14.90 -0.25 -46.18
C SER A 219 15.49 -0.41 -44.78
N TYR A 220 16.80 -0.10 -44.62
CA TYR A 220 17.52 -0.20 -43.35
C TYR A 220 16.90 0.68 -42.27
N GLU A 221 16.54 1.91 -42.64
CA GLU A 221 15.95 2.90 -41.73
C GLU A 221 14.60 2.40 -41.15
N ALA A 222 13.78 1.75 -42.01
CA ALA A 222 12.48 1.19 -41.63
C ALA A 222 12.68 -0.07 -40.78
N ASN A 223 13.70 -0.89 -41.13
CA ASN A 223 14.06 -2.12 -40.43
C ASN A 223 14.52 -1.82 -39.01
N VAL A 224 15.36 -0.79 -38.84
CA VAL A 224 15.86 -0.34 -37.54
C VAL A 224 14.65 0.05 -36.70
N THR A 225 13.71 0.82 -37.29
CA THR A 225 12.47 1.26 -36.64
C THR A 225 11.62 0.04 -36.24
N LEU A 226 11.48 -0.96 -37.13
CA LEU A 226 10.72 -2.18 -36.85
C LEU A 226 11.27 -3.02 -35.68
N VAL A 227 12.58 -3.34 -35.72
CA VAL A 227 13.18 -4.20 -34.71
C VAL A 227 13.39 -3.47 -33.36
N VAL A 228 13.83 -2.22 -33.39
CA VAL A 228 14.07 -1.48 -32.15
C VAL A 228 12.76 -1.13 -31.42
N SER A 229 11.73 -0.64 -32.15
CA SER A 229 10.43 -0.30 -31.56
C SER A 229 9.73 -1.47 -30.89
N THR A 230 9.70 -2.64 -31.59
CA THR A 230 9.11 -3.87 -31.05
C THR A 230 9.89 -4.40 -29.86
N LEU A 231 11.25 -4.18 -29.83
CA LEU A 231 12.11 -4.59 -28.71
C LEU A 231 11.71 -3.80 -27.46
N ILE A 232 11.43 -2.49 -27.65
CA ILE A 232 11.00 -1.58 -26.58
C ILE A 232 9.66 -2.08 -25.96
N ALA A 233 8.71 -2.49 -26.86
CA ALA A 233 7.42 -3.08 -26.48
C ALA A 233 7.62 -4.39 -25.69
N HIS A 234 8.63 -5.20 -26.07
CA HIS A 234 8.98 -6.44 -25.39
C HIS A 234 9.57 -6.18 -24.00
N ILE A 235 10.35 -5.06 -23.85
CA ILE A 235 10.93 -4.66 -22.57
C ILE A 235 9.77 -4.35 -21.60
N ALA A 236 8.75 -3.61 -22.12
CA ALA A 236 7.52 -3.24 -21.41
C ALA A 236 6.78 -4.50 -20.81
N PHE A 237 6.68 -5.56 -21.64
CA PHE A 237 6.08 -6.81 -21.23
C PHE A 237 6.94 -7.56 -20.23
N ASN A 238 8.29 -7.55 -20.41
CA ASN A 238 9.21 -8.21 -19.46
C ASN A 238 9.06 -7.57 -18.09
N ILE A 239 9.04 -6.19 -18.04
CA ILE A 239 8.90 -5.43 -16.80
C ILE A 239 7.53 -5.73 -16.13
N LEU A 240 6.43 -5.74 -16.93
CA LEU A 240 5.06 -6.04 -16.46
C LEU A 240 5.00 -7.40 -15.80
N VAL A 241 5.64 -8.43 -16.42
CA VAL A 241 5.66 -9.82 -15.94
C VAL A 241 6.41 -9.94 -14.60
N GLU A 242 7.61 -9.31 -14.50
CA GLU A 242 8.42 -9.40 -13.29
C GLU A 242 7.84 -8.63 -12.10
N THR A 243 6.86 -7.72 -12.34
CA THR A 243 6.18 -7.01 -11.23
C THR A 243 5.14 -7.92 -10.55
N ASN A 244 4.60 -8.92 -11.28
CA ASN A 244 3.61 -9.91 -10.77
C ASN A 244 4.27 -11.11 -10.06
N LEU A 245 5.61 -11.20 -10.16
CA LEU A 245 6.37 -12.32 -9.62
C LEU A 245 7.49 -11.97 -8.66
N PRO A 246 7.78 -12.85 -7.65
CA PRO A 246 8.95 -12.58 -6.79
C PRO A 246 10.22 -13.02 -7.52
N LYS A 247 11.37 -12.56 -6.97
CA LYS A 247 12.67 -12.89 -7.51
C LYS A 247 13.00 -14.33 -7.13
N THR A 248 13.18 -15.17 -8.14
CA THR A 248 13.47 -16.59 -7.97
C THR A 248 14.92 -16.95 -8.31
N PRO A 249 15.54 -17.88 -7.53
CA PRO A 249 16.92 -18.32 -7.86
C PRO A 249 16.95 -19.35 -9.01
N TYR A 250 15.87 -19.41 -9.81
CA TYR A 250 15.67 -20.32 -10.93
C TYR A 250 14.89 -19.61 -12.02
N MET A 251 14.88 -20.20 -13.22
CA MET A 251 14.15 -19.62 -14.32
C MET A 251 12.72 -20.13 -14.29
N THR A 252 11.75 -19.23 -14.52
CA THR A 252 10.35 -19.63 -14.64
C THR A 252 10.11 -19.90 -16.13
N TYR A 253 9.04 -20.64 -16.48
CA TYR A 253 8.71 -20.95 -17.87
C TYR A 253 8.50 -19.67 -18.70
N THR A 254 7.75 -18.70 -18.17
CA THR A 254 7.48 -17.40 -18.81
C THR A 254 8.75 -16.56 -18.89
N GLY A 255 9.54 -16.59 -17.83
CA GLY A 255 10.81 -15.87 -17.74
C GLY A 255 11.81 -16.36 -18.77
N ALA A 256 11.82 -17.68 -19.02
CA ALA A 256 12.65 -18.34 -20.03
C ALA A 256 12.27 -17.88 -21.46
N ILE A 257 10.96 -17.86 -21.78
CA ILE A 257 10.44 -17.42 -23.07
C ILE A 257 10.79 -15.96 -23.28
N ILE A 258 10.49 -15.11 -22.31
CA ILE A 258 10.78 -13.67 -22.34
C ILE A 258 12.28 -13.43 -22.56
N PHE A 259 13.16 -14.16 -21.84
CA PHE A 259 14.61 -14.00 -22.00
C PHE A 259 15.08 -14.43 -23.38
N MET A 260 14.57 -15.59 -23.87
CA MET A 260 14.89 -16.13 -25.19
C MET A 260 14.51 -15.14 -26.33
N ILE A 261 13.35 -14.44 -26.20
CA ILE A 261 12.86 -13.48 -27.18
C ILE A 261 13.87 -12.30 -27.35
N TYR A 262 14.63 -11.94 -26.28
CA TYR A 262 15.68 -10.91 -26.36
C TYR A 262 16.75 -11.31 -27.34
N LEU A 263 17.15 -12.61 -27.33
CA LEU A 263 18.15 -13.16 -28.26
C LEU A 263 17.66 -13.04 -29.72
N PHE A 264 16.35 -13.29 -29.94
CA PHE A 264 15.72 -13.18 -31.25
C PHE A 264 15.74 -11.76 -31.78
N TYR A 265 15.56 -10.77 -30.87
CA TYR A 265 15.63 -9.36 -31.22
C TYR A 265 17.07 -8.98 -31.53
N PHE A 266 18.01 -9.51 -30.74
CA PHE A 266 19.42 -9.25 -30.93
C PHE A 266 19.94 -9.79 -32.27
N VAL A 267 19.61 -11.05 -32.62
CA VAL A 267 20.03 -11.66 -33.88
C VAL A 267 19.36 -10.96 -35.07
N ALA A 268 18.07 -10.50 -34.91
CA ALA A 268 17.35 -9.74 -35.93
C ALA A 268 18.06 -8.44 -36.23
N VAL A 269 18.58 -7.74 -35.17
CA VAL A 269 19.38 -6.51 -35.36
C VAL A 269 20.67 -6.83 -36.15
N ILE A 270 21.37 -7.94 -35.80
CA ILE A 270 22.58 -8.34 -36.50
C ILE A 270 22.26 -8.55 -37.99
N GLU A 271 21.18 -9.31 -38.31
CA GLU A 271 20.75 -9.57 -39.69
C GLU A 271 20.50 -8.25 -40.44
N VAL A 272 19.73 -7.34 -39.82
CA VAL A 272 19.37 -6.04 -40.37
C VAL A 272 20.64 -5.20 -40.66
N THR A 273 21.65 -5.30 -39.75
CA THR A 273 22.94 -4.62 -39.86
C THR A 273 23.76 -5.21 -41.02
N VAL A 274 23.87 -6.57 -41.05
CA VAL A 274 24.60 -7.33 -42.06
C VAL A 274 24.05 -7.04 -43.47
N GLN A 275 22.71 -7.09 -43.61
CA GLN A 275 22.00 -6.79 -44.84
C GLN A 275 22.39 -5.39 -45.36
N HIS A 276 22.27 -4.35 -44.54
CA HIS A 276 22.64 -2.99 -44.91
C HIS A 276 24.11 -2.85 -45.23
N TYR A 277 25.00 -3.44 -44.41
CA TYR A 277 26.46 -3.37 -44.63
C TYR A 277 26.86 -3.88 -46.05
N LEU A 278 26.29 -5.05 -46.47
CA LEU A 278 26.54 -5.68 -47.77
C LEU A 278 26.01 -4.84 -48.92
N LYS A 279 24.80 -4.24 -48.73
CA LYS A 279 24.12 -3.35 -49.67
C LYS A 279 25.01 -2.13 -49.97
N VAL A 280 25.56 -1.50 -48.90
CA VAL A 280 26.47 -0.34 -48.99
C VAL A 280 27.78 -0.73 -49.72
N GLU A 281 28.27 -1.97 -49.44
CA GLU A 281 29.48 -2.60 -49.98
C GLU A 281 29.28 -3.12 -51.42
N SER A 282 28.09 -2.85 -52.02
CA SER A 282 27.68 -3.27 -53.36
C SER A 282 27.72 -4.79 -53.54
N GLN A 283 27.19 -5.53 -52.55
CA GLN A 283 27.06 -7.00 -52.57
C GLN A 283 25.59 -7.36 -52.19
N PRO A 284 24.57 -6.85 -52.92
CA PRO A 284 23.18 -7.14 -52.56
C PRO A 284 22.70 -8.57 -52.83
N ALA A 285 23.33 -9.28 -53.77
CA ALA A 285 22.96 -10.65 -54.07
C ALA A 285 23.21 -11.55 -52.86
N ARG A 286 24.27 -11.24 -52.11
CA ARG A 286 24.68 -11.93 -50.89
C ARG A 286 23.72 -11.57 -49.71
N ALA A 287 23.40 -10.27 -49.58
CA ALA A 287 22.48 -9.74 -48.60
C ALA A 287 21.11 -10.38 -48.79
N ALA A 288 20.69 -10.57 -50.04
CA ALA A 288 19.44 -11.22 -50.41
C ALA A 288 19.39 -12.67 -49.94
N SER A 289 20.55 -13.39 -50.00
CA SER A 289 20.67 -14.80 -49.56
C SER A 289 20.44 -14.90 -48.05
N ILE A 290 21.07 -13.98 -47.28
CA ILE A 290 20.96 -13.94 -45.82
C ILE A 290 19.53 -13.60 -45.40
N THR A 291 18.90 -12.61 -46.05
CA THR A 291 17.54 -12.16 -45.76
C THR A 291 16.52 -13.26 -46.06
N ARG A 292 16.67 -13.95 -47.20
CA ARG A 292 15.78 -15.05 -47.61
C ARG A 292 15.88 -16.23 -46.65
N ALA A 293 17.11 -16.53 -46.16
CA ALA A 293 17.38 -17.60 -45.19
C ALA A 293 16.73 -17.27 -43.84
N SER A 294 16.82 -15.99 -43.43
CA SER A 294 16.28 -15.47 -42.19
C SER A 294 14.77 -15.61 -42.10
N ARG A 295 14.08 -15.50 -43.27
CA ARG A 295 12.62 -15.64 -43.39
C ARG A 295 12.15 -17.02 -42.93
N ILE A 296 12.98 -18.07 -43.15
CA ILE A 296 12.70 -19.44 -42.74
C ILE A 296 13.35 -19.72 -41.36
N ALA A 297 14.66 -19.40 -41.21
CA ALA A 297 15.42 -19.61 -39.97
C ALA A 297 14.76 -19.05 -38.68
N PHE A 298 14.40 -17.75 -38.66
CA PHE A 298 13.79 -17.12 -37.49
C PHE A 298 12.51 -17.83 -36.99
N PRO A 299 11.44 -18.06 -37.83
CA PRO A 299 10.26 -18.79 -37.29
C PRO A 299 10.55 -20.25 -36.91
N VAL A 300 11.43 -20.94 -37.69
CA VAL A 300 11.78 -22.34 -37.42
C VAL A 300 12.54 -22.51 -36.09
N VAL A 301 13.64 -21.72 -35.91
CA VAL A 301 14.44 -21.73 -34.68
C VAL A 301 13.57 -21.33 -33.49
N PHE A 302 12.64 -20.34 -33.68
CA PHE A 302 11.71 -19.92 -32.62
C PHE A 302 10.76 -21.05 -32.17
N LEU A 303 10.18 -21.78 -33.15
CA LEU A 303 9.30 -22.90 -32.90
C LEU A 303 10.04 -24.06 -32.21
N LEU A 304 11.22 -24.45 -32.73
CA LEU A 304 12.02 -25.53 -32.14
C LEU A 304 12.52 -25.21 -30.73
N ALA A 305 12.98 -23.95 -30.51
CA ALA A 305 13.47 -23.51 -29.21
C ALA A 305 12.35 -23.53 -28.16
N ASN A 306 11.11 -23.21 -28.59
CA ASN A 306 9.91 -23.24 -27.73
C ASN A 306 9.49 -24.68 -27.40
N ILE A 307 9.66 -25.62 -28.37
CA ILE A 307 9.38 -27.05 -28.15
C ILE A 307 10.39 -27.55 -27.11
N ILE A 308 11.70 -27.21 -27.28
CA ILE A 308 12.77 -27.56 -26.33
C ILE A 308 12.45 -27.02 -24.92
N LEU A 309 12.09 -25.72 -24.79
CA LEU A 309 11.74 -25.11 -23.51
C LEU A 309 10.53 -25.78 -22.84
N ALA A 310 9.42 -26.01 -23.61
CA ALA A 310 8.19 -26.66 -23.09
C ALA A 310 8.51 -28.07 -22.62
N PHE A 311 9.43 -28.75 -23.31
CA PHE A 311 9.89 -30.08 -22.93
C PHE A 311 10.63 -30.05 -21.61
N LEU A 312 11.59 -29.10 -21.46
CA LEU A 312 12.41 -28.95 -20.26
C LEU A 312 11.60 -28.58 -19.03
N PHE A 313 10.52 -27.79 -19.23
CA PHE A 313 9.67 -27.34 -18.13
C PHE A 313 8.48 -28.24 -17.83
N PHE A 314 7.97 -29.04 -18.79
CA PHE A 314 6.79 -29.89 -18.56
C PHE A 314 7.00 -31.34 -18.99
N VAL B 4 -23.69 -17.58 31.21
CA VAL B 4 -24.98 -17.42 30.55
C VAL B 4 -25.26 -18.59 29.58
N SER B 5 -26.54 -19.00 29.51
CA SER B 5 -27.03 -20.09 28.66
C SER B 5 -28.24 -19.63 27.82
N PRO B 6 -28.65 -20.33 26.75
CA PRO B 6 -29.77 -19.84 25.92
C PRO B 6 -31.15 -19.90 26.57
N PRO B 7 -32.15 -19.12 26.06
CA PRO B 7 -33.49 -19.16 26.66
C PRO B 7 -34.14 -20.53 26.50
N PRO B 8 -34.87 -21.03 27.51
CA PRO B 8 -35.46 -22.37 27.38
C PRO B 8 -36.72 -22.40 26.52
N PRO B 9 -36.95 -23.50 25.76
CA PRO B 9 -38.14 -23.54 24.90
C PRO B 9 -39.39 -23.88 25.67
N ILE B 10 -40.51 -23.21 25.34
CA ILE B 10 -41.81 -23.48 26.01
C ILE B 10 -42.32 -24.86 25.63
N ALA B 11 -42.10 -25.20 24.35
CA ALA B 11 -42.28 -26.47 23.66
C ALA B 11 -40.92 -26.85 23.09
N ASP B 12 -40.89 -27.57 21.97
CA ASP B 12 -39.65 -28.02 21.34
C ASP B 12 -39.14 -27.12 20.18
N GLU B 13 -39.80 -26.00 19.97
CA GLU B 13 -39.53 -24.99 18.94
C GLU B 13 -38.11 -24.43 18.97
N PRO B 14 -37.53 -24.11 17.79
CA PRO B 14 -36.22 -23.46 17.81
C PRO B 14 -36.36 -21.97 18.15
N LEU B 15 -35.28 -21.36 18.68
CA LEU B 15 -35.31 -19.94 19.01
C LEU B 15 -35.14 -19.10 17.73
N THR B 16 -36.13 -18.21 17.46
CA THR B 16 -36.09 -17.33 16.28
C THR B 16 -35.43 -15.99 16.64
N VAL B 17 -34.32 -15.69 15.96
CA VAL B 17 -33.62 -14.43 16.14
C VAL B 17 -33.93 -13.58 14.89
N ASN B 18 -34.74 -12.53 15.10
CA ASN B 18 -35.13 -11.61 14.04
C ASN B 18 -33.96 -10.68 13.78
N THR B 19 -33.60 -10.52 12.50
CA THR B 19 -32.46 -9.71 12.10
C THR B 19 -32.84 -8.59 11.18
N GLY B 20 -31.92 -7.63 11.08
CA GLY B 20 -32.01 -6.47 10.22
C GLY B 20 -30.67 -5.79 10.06
N ILE B 21 -30.37 -5.34 8.82
CA ILE B 21 -29.14 -4.61 8.48
C ILE B 21 -29.55 -3.29 7.84
N TYR B 22 -29.08 -2.18 8.41
CA TYR B 22 -29.34 -0.86 7.86
C TYR B 22 -28.01 -0.22 7.49
N LEU B 23 -27.71 -0.12 6.16
CA LEU B 23 -26.47 0.45 5.63
C LEU B 23 -26.36 1.95 5.89
N ILE B 24 -25.25 2.34 6.55
CA ILE B 24 -24.95 3.74 6.86
C ILE B 24 -23.95 4.25 5.83
N GLU B 25 -22.91 3.44 5.54
N GLU B 25 -22.97 3.39 5.50
CA GLU B 25 -21.85 3.78 4.58
CA GLU B 25 -21.92 3.66 4.54
C GLU B 25 -21.38 2.54 3.77
C GLU B 25 -21.62 2.47 3.67
N CYS B 26 -21.10 2.76 2.48
CA CYS B 26 -20.62 1.77 1.52
C CYS B 26 -19.48 2.43 0.90
N TYR B 27 -18.33 1.77 0.94
CA TYR B 27 -17.09 2.32 0.38
C TYR B 27 -16.11 1.21 0.02
N SER B 28 -15.04 1.60 -0.68
CA SER B 28 -13.93 0.75 -1.07
C SER B 28 -14.33 -0.58 -1.76
N LEU B 29 -15.11 -0.49 -2.87
CA LEU B 29 -15.35 -1.69 -3.66
C LEU B 29 -14.06 -1.87 -4.48
N ASP B 30 -13.29 -2.89 -4.10
CA ASP B 30 -12.02 -3.27 -4.71
C ASP B 30 -12.33 -4.36 -5.74
N ASP B 31 -12.20 -4.04 -7.03
CA ASP B 31 -12.45 -4.96 -8.14
C ASP B 31 -11.46 -6.13 -8.17
N LYS B 32 -10.16 -5.81 -8.05
CA LYS B 32 -9.09 -6.79 -8.03
C LYS B 32 -9.26 -7.78 -6.87
N ALA B 33 -9.51 -7.27 -5.64
CA ALA B 33 -9.69 -8.08 -4.41
C ALA B 33 -11.07 -8.72 -4.24
N GLU B 34 -12.08 -8.21 -5.01
CA GLU B 34 -13.49 -8.63 -4.99
C GLU B 34 -14.11 -8.46 -3.58
N THR B 35 -13.77 -7.32 -2.95
CA THR B 35 -14.21 -6.93 -1.61
C THR B 35 -14.83 -5.56 -1.62
N PHE B 36 -15.56 -5.24 -0.55
CA PHE B 36 -16.20 -3.94 -0.31
C PHE B 36 -16.31 -3.74 1.18
N LYS B 37 -16.16 -2.49 1.62
CA LYS B 37 -16.28 -2.17 3.04
C LYS B 37 -17.67 -1.64 3.32
N VAL B 38 -18.20 -2.01 4.48
CA VAL B 38 -19.54 -1.62 4.89
C VAL B 38 -19.54 -1.12 6.32
N ASN B 39 -20.34 -0.08 6.58
CA ASN B 39 -20.58 0.48 7.90
C ASN B 39 -22.12 0.46 8.05
N ALA B 40 -22.63 -0.38 8.97
CA ALA B 40 -24.08 -0.55 9.10
C ALA B 40 -24.55 -0.85 10.50
N PHE B 41 -25.88 -0.79 10.68
CA PHE B 41 -26.54 -1.14 11.92
C PHE B 41 -26.95 -2.59 11.78
N LEU B 42 -26.73 -3.40 12.82
CA LEU B 42 -27.20 -4.78 12.89
C LEU B 42 -28.18 -4.85 14.04
N SER B 43 -29.46 -5.13 13.72
CA SER B 43 -30.49 -5.25 14.74
C SER B 43 -30.86 -6.74 14.97
N LEU B 44 -31.01 -7.12 16.24
CA LEU B 44 -31.35 -8.48 16.63
C LEU B 44 -32.48 -8.45 17.64
N SER B 45 -33.41 -9.42 17.55
CA SER B 45 -34.56 -9.53 18.45
C SER B 45 -34.96 -10.98 18.71
N TRP B 46 -35.02 -11.34 19.99
CA TRP B 46 -35.38 -12.70 20.47
C TRP B 46 -36.08 -12.61 21.82
N LYS B 47 -36.89 -13.63 22.16
CA LYS B 47 -37.61 -13.70 23.44
C LYS B 47 -36.81 -14.51 24.46
N ASP B 48 -36.54 -13.91 25.61
CA ASP B 48 -35.86 -14.57 26.73
C ASP B 48 -36.70 -14.34 27.98
N ARG B 49 -37.65 -15.25 28.23
CA ARG B 49 -38.59 -15.13 29.35
C ARG B 49 -37.92 -15.08 30.72
N ARG B 50 -36.64 -15.50 30.84
CA ARG B 50 -35.85 -15.43 32.08
C ARG B 50 -35.58 -13.98 32.48
N LEU B 51 -35.78 -13.05 31.51
CA LEU B 51 -35.59 -11.61 31.67
C LEU B 51 -36.93 -10.85 31.91
N ALA B 52 -38.02 -11.61 32.10
CA ALA B 52 -39.33 -11.02 32.34
C ALA B 52 -39.31 -10.24 33.62
N PHE B 53 -40.06 -9.14 33.68
CA PHE B 53 -40.12 -8.28 34.85
C PHE B 53 -41.46 -7.56 34.97
N ASP B 54 -41.80 -7.11 36.20
CA ASP B 54 -43.01 -6.33 36.46
C ASP B 54 -42.61 -4.84 36.46
N PRO B 55 -43.21 -4.01 35.58
CA PRO B 55 -42.85 -2.57 35.56
C PRO B 55 -43.28 -1.84 36.82
N VAL B 56 -44.28 -2.38 37.52
CA VAL B 56 -44.79 -1.84 38.78
C VAL B 56 -43.68 -1.94 39.83
N ARG B 57 -43.09 -3.14 39.99
CA ARG B 57 -42.05 -3.41 40.96
C ARG B 57 -40.71 -2.75 40.60
N SER B 58 -40.22 -2.95 39.37
CA SER B 58 -38.94 -2.39 38.92
C SER B 58 -38.98 -0.88 38.62
N GLY B 59 -40.18 -0.32 38.51
CA GLY B 59 -40.39 1.11 38.24
C GLY B 59 -40.31 1.49 36.78
N VAL B 60 -39.36 0.90 36.04
CA VAL B 60 -39.12 1.14 34.62
C VAL B 60 -39.96 0.21 33.71
N ARG B 61 -40.36 0.73 32.53
CA ARG B 61 -41.18 0.02 31.55
C ARG B 61 -40.34 -0.85 30.63
N VAL B 62 -39.07 -0.48 30.44
CA VAL B 62 -38.10 -1.17 29.58
C VAL B 62 -36.76 -1.23 30.32
N LYS B 63 -36.13 -2.40 30.34
CA LYS B 63 -34.85 -2.57 31.01
C LYS B 63 -33.70 -2.46 30.02
N THR B 64 -32.61 -1.77 30.42
CA THR B 64 -31.41 -1.62 29.60
C THR B 64 -30.28 -2.46 30.21
N TYR B 65 -29.73 -3.38 29.42
CA TYR B 65 -28.67 -4.28 29.87
C TYR B 65 -27.36 -4.07 29.13
N GLU B 66 -26.26 -4.52 29.77
CA GLU B 66 -24.93 -4.50 29.16
C GLU B 66 -24.79 -5.88 28.48
N PRO B 67 -24.11 -5.98 27.31
CA PRO B 67 -24.03 -7.28 26.61
C PRO B 67 -23.58 -8.49 27.44
N GLU B 68 -22.65 -8.26 28.39
CA GLU B 68 -22.11 -9.28 29.28
C GLU B 68 -23.11 -9.78 30.29
N ALA B 69 -24.05 -8.92 30.72
CA ALA B 69 -25.08 -9.23 31.72
C ALA B 69 -26.09 -10.28 31.28
N ILE B 70 -26.41 -10.33 29.97
CA ILE B 70 -27.41 -11.27 29.45
C ILE B 70 -26.88 -12.17 28.33
N TRP B 71 -27.68 -13.21 28.00
CA TRP B 71 -27.37 -14.14 26.91
C TRP B 71 -27.66 -13.42 25.60
N ILE B 72 -26.67 -13.43 24.69
CA ILE B 72 -26.80 -12.85 23.36
C ILE B 72 -26.40 -13.89 22.31
N PRO B 73 -27.22 -14.09 21.25
CA PRO B 73 -26.85 -15.07 20.23
C PRO B 73 -25.54 -14.73 19.53
N GLU B 74 -24.67 -15.74 19.31
CA GLU B 74 -23.39 -15.54 18.61
C GLU B 74 -23.68 -15.46 17.11
N ILE B 75 -23.97 -14.25 16.63
CA ILE B 75 -24.26 -13.96 15.22
C ILE B 75 -22.96 -13.60 14.50
N ARG B 76 -22.67 -14.28 13.39
CA ARG B 76 -21.47 -14.04 12.63
C ARG B 76 -21.77 -13.79 11.15
N PHE B 77 -20.81 -13.22 10.43
CA PHE B 77 -20.91 -13.01 9.00
C PHE B 77 -20.08 -14.07 8.36
N VAL B 78 -20.60 -14.68 7.27
CA VAL B 78 -19.89 -15.76 6.61
C VAL B 78 -18.73 -15.20 5.79
N ASN B 79 -19.04 -14.28 4.86
CA ASN B 79 -18.09 -13.75 3.89
C ASN B 79 -17.36 -12.46 4.32
N VAL B 80 -16.72 -12.49 5.48
CA VAL B 80 -15.92 -11.36 5.98
C VAL B 80 -14.47 -11.77 6.09
N GLU B 81 -13.53 -10.81 5.82
CA GLU B 81 -12.10 -11.07 5.95
C GLU B 81 -11.75 -11.39 7.43
N ASN B 82 -12.04 -10.42 8.31
CA ASN B 82 -11.85 -10.58 9.73
C ASN B 82 -13.20 -10.36 10.41
N ALA B 83 -13.30 -10.72 11.72
CA ALA B 83 -14.51 -10.52 12.51
C ALA B 83 -14.82 -9.04 12.55
N ARG B 84 -16.12 -8.69 12.40
CA ARG B 84 -16.63 -7.31 12.36
C ARG B 84 -16.21 -6.47 13.56
N ASP B 85 -15.99 -5.18 13.30
CA ASP B 85 -15.66 -4.23 14.34
C ASP B 85 -17.03 -3.74 14.79
N ALA B 86 -17.50 -4.21 15.95
CA ALA B 86 -18.83 -3.87 16.42
C ALA B 86 -18.84 -3.10 17.73
N ASP B 87 -19.83 -2.19 17.85
CA ASP B 87 -20.09 -1.34 19.02
C ASP B 87 -21.58 -1.44 19.31
N VAL B 88 -21.94 -1.95 20.52
CA VAL B 88 -23.34 -2.08 20.94
C VAL B 88 -23.91 -0.68 21.23
N VAL B 89 -25.01 -0.34 20.55
CA VAL B 89 -25.72 0.93 20.66
C VAL B 89 -26.79 0.79 21.75
N ASP B 90 -27.60 -0.29 21.71
CA ASP B 90 -28.64 -0.50 22.72
C ASP B 90 -29.06 -1.93 22.86
N ILE B 91 -29.40 -2.32 24.10
CA ILE B 91 -29.97 -3.61 24.49
C ILE B 91 -31.16 -3.29 25.38
N SER B 92 -32.38 -3.36 24.80
CA SER B 92 -33.64 -3.07 25.50
C SER B 92 -34.48 -4.32 25.67
N VAL B 93 -34.84 -4.62 26.92
CA VAL B 93 -35.66 -5.78 27.29
C VAL B 93 -37.01 -5.30 27.78
N SER B 94 -38.07 -5.81 27.15
CA SER B 94 -39.45 -5.46 27.51
C SER B 94 -40.04 -6.46 28.56
N PRO B 95 -41.13 -6.12 29.30
CA PRO B 95 -41.63 -7.00 30.37
C PRO B 95 -41.84 -8.50 30.05
N ASP B 96 -42.21 -8.85 28.81
CA ASP B 96 -42.41 -10.24 28.40
C ASP B 96 -41.07 -11.00 28.22
N GLY B 97 -39.97 -10.25 28.12
CA GLY B 97 -38.63 -10.78 27.91
C GLY B 97 -38.12 -10.64 26.49
N THR B 98 -38.81 -9.85 25.66
CA THR B 98 -38.40 -9.59 24.28
C THR B 98 -37.20 -8.64 24.24
N VAL B 99 -36.06 -9.13 23.74
CA VAL B 99 -34.81 -8.37 23.68
C VAL B 99 -34.71 -7.66 22.34
N GLN B 100 -34.32 -6.38 22.37
CA GLN B 100 -34.08 -5.56 21.19
C GLN B 100 -32.65 -5.08 21.28
N TYR B 101 -31.78 -5.73 20.48
CA TYR B 101 -30.35 -5.51 20.36
C TYR B 101 -30.04 -4.70 19.13
N LEU B 102 -29.19 -3.68 19.29
CA LEU B 102 -28.74 -2.84 18.20
C LEU B 102 -27.26 -2.54 18.33
N GLU B 103 -26.50 -2.84 17.26
CA GLU B 103 -25.09 -2.60 17.17
C GLU B 103 -24.76 -1.92 15.87
N ARG B 104 -23.72 -1.10 15.90
CA ARG B 104 -23.21 -0.49 14.68
C ARG B 104 -21.88 -1.18 14.39
N PHE B 105 -21.72 -1.70 13.18
CA PHE B 105 -20.51 -2.42 12.81
C PHE B 105 -19.91 -1.90 11.52
N SER B 106 -18.66 -2.30 11.29
CA SER B 106 -17.90 -2.04 10.09
C SER B 106 -17.21 -3.36 9.74
N ALA B 107 -17.24 -3.74 8.46
CA ALA B 107 -16.63 -4.99 7.99
C ALA B 107 -16.23 -4.97 6.52
N ARG B 108 -15.15 -5.71 6.13
CA ARG B 108 -14.68 -5.86 4.76
C ARG B 108 -15.24 -7.20 4.31
N VAL B 109 -16.15 -7.14 3.33
CA VAL B 109 -16.92 -8.28 2.83
C VAL B 109 -16.33 -8.85 1.52
N LEU B 110 -16.20 -10.18 1.44
CA LEU B 110 -15.74 -10.92 0.25
C LEU B 110 -16.98 -11.26 -0.56
N SER B 111 -17.08 -10.71 -1.76
CA SER B 111 -18.22 -11.01 -2.60
C SER B 111 -17.76 -11.09 -4.07
N PRO B 112 -17.82 -12.31 -4.70
CA PRO B 112 -17.34 -12.44 -6.08
C PRO B 112 -18.04 -11.53 -7.10
N LEU B 113 -17.25 -11.06 -8.09
CA LEU B 113 -17.70 -10.15 -9.13
C LEU B 113 -17.57 -10.76 -10.52
N ASP B 114 -18.57 -10.53 -11.40
CA ASP B 114 -18.61 -11.01 -12.77
C ASP B 114 -18.19 -9.89 -13.68
N PHE B 115 -16.96 -9.97 -14.22
CA PHE B 115 -16.40 -8.92 -15.08
C PHE B 115 -16.65 -9.09 -16.59
N ARG B 116 -17.42 -10.11 -16.99
CA ARG B 116 -17.70 -10.42 -18.39
C ARG B 116 -18.16 -9.19 -19.20
N ARG B 117 -19.02 -8.33 -18.63
CA ARG B 117 -19.52 -7.17 -19.36
C ARG B 117 -18.85 -5.84 -18.97
N TYR B 118 -17.71 -5.88 -18.24
CA TYR B 118 -16.92 -4.72 -17.82
C TYR B 118 -16.57 -3.78 -19.00
N PRO B 119 -16.72 -2.43 -18.83
CA PRO B 119 -17.19 -1.68 -17.67
C PRO B 119 -18.71 -1.40 -17.67
N PHE B 120 -19.51 -2.21 -18.43
CA PHE B 120 -20.98 -2.09 -18.50
C PHE B 120 -21.63 -3.22 -17.67
N ASP B 121 -20.98 -3.59 -16.56
CA ASP B 121 -21.41 -4.67 -15.68
C ASP B 121 -22.23 -4.23 -14.48
N SER B 122 -23.03 -5.15 -13.96
CA SER B 122 -23.86 -5.00 -12.77
C SER B 122 -23.49 -6.15 -11.83
N GLN B 123 -23.58 -5.93 -10.51
CA GLN B 123 -23.21 -6.94 -9.52
C GLN B 123 -24.26 -7.08 -8.45
N THR B 124 -24.28 -8.24 -7.76
CA THR B 124 -25.13 -8.54 -6.59
C THR B 124 -24.19 -8.86 -5.45
N LEU B 125 -23.90 -7.87 -4.61
CA LEU B 125 -23.02 -8.07 -3.47
C LEU B 125 -23.82 -8.79 -2.36
N HIS B 126 -23.17 -9.73 -1.64
CA HIS B 126 -23.85 -10.47 -0.58
C HIS B 126 -23.23 -10.22 0.79
N ILE B 127 -24.07 -10.21 1.83
CA ILE B 127 -23.70 -10.11 3.23
C ILE B 127 -24.44 -11.30 3.86
N TYR B 128 -23.71 -12.38 4.18
CA TYR B 128 -24.33 -13.58 4.75
C TYR B 128 -24.27 -13.59 6.24
N LEU B 129 -25.44 -13.54 6.88
CA LEU B 129 -25.60 -13.60 8.35
C LEU B 129 -25.74 -15.06 8.74
N ILE B 130 -25.05 -15.48 9.81
CA ILE B 130 -25.12 -16.88 10.24
C ILE B 130 -25.13 -17.02 11.77
N VAL B 131 -25.81 -18.08 12.24
CA VAL B 131 -25.90 -18.49 13.65
C VAL B 131 -25.76 -20.01 13.76
N ARG B 132 -24.94 -20.45 14.70
CA ARG B 132 -24.78 -21.88 14.93
C ARG B 132 -25.67 -22.28 16.09
N SER B 133 -26.37 -23.42 15.93
CA SER B 133 -27.24 -23.95 16.98
C SER B 133 -26.42 -24.52 18.14
N VAL B 134 -26.95 -24.44 19.35
CA VAL B 134 -26.29 -24.97 20.55
C VAL B 134 -26.89 -26.32 20.94
N ASP B 135 -26.34 -26.96 21.99
CA ASP B 135 -26.82 -28.27 22.44
C ASP B 135 -28.19 -28.23 23.08
N THR B 136 -28.42 -27.24 23.94
CA THR B 136 -29.68 -27.06 24.66
C THR B 136 -30.83 -26.79 23.68
N ARG B 137 -30.61 -25.96 22.61
CA ARG B 137 -31.63 -25.71 21.57
C ARG B 137 -31.09 -25.10 20.27
N ASN B 138 -31.85 -25.32 19.18
CA ASN B 138 -31.57 -24.83 17.83
C ASN B 138 -31.95 -23.38 17.66
N ILE B 139 -31.08 -22.64 16.99
CA ILE B 139 -31.29 -21.22 16.73
C ILE B 139 -31.49 -21.01 15.23
N VAL B 140 -32.58 -20.33 14.88
CA VAL B 140 -32.97 -20.03 13.50
C VAL B 140 -33.06 -18.50 13.33
N LEU B 141 -32.63 -18.00 12.15
CA LEU B 141 -32.64 -16.58 11.81
C LEU B 141 -33.88 -16.20 10.99
N ALA B 142 -34.33 -14.96 11.17
CA ALA B 142 -35.49 -14.42 10.45
C ALA B 142 -35.20 -12.99 10.05
N VAL B 143 -35.96 -12.47 9.08
CA VAL B 143 -35.76 -11.09 8.63
C VAL B 143 -36.94 -10.23 9.09
N ASP B 144 -36.62 -9.12 9.80
CA ASP B 144 -37.59 -8.09 10.19
C ASP B 144 -37.40 -7.03 9.10
N LEU B 145 -38.27 -7.06 8.08
CA LEU B 145 -38.17 -6.18 6.91
C LEU B 145 -38.22 -4.69 7.28
N GLU B 146 -38.84 -4.36 8.43
CA GLU B 146 -38.94 -3.00 8.94
C GLU B 146 -37.57 -2.46 9.38
N LYS B 147 -36.61 -3.36 9.63
CA LYS B 147 -35.28 -3.00 10.09
C LYS B 147 -34.18 -3.32 9.06
N VAL B 148 -34.57 -3.48 7.77
CA VAL B 148 -33.67 -3.69 6.61
C VAL B 148 -33.78 -2.47 5.70
N GLY B 149 -32.65 -1.83 5.44
CA GLY B 149 -32.62 -0.64 4.60
C GLY B 149 -31.26 -0.02 4.40
N LYS B 150 -31.24 1.22 3.93
CA LYS B 150 -30.02 1.98 3.69
C LYS B 150 -30.29 3.49 3.76
N ASN B 151 -29.27 4.25 4.20
CA ASN B 151 -29.32 5.70 4.28
C ASN B 151 -29.38 6.23 2.84
N ASP B 152 -30.13 7.34 2.62
CA ASP B 152 -30.31 7.98 1.32
C ASP B 152 -28.97 8.47 0.72
N ASP B 153 -28.05 8.93 1.58
CA ASP B 153 -26.72 9.44 1.24
C ASP B 153 -25.69 8.34 0.90
N VAL B 154 -26.04 7.03 1.05
CA VAL B 154 -25.13 5.90 0.77
C VAL B 154 -24.69 5.98 -0.70
N PHE B 155 -23.38 6.18 -0.90
CA PHE B 155 -22.77 6.30 -2.21
C PHE B 155 -21.58 5.37 -2.31
N LEU B 156 -21.46 4.67 -3.42
CA LEU B 156 -20.33 3.80 -3.67
C LEU B 156 -19.66 4.37 -4.92
N THR B 157 -18.49 5.04 -4.73
CA THR B 157 -17.70 5.71 -5.77
C THR B 157 -17.60 4.84 -7.03
N GLY B 158 -18.06 5.40 -8.15
CA GLY B 158 -18.04 4.73 -9.46
C GLY B 158 -19.14 3.71 -9.71
N TRP B 159 -20.12 3.63 -8.79
CA TRP B 159 -21.24 2.70 -8.91
C TRP B 159 -22.54 3.37 -8.56
N ASP B 160 -23.64 2.80 -9.08
CA ASP B 160 -25.02 3.21 -8.79
C ASP B 160 -25.62 2.13 -7.91
N ILE B 161 -26.20 2.50 -6.76
CA ILE B 161 -26.78 1.51 -5.87
C ILE B 161 -28.25 1.35 -6.21
N GLU B 162 -28.65 0.15 -6.63
CA GLU B 162 -30.03 -0.14 -7.03
C GLU B 162 -30.93 -0.50 -5.87
N SER B 163 -30.62 -1.61 -5.16
CA SER B 163 -31.40 -2.08 -4.02
C SER B 163 -30.60 -2.81 -2.98
N PHE B 164 -31.15 -2.85 -1.76
CA PHE B 164 -30.64 -3.58 -0.61
C PHE B 164 -31.80 -4.32 0.01
N THR B 165 -31.91 -5.61 -0.31
CA THR B 165 -32.97 -6.50 0.14
C THR B 165 -32.38 -7.75 0.82
N ALA B 166 -33.23 -8.51 1.52
CA ALA B 166 -32.81 -9.74 2.18
C ALA B 166 -33.70 -10.88 1.76
N VAL B 167 -33.08 -12.06 1.52
CA VAL B 167 -33.81 -13.29 1.18
C VAL B 167 -34.36 -13.74 2.54
N VAL B 168 -35.68 -13.54 2.73
CA VAL B 168 -36.42 -13.76 3.97
C VAL B 168 -36.32 -15.18 4.52
N LYS B 169 -36.25 -16.21 3.65
CA LYS B 169 -36.14 -17.61 4.06
C LYS B 169 -34.66 -17.97 4.30
N PRO B 170 -34.27 -18.34 5.55
CA PRO B 170 -32.87 -18.68 5.79
C PRO B 170 -32.52 -20.05 5.22
N ALA B 171 -31.23 -20.26 4.99
CA ALA B 171 -30.71 -21.52 4.51
C ALA B 171 -30.26 -22.30 5.74
N ASN B 172 -31.12 -23.24 6.20
CA ASN B 172 -30.86 -24.08 7.37
C ASN B 172 -30.21 -25.37 6.90
N PHE B 173 -29.03 -25.70 7.46
CA PHE B 173 -28.22 -26.86 7.06
C PHE B 173 -27.33 -27.36 8.18
N ALA B 174 -26.83 -28.58 8.03
CA ALA B 174 -25.93 -29.20 9.01
C ALA B 174 -24.49 -28.92 8.64
N LEU B 175 -23.69 -28.49 9.62
CA LEU B 175 -22.27 -28.23 9.47
C LEU B 175 -21.55 -28.68 10.74
N GLU B 176 -20.64 -29.67 10.61
CA GLU B 176 -19.87 -30.28 11.70
C GLU B 176 -20.76 -30.73 12.87
N ASP B 177 -21.77 -31.57 12.54
CA ASP B 177 -22.73 -32.21 13.46
C ASP B 177 -23.67 -31.25 14.22
N ARG B 178 -23.86 -30.01 13.72
CA ARG B 178 -24.77 -29.00 14.32
C ARG B 178 -25.49 -28.19 13.25
N LEU B 179 -26.65 -27.63 13.60
CA LEU B 179 -27.45 -26.83 12.70
C LEU B 179 -26.90 -25.40 12.56
N GLU B 180 -27.00 -24.87 11.32
CA GLU B 180 -26.57 -23.53 10.96
C GLU B 180 -27.72 -22.84 10.22
N SER B 181 -28.02 -21.60 10.61
CA SER B 181 -29.09 -20.80 10.00
C SER B 181 -28.43 -19.60 9.32
N LYS B 182 -28.48 -19.56 7.97
CA LYS B 182 -27.84 -18.54 7.14
C LYS B 182 -28.83 -17.64 6.39
N LEU B 183 -28.67 -16.31 6.52
CA LEU B 183 -29.48 -15.32 5.81
C LEU B 183 -28.65 -14.61 4.74
N ASP B 184 -29.27 -14.30 3.60
CA ASP B 184 -28.60 -13.62 2.49
C ASP B 184 -29.10 -12.20 2.27
N TYR B 185 -28.28 -11.22 2.67
CA TYR B 185 -28.54 -9.79 2.45
C TYR B 185 -27.88 -9.40 1.10
N GLN B 186 -28.68 -8.91 0.13
CA GLN B 186 -28.20 -8.58 -1.23
C GLN B 186 -28.21 -7.11 -1.58
N LEU B 187 -27.04 -6.60 -1.95
CA LEU B 187 -26.83 -5.22 -2.37
C LEU B 187 -26.56 -5.20 -3.90
N ARG B 188 -27.58 -4.79 -4.68
CA ARG B 188 -27.49 -4.74 -6.14
C ARG B 188 -26.93 -3.40 -6.60
N ILE B 189 -25.85 -3.47 -7.38
CA ILE B 189 -25.15 -2.30 -7.89
C ILE B 189 -24.89 -2.41 -9.40
N SER B 190 -24.79 -1.26 -10.09
CA SER B 190 -24.48 -1.20 -11.50
C SER B 190 -23.36 -0.18 -11.70
N ARG B 191 -22.37 -0.55 -12.51
CA ARG B 191 -21.22 0.28 -12.75
C ARG B 191 -21.52 1.53 -13.57
N GLN B 192 -20.91 2.65 -13.16
CA GLN B 192 -20.97 3.94 -13.85
C GLN B 192 -19.84 3.89 -14.90
N TYR B 193 -20.19 3.51 -16.13
CA TYR B 193 -19.26 3.33 -17.25
C TYR B 193 -18.76 4.61 -17.93
N PHE B 194 -19.41 5.76 -17.65
CA PHE B 194 -19.12 7.06 -18.24
C PHE B 194 -17.64 7.33 -18.51
N SER B 195 -16.81 7.42 -17.44
CA SER B 195 -15.38 7.79 -17.52
C SER B 195 -14.53 6.92 -18.42
N TYR B 196 -14.95 5.66 -18.67
CA TYR B 196 -14.25 4.71 -19.54
C TYR B 196 -14.24 5.14 -21.01
N ILE B 197 -15.28 5.88 -21.41
CA ILE B 197 -15.42 6.42 -22.76
C ILE B 197 -14.32 7.50 -23.07
N PRO B 198 -14.20 8.65 -22.38
CA PRO B 198 -13.15 9.60 -22.74
C PRO B 198 -11.74 9.22 -22.26
N ASN B 199 -11.64 8.29 -21.28
CA ASN B 199 -10.32 7.94 -20.76
C ASN B 199 -9.68 6.76 -21.41
N ILE B 200 -10.47 5.73 -21.77
CA ILE B 200 -9.87 4.51 -22.37
C ILE B 200 -10.39 4.20 -23.81
N ILE B 201 -11.73 4.06 -24.00
CA ILE B 201 -12.34 3.70 -25.27
C ILE B 201 -12.00 4.70 -26.42
N LEU B 202 -12.34 5.99 -26.30
CA LEU B 202 -12.07 6.96 -27.38
C LEU B 202 -10.57 7.18 -27.64
N PRO B 203 -9.66 7.38 -26.63
CA PRO B 203 -8.23 7.52 -26.96
C PRO B 203 -7.68 6.30 -27.71
N MET B 204 -8.17 5.09 -27.34
CA MET B 204 -7.77 3.84 -27.94
C MET B 204 -8.24 3.77 -29.40
N LEU B 205 -9.42 4.34 -29.70
CA LEU B 205 -9.98 4.39 -31.06
C LEU B 205 -9.22 5.39 -31.92
N PHE B 206 -8.85 6.55 -31.34
CA PHE B 206 -8.10 7.58 -32.06
C PHE B 206 -6.76 7.09 -32.56
N ILE B 207 -5.98 6.39 -31.70
CA ILE B 207 -4.66 5.84 -32.07
C ILE B 207 -4.79 4.76 -33.15
N LEU B 208 -5.88 3.95 -33.07
CA LEU B 208 -6.16 2.93 -34.08
C LEU B 208 -6.47 3.57 -35.46
N PHE B 209 -7.31 4.64 -35.45
CA PHE B 209 -7.66 5.35 -36.68
C PHE B 209 -6.47 6.06 -37.26
N ILE B 210 -5.55 6.54 -36.41
CA ILE B 210 -4.29 7.17 -36.83
C ILE B 210 -3.41 6.16 -37.57
N SER B 211 -3.36 4.90 -37.11
CA SER B 211 -2.60 3.86 -37.79
C SER B 211 -3.13 3.63 -39.20
N TRP B 212 -4.46 3.82 -39.43
CA TRP B 212 -5.11 3.60 -40.72
C TRP B 212 -4.83 4.70 -41.76
N THR B 213 -4.15 5.79 -41.35
CA THR B 213 -3.75 6.85 -42.29
C THR B 213 -2.63 6.31 -43.21
N ALA B 214 -1.99 5.18 -42.81
CA ALA B 214 -0.95 4.49 -43.60
C ALA B 214 -1.52 3.93 -44.90
N PHE B 215 -2.87 3.84 -45.01
CA PHE B 215 -3.56 3.36 -46.22
C PHE B 215 -3.70 4.47 -47.27
N TRP B 216 -3.26 5.70 -46.93
CA TRP B 216 -3.23 6.87 -47.81
C TRP B 216 -1.80 7.38 -47.93
N SER B 217 -0.83 6.48 -47.67
CA SER B 217 0.60 6.77 -47.76
C SER B 217 1.36 5.65 -48.45
N THR B 218 2.30 6.06 -49.33
CA THR B 218 3.19 5.18 -50.08
C THR B 218 4.59 5.10 -49.44
N SER B 219 4.83 5.98 -48.44
CA SER B 219 6.09 6.05 -47.72
C SER B 219 6.12 4.93 -46.68
N TYR B 220 6.88 3.85 -46.98
CA TYR B 220 7.03 2.70 -46.10
C TYR B 220 7.61 3.07 -44.74
N GLU B 221 8.67 3.89 -44.71
CA GLU B 221 9.35 4.33 -43.49
C GLU B 221 8.41 5.14 -42.55
N ALA B 222 7.48 5.94 -43.14
CA ALA B 222 6.47 6.70 -42.41
C ALA B 222 5.33 5.78 -41.92
N ASN B 223 4.95 4.81 -42.77
CA ASN B 223 3.92 3.80 -42.48
C ASN B 223 4.33 2.92 -41.32
N VAL B 224 5.61 2.46 -41.30
CA VAL B 224 6.18 1.66 -40.23
C VAL B 224 6.09 2.46 -38.94
N THR B 225 6.47 3.77 -38.99
CA THR B 225 6.41 4.69 -37.86
C THR B 225 4.96 4.85 -37.37
N LEU B 226 3.99 5.00 -38.29
CA LEU B 226 2.56 5.14 -37.95
C LEU B 226 1.97 3.91 -37.26
N VAL B 227 2.15 2.71 -37.84
CA VAL B 227 1.55 1.49 -37.29
C VAL B 227 2.27 1.01 -36.01
N VAL B 228 3.62 1.07 -35.99
CA VAL B 228 4.36 0.58 -34.84
C VAL B 228 4.18 1.49 -33.62
N SER B 229 4.26 2.85 -33.82
CA SER B 229 4.09 3.82 -32.72
C SER B 229 2.72 3.76 -32.05
N THR B 230 1.66 3.69 -32.87
CA THR B 230 0.29 3.56 -32.36
C THR B 230 0.05 2.24 -31.65
N LEU B 231 0.74 1.14 -32.11
CA LEU B 231 0.67 -0.18 -31.48
C LEU B 231 1.23 -0.11 -30.07
N ILE B 232 2.36 0.66 -29.91
CA ILE B 232 3.03 0.88 -28.62
C ILE B 232 2.06 1.60 -27.62
N ALA B 233 1.36 2.63 -28.15
CA ALA B 233 0.33 3.37 -27.41
C ALA B 233 -0.82 2.44 -26.99
N HIS B 234 -1.22 1.48 -27.87
CA HIS B 234 -2.26 0.50 -27.58
C HIS B 234 -1.82 -0.49 -26.51
N ILE B 235 -0.51 -0.85 -26.47
CA ILE B 235 0.05 -1.74 -25.47
C ILE B 235 -0.08 -1.07 -24.09
N ALA B 236 0.24 0.27 -24.04
CA ALA B 236 0.12 1.13 -22.86
C ALA B 236 -1.32 1.11 -22.24
N PHE B 237 -2.33 1.20 -23.13
CA PHE B 237 -3.73 1.12 -22.74
C PHE B 237 -4.13 -0.27 -22.29
N ASN B 238 -3.64 -1.34 -22.97
CA ASN B 238 -3.91 -2.73 -22.57
C ASN B 238 -3.40 -2.97 -21.15
N ILE B 239 -2.13 -2.53 -20.87
CA ILE B 239 -1.50 -2.67 -19.57
C ILE B 239 -2.29 -1.89 -18.48
N LEU B 240 -2.69 -0.62 -18.80
CA LEU B 240 -3.48 0.25 -17.91
C LEU B 240 -4.78 -0.41 -17.50
N VAL B 241 -5.49 -1.03 -18.49
CA VAL B 241 -6.78 -1.69 -18.28
C VAL B 241 -6.65 -2.92 -17.36
N GLU B 242 -5.64 -3.78 -17.63
CA GLU B 242 -5.46 -5.00 -16.86
C GLU B 242 -4.96 -4.75 -15.42
N THR B 243 -4.44 -3.53 -15.10
CA THR B 243 -4.05 -3.16 -13.73
C THR B 243 -5.31 -2.86 -12.86
N ASN B 244 -6.42 -2.43 -13.48
CA ASN B 244 -7.70 -2.12 -12.81
C ASN B 244 -8.58 -3.37 -12.62
N LEU B 245 -8.18 -4.51 -13.23
CA LEU B 245 -8.95 -5.76 -13.22
C LEU B 245 -8.23 -6.98 -12.69
N PRO B 246 -8.94 -7.94 -12.03
CA PRO B 246 -8.27 -9.20 -11.65
C PRO B 246 -8.21 -10.11 -12.89
N LYS B 247 -7.36 -11.14 -12.79
CA LYS B 247 -7.16 -12.13 -13.82
C LYS B 247 -8.34 -13.07 -13.78
N THR B 248 -9.07 -13.12 -14.88
CA THR B 248 -10.29 -13.91 -15.01
C THR B 248 -10.11 -15.14 -15.92
N PRO B 249 -10.78 -16.27 -15.57
CA PRO B 249 -10.71 -17.46 -16.45
C PRO B 249 -11.64 -17.38 -17.66
N TYR B 250 -12.02 -16.13 -18.04
CA TYR B 250 -12.93 -15.77 -19.12
C TYR B 250 -12.53 -14.43 -19.73
N MET B 251 -13.09 -14.13 -20.90
CA MET B 251 -12.76 -12.86 -21.55
C MET B 251 -13.75 -11.82 -21.09
N THR B 252 -13.27 -10.61 -20.81
CA THR B 252 -14.15 -9.51 -20.47
C THR B 252 -14.49 -8.78 -21.78
N TYR B 253 -15.55 -7.97 -21.81
CA TYR B 253 -15.94 -7.24 -23.01
C TYR B 253 -14.84 -6.28 -23.49
N THR B 254 -14.22 -5.53 -22.56
CA THR B 254 -13.11 -4.61 -22.83
C THR B 254 -11.84 -5.37 -23.25
N GLY B 255 -11.58 -6.48 -22.58
CA GLY B 255 -10.45 -7.36 -22.88
C GLY B 255 -10.51 -7.93 -24.27
N ALA B 256 -11.74 -8.30 -24.71
CA ALA B 256 -12.03 -8.81 -26.04
C ALA B 256 -11.74 -7.74 -27.14
N ILE B 257 -12.20 -6.49 -26.93
CA ILE B 257 -11.97 -5.37 -27.84
C ILE B 257 -10.46 -5.09 -27.92
N ILE B 258 -9.81 -4.92 -26.76
CA ILE B 258 -8.37 -4.68 -26.69
C ILE B 258 -7.58 -5.77 -27.42
N PHE B 259 -7.93 -7.06 -27.20
CA PHE B 259 -7.25 -8.18 -27.86
C PHE B 259 -7.45 -8.15 -29.37
N MET B 260 -8.71 -7.89 -29.82
CA MET B 260 -9.07 -7.81 -31.23
C MET B 260 -8.29 -6.71 -31.97
N ILE B 261 -8.08 -5.54 -31.30
CA ILE B 261 -7.35 -4.40 -31.87
C ILE B 261 -5.88 -4.79 -32.20
N TYR B 262 -5.27 -5.76 -31.45
CA TYR B 262 -3.93 -6.28 -31.75
C TYR B 262 -3.90 -6.92 -33.12
N LEU B 263 -4.96 -7.68 -33.47
CA LEU B 263 -5.07 -8.33 -34.78
C LEU B 263 -5.11 -7.29 -35.91
N PHE B 264 -5.83 -6.15 -35.65
CA PHE B 264 -5.94 -5.05 -36.59
C PHE B 264 -4.60 -4.37 -36.85
N TYR B 265 -3.76 -4.27 -35.78
CA TYR B 265 -2.41 -3.73 -35.88
C TYR B 265 -1.53 -4.70 -36.63
N PHE B 266 -1.69 -5.99 -36.36
CA PHE B 266 -0.93 -7.03 -37.04
C PHE B 266 -1.22 -7.09 -38.54
N VAL B 267 -2.51 -7.08 -38.94
CA VAL B 267 -2.90 -7.12 -40.34
C VAL B 267 -2.45 -5.82 -41.06
N ALA B 268 -2.49 -4.67 -40.34
CA ALA B 268 -2.04 -3.36 -40.87
C ALA B 268 -0.55 -3.42 -41.19
N VAL B 269 0.26 -4.08 -40.31
CA VAL B 269 1.70 -4.27 -40.57
C VAL B 269 1.89 -5.14 -41.84
N ILE B 270 1.12 -6.25 -41.98
CA ILE B 270 1.18 -7.12 -43.14
C ILE B 270 0.92 -6.28 -44.42
N GLU B 271 -0.18 -5.49 -44.42
CA GLU B 271 -0.55 -4.64 -45.55
C GLU B 271 0.58 -3.69 -45.92
N VAL B 272 1.13 -2.99 -44.90
CA VAL B 272 2.23 -2.03 -45.05
C VAL B 272 3.49 -2.69 -45.65
N THR B 273 3.75 -3.96 -45.22
CA THR B 273 4.86 -4.79 -45.69
C THR B 273 4.65 -5.22 -47.17
N VAL B 274 3.43 -5.76 -47.46
CA VAL B 274 3.01 -6.22 -48.78
C VAL B 274 3.10 -5.08 -49.81
N GLN B 275 2.56 -3.89 -49.45
CA GLN B 275 2.58 -2.68 -50.25
C GLN B 275 4.01 -2.33 -50.65
N HIS B 276 4.95 -2.23 -49.67
CA HIS B 276 6.34 -1.91 -49.92
C HIS B 276 7.03 -2.95 -50.76
N TYR B 277 6.81 -4.25 -50.44
CA TYR B 277 7.43 -5.36 -51.20
C TYR B 277 7.12 -5.29 -52.72
N LEU B 278 5.82 -5.06 -53.07
CA LEU B 278 5.35 -4.96 -54.46
C LEU B 278 5.92 -3.74 -55.17
N LYS B 279 6.00 -2.59 -54.45
CA LYS B 279 6.57 -1.32 -54.91
C LYS B 279 8.04 -1.52 -55.33
N VAL B 280 8.83 -2.20 -54.46
CA VAL B 280 10.25 -2.51 -54.69
C VAL B 280 10.40 -3.46 -55.90
N GLU B 281 9.45 -4.43 -56.02
CA GLU B 281 9.32 -5.45 -57.06
C GLU B 281 8.79 -4.87 -58.41
N SER B 282 8.58 -3.53 -58.46
CA SER B 282 8.06 -2.78 -59.60
C SER B 282 6.67 -3.27 -60.05
N GLN B 283 5.77 -3.50 -59.06
CA GLN B 283 4.37 -3.89 -59.26
C GLN B 283 3.47 -2.92 -58.43
N PRO B 284 3.56 -1.58 -58.64
CA PRO B 284 2.77 -0.66 -57.82
C PRO B 284 1.28 -0.64 -58.11
N ALA B 285 0.85 -1.04 -59.32
CA ALA B 285 -0.55 -1.07 -59.70
C ALA B 285 -1.30 -2.07 -58.83
N ARG B 286 -0.62 -3.18 -58.49
CA ARG B 286 -1.13 -4.26 -57.63
C ARG B 286 -1.16 -3.80 -56.15
N ALA B 287 -0.07 -3.13 -55.70
CA ALA B 287 0.06 -2.57 -54.37
C ALA B 287 -1.04 -1.56 -54.12
N ALA B 288 -1.36 -0.76 -55.16
CA ALA B 288 -2.42 0.24 -55.14
C ALA B 288 -3.79 -0.39 -54.91
N SER B 289 -4.05 -1.59 -55.53
CA SER B 289 -5.31 -2.32 -55.39
C SER B 289 -5.50 -2.79 -53.94
N ILE B 290 -4.43 -3.33 -53.32
CA ILE B 290 -4.46 -3.82 -51.94
C ILE B 290 -4.68 -2.65 -50.97
N THR B 291 -3.96 -1.51 -51.18
CA THR B 291 -4.05 -0.32 -50.32
C THR B 291 -5.43 0.31 -50.39
N ARG B 292 -6.01 0.41 -51.61
CA ARG B 292 -7.34 0.97 -51.82
C ARG B 292 -8.44 0.13 -51.17
N ALA B 293 -8.27 -1.22 -51.22
CA ALA B 293 -9.20 -2.18 -50.62
C ALA B 293 -9.15 -2.07 -49.10
N SER B 294 -7.93 -1.90 -48.56
CA SER B 294 -7.65 -1.77 -47.12
C SER B 294 -8.33 -0.56 -46.49
N ARG B 295 -8.45 0.54 -47.28
CA ARG B 295 -9.12 1.79 -46.87
C ARG B 295 -10.59 1.55 -46.49
N ILE B 296 -11.26 0.61 -47.18
CA ILE B 296 -12.64 0.23 -46.93
C ILE B 296 -12.69 -0.96 -45.98
N ALA B 297 -11.91 -2.03 -46.27
CA ALA B 297 -11.87 -3.27 -45.47
C ALA B 297 -11.61 -3.07 -43.96
N PHE B 298 -10.53 -2.34 -43.59
CA PHE B 298 -10.19 -2.11 -42.20
C PHE B 298 -11.32 -1.45 -41.36
N PRO B 299 -11.92 -0.29 -41.74
CA PRO B 299 -13.03 0.26 -40.93
C PRO B 299 -14.30 -0.63 -40.94
N VAL B 300 -14.61 -1.27 -42.11
CA VAL B 300 -15.77 -2.14 -42.25
C VAL B 300 -15.67 -3.39 -41.36
N VAL B 301 -14.54 -4.14 -41.48
CA VAL B 301 -14.27 -5.34 -40.68
C VAL B 301 -14.26 -4.97 -39.18
N PHE B 302 -13.67 -3.79 -38.83
CA PHE B 302 -13.65 -3.30 -37.45
C PHE B 302 -15.05 -3.07 -36.85
N LEU B 303 -15.93 -2.43 -37.66
CA LEU B 303 -17.32 -2.14 -37.30
C LEU B 303 -18.12 -3.44 -37.14
N LEU B 304 -18.03 -4.37 -38.12
CA LEU B 304 -18.74 -5.65 -38.08
C LEU B 304 -18.29 -6.55 -36.94
N ALA B 305 -16.95 -6.61 -36.69
CA ALA B 305 -16.37 -7.41 -35.62
C ALA B 305 -16.81 -6.90 -34.23
N ASN B 306 -16.97 -5.58 -34.10
CA ASN B 306 -17.45 -4.94 -32.87
C ASN B 306 -18.94 -5.20 -32.64
N ILE B 307 -19.74 -5.26 -33.74
CA ILE B 307 -21.17 -5.59 -33.69
C ILE B 307 -21.29 -7.05 -33.22
N ILE B 308 -20.48 -7.97 -33.81
CA ILE B 308 -20.41 -9.38 -33.41
C ILE B 308 -20.04 -9.51 -31.91
N LEU B 309 -18.97 -8.84 -31.45
CA LEU B 309 -18.57 -8.87 -30.05
C LEU B 309 -19.65 -8.34 -29.07
N ALA B 310 -20.26 -7.17 -29.39
CA ALA B 310 -21.32 -6.58 -28.57
C ALA B 310 -22.50 -7.53 -28.48
N PHE B 311 -22.81 -8.23 -29.59
CA PHE B 311 -23.88 -9.22 -29.63
C PHE B 311 -23.56 -10.40 -28.71
N LEU B 312 -22.33 -10.94 -28.79
CA LEU B 312 -21.88 -12.08 -27.97
C LEU B 312 -21.86 -11.77 -26.50
N PHE B 313 -21.55 -10.52 -26.13
CA PHE B 313 -21.47 -10.10 -24.73
C PHE B 313 -22.77 -9.54 -24.14
N PHE B 314 -23.67 -8.96 -24.95
CA PHE B 314 -24.90 -8.37 -24.43
C PHE B 314 -26.17 -8.87 -25.15
N VAL C 4 -26.16 2.81 35.04
CA VAL C 4 -26.52 4.21 34.81
C VAL C 4 -27.68 4.35 33.81
N SER C 5 -28.52 5.39 34.03
CA SER C 5 -29.68 5.68 33.19
C SER C 5 -29.67 7.16 32.79
N PRO C 6 -30.38 7.60 31.72
CA PRO C 6 -30.34 9.04 31.35
C PRO C 6 -30.97 9.99 32.35
N PRO C 7 -30.65 11.31 32.33
CA PRO C 7 -31.26 12.23 33.31
C PRO C 7 -32.76 12.35 33.08
N PRO C 8 -33.60 12.31 34.13
CA PRO C 8 -35.05 12.38 33.90
C PRO C 8 -35.55 13.78 33.55
N PRO C 9 -36.59 13.89 32.69
CA PRO C 9 -37.07 15.22 32.33
C PRO C 9 -37.99 15.84 33.35
N ILE C 10 -37.94 17.17 33.44
CA ILE C 10 -38.89 17.92 34.21
C ILE C 10 -40.19 17.64 33.43
N ALA C 11 -40.10 17.67 32.10
CA ALA C 11 -41.17 17.41 31.16
C ALA C 11 -40.68 16.47 30.09
N ASP C 12 -41.56 16.11 29.14
CA ASP C 12 -41.17 15.24 28.04
C ASP C 12 -40.12 15.95 27.18
N GLU C 13 -39.91 17.26 27.45
CA GLU C 13 -38.93 18.07 26.77
C GLU C 13 -37.62 17.28 26.67
N PRO C 14 -37.07 17.24 25.45
CA PRO C 14 -35.92 16.38 25.18
C PRO C 14 -34.63 16.84 25.80
N LEU C 15 -33.68 15.90 25.98
CA LEU C 15 -32.36 16.26 26.52
C LEU C 15 -31.49 16.89 25.46
N THR C 16 -31.06 18.16 25.69
CA THR C 16 -30.19 18.88 24.76
C THR C 16 -28.74 18.63 25.08
N VAL C 17 -28.02 18.05 24.13
CA VAL C 17 -26.60 17.79 24.28
C VAL C 17 -25.88 18.83 23.39
N ASN C 18 -25.24 19.82 24.03
CA ASN C 18 -24.48 20.86 23.36
C ASN C 18 -23.16 20.28 22.92
N THR C 19 -22.83 20.48 21.65
CA THR C 19 -21.63 19.91 21.04
C THR C 19 -20.70 20.97 20.51
N GLY C 20 -19.46 20.53 20.27
CA GLY C 20 -18.38 21.33 19.72
C GLY C 20 -17.23 20.46 19.24
N ILE C 21 -16.65 20.83 18.08
CA ILE C 21 -15.51 20.13 17.51
C ILE C 21 -14.41 21.16 17.29
N TYR C 22 -13.22 20.91 17.84
CA TYR C 22 -12.07 21.77 17.65
C TYR C 22 -10.97 20.98 16.97
N LEU C 23 -10.71 21.26 15.66
CA LEU C 23 -9.69 20.57 14.84
C LEU C 23 -8.26 20.89 15.28
N ILE C 24 -7.51 19.84 15.61
CA ILE C 24 -6.11 19.92 16.03
C ILE C 24 -5.20 19.65 14.83
N GLU C 25 -5.53 18.59 14.05
CA GLU C 25 -4.81 18.12 12.88
C GLU C 25 -5.77 17.66 11.76
N CYS C 26 -5.44 18.05 10.51
CA CYS C 26 -6.13 17.69 9.28
C CYS C 26 -5.08 17.18 8.40
N TYR C 27 -5.26 15.95 7.92
CA TYR C 27 -4.27 15.30 7.08
C TYR C 27 -4.90 14.23 6.21
N SER C 28 -4.11 13.73 5.25
CA SER C 28 -4.44 12.67 4.33
C SER C 28 -5.79 12.85 3.61
N LEU C 29 -5.98 13.96 2.87
CA LEU C 29 -7.15 14.06 2.03
C LEU C 29 -6.79 13.21 0.78
N ASP C 30 -7.46 12.04 0.70
CA ASP C 30 -7.34 11.07 -0.38
C ASP C 30 -8.45 11.38 -1.41
N ASP C 31 -8.07 11.90 -2.58
CA ASP C 31 -8.99 12.25 -3.66
C ASP C 31 -9.69 11.02 -4.24
N LYS C 32 -8.90 9.97 -4.55
CA LYS C 32 -9.39 8.72 -5.10
C LYS C 32 -10.40 8.05 -4.14
N ALA C 33 -10.05 7.96 -2.82
CA ALA C 33 -10.88 7.35 -1.77
C ALA C 33 -12.02 8.22 -1.24
N GLU C 34 -11.92 9.54 -1.48
CA GLU C 34 -12.85 10.60 -1.04
C GLU C 34 -12.96 10.62 0.50
N THR C 35 -11.78 10.47 1.16
CA THR C 35 -11.62 10.44 2.60
C THR C 35 -10.58 11.45 3.06
N PHE C 36 -10.60 11.77 4.36
CA PHE C 36 -9.66 12.64 5.03
C PHE C 36 -9.57 12.21 6.48
N LYS C 37 -8.37 12.34 7.07
CA LYS C 37 -8.14 11.99 8.47
C LYS C 37 -8.20 13.28 9.31
N VAL C 38 -8.77 13.15 10.51
CA VAL C 38 -8.97 14.27 11.42
C VAL C 38 -8.55 13.87 12.84
N ASN C 39 -7.89 14.80 13.53
CA ASN C 39 -7.53 14.68 14.94
C ASN C 39 -8.12 15.93 15.61
N ALA C 40 -9.14 15.74 16.46
CA ALA C 40 -9.86 16.88 17.05
C ALA C 40 -10.37 16.66 18.45
N PHE C 41 -10.82 17.74 19.09
CA PHE C 41 -11.43 17.72 20.40
C PHE C 41 -12.92 17.65 20.15
N LEU C 42 -13.62 16.80 20.91
CA LEU C 42 -15.08 16.72 20.87
C LEU C 42 -15.58 17.13 22.27
N SER C 43 -16.33 18.23 22.34
CA SER C 43 -16.87 18.71 23.60
C SER C 43 -18.36 18.43 23.67
N LEU C 44 -18.84 17.94 24.84
CA LEU C 44 -20.25 17.62 25.07
C LEU C 44 -20.71 18.25 26.35
N SER C 45 -21.96 18.78 26.38
CA SER C 45 -22.53 19.43 27.55
C SER C 45 -24.03 19.20 27.65
N TRP C 46 -24.48 18.73 28.82
CA TRP C 46 -25.89 18.46 29.10
C TRP C 46 -26.14 18.65 30.59
N LYS C 47 -27.42 18.80 30.99
CA LYS C 47 -27.81 18.97 32.38
C LYS C 47 -28.28 17.65 32.97
N ASP C 48 -27.62 17.23 34.05
CA ASP C 48 -27.99 16.03 34.82
C ASP C 48 -28.27 16.47 36.26
N ARG C 49 -29.55 16.71 36.58
CA ARG C 49 -29.96 17.18 37.89
C ARG C 49 -29.61 16.20 39.02
N ARG C 50 -29.49 14.89 38.71
CA ARG C 50 -29.12 13.83 39.66
C ARG C 50 -27.70 14.01 40.17
N LEU C 51 -26.92 14.88 39.50
CA LEU C 51 -25.53 15.19 39.80
C LEU C 51 -25.34 16.58 40.40
N ALA C 52 -26.45 17.33 40.60
CA ALA C 52 -26.40 18.67 41.17
C ALA C 52 -25.88 18.60 42.60
N PHE C 53 -25.24 19.68 43.05
CA PHE C 53 -24.68 19.80 44.39
C PHE C 53 -24.74 21.23 44.85
N ASP C 54 -24.65 21.43 46.16
CA ASP C 54 -24.71 22.75 46.75
C ASP C 54 -23.32 23.43 46.65
N PRO C 55 -23.21 24.69 46.15
CA PRO C 55 -21.88 25.33 46.08
C PRO C 55 -21.35 25.85 47.42
N VAL C 56 -22.22 26.41 48.30
CA VAL C 56 -21.80 26.91 49.63
C VAL C 56 -21.49 25.77 50.63
N ARG C 57 -22.22 24.63 50.54
CA ARG C 57 -22.04 23.47 51.42
C ARG C 57 -20.80 22.65 51.05
N SER C 58 -20.68 22.28 49.77
CA SER C 58 -19.58 21.46 49.26
C SER C 58 -18.21 22.11 49.32
N GLY C 59 -18.16 23.43 49.11
CA GLY C 59 -16.91 24.19 49.09
C GLY C 59 -16.26 24.12 47.72
N VAL C 60 -16.43 22.97 47.03
CA VAL C 60 -15.93 22.71 45.67
C VAL C 60 -16.89 23.29 44.65
N ARG C 61 -16.34 23.96 43.64
CA ARG C 61 -17.11 24.61 42.59
C ARG C 61 -17.40 23.64 41.44
N VAL C 62 -16.52 22.65 41.26
CA VAL C 62 -16.59 21.66 40.19
C VAL C 62 -16.19 20.29 40.74
N LYS C 63 -16.86 19.23 40.26
CA LYS C 63 -16.60 17.84 40.63
C LYS C 63 -16.17 17.09 39.37
N THR C 64 -15.03 16.38 39.47
CA THR C 64 -14.45 15.61 38.36
C THR C 64 -14.82 14.14 38.46
N TYR C 65 -15.53 13.61 37.44
CA TYR C 65 -15.98 12.21 37.39
C TYR C 65 -15.25 11.41 36.32
N GLU C 66 -15.20 10.08 36.51
CA GLU C 66 -14.64 9.14 35.53
C GLU C 66 -15.80 8.78 34.59
N PRO C 67 -15.57 8.56 33.27
CA PRO C 67 -16.71 8.26 32.37
C PRO C 67 -17.71 7.18 32.82
N GLU C 68 -17.20 6.13 33.48
CA GLU C 68 -17.97 5.00 33.98
C GLU C 68 -18.87 5.36 35.15
N ALA C 69 -18.46 6.33 35.96
CA ALA C 69 -19.20 6.79 37.14
C ALA C 69 -20.52 7.48 36.82
N ILE C 70 -20.61 8.18 35.67
CA ILE C 70 -21.82 8.91 35.29
C ILE C 70 -22.38 8.50 33.91
N TRP C 71 -23.62 8.95 33.64
CA TRP C 71 -24.30 8.71 32.38
C TRP C 71 -23.74 9.66 31.35
N ILE C 72 -23.33 9.13 30.19
CA ILE C 72 -22.79 9.88 29.07
C ILE C 72 -23.56 9.51 27.79
N PRO C 73 -24.03 10.51 27.00
CA PRO C 73 -24.75 10.18 25.76
C PRO C 73 -23.87 9.48 24.74
N GLU C 74 -24.42 8.45 24.06
CA GLU C 74 -23.71 7.72 23.02
C GLU C 74 -23.70 8.54 21.72
N ILE C 75 -22.67 9.39 21.58
CA ILE C 75 -22.49 10.27 20.42
C ILE C 75 -21.63 9.55 19.38
N ARG C 76 -22.11 9.51 18.13
CA ARG C 76 -21.40 8.82 17.05
C ARG C 76 -21.25 9.73 15.84
N PHE C 77 -20.35 9.36 14.92
CA PHE C 77 -20.13 10.07 13.67
C PHE C 77 -20.80 9.26 12.60
N VAL C 78 -21.53 9.89 11.69
CA VAL C 78 -22.23 9.17 10.65
C VAL C 78 -21.26 8.66 9.59
N ASN C 79 -20.49 9.59 8.99
CA ASN C 79 -19.61 9.33 7.85
C ASN C 79 -18.16 8.96 8.20
N VAL C 80 -17.98 7.96 9.07
CA VAL C 80 -16.66 7.46 9.44
C VAL C 80 -16.46 6.04 8.95
N GLU C 81 -15.22 5.70 8.54
CA GLU C 81 -14.86 4.36 8.08
C GLU C 81 -15.05 3.38 9.24
N ASN C 82 -14.31 3.62 10.34
CA ASN C 82 -14.40 2.84 11.56
C ASN C 82 -14.76 3.79 12.72
N ALA C 83 -15.18 3.21 13.87
CA ALA C 83 -15.50 3.96 15.08
C ALA C 83 -14.26 4.77 15.50
N ARG C 84 -14.46 6.05 15.90
CA ARG C 84 -13.39 6.98 16.30
C ARG C 84 -12.49 6.43 17.42
N ASP C 85 -11.21 6.78 17.37
CA ASP C 85 -10.24 6.42 18.38
C ASP C 85 -10.33 7.59 19.34
N ALA C 86 -11.02 7.39 20.50
CA ALA C 86 -11.22 8.46 21.47
C ALA C 86 -10.58 8.23 22.83
N ASP C 87 -10.10 9.34 23.44
CA ASP C 87 -9.47 9.41 24.76
C ASP C 87 -10.11 10.55 25.50
N VAL C 88 -10.75 10.25 26.65
CA VAL C 88 -11.44 11.26 27.45
C VAL C 88 -10.36 12.10 28.14
N VAL C 89 -10.48 13.43 27.99
CA VAL C 89 -9.56 14.43 28.53
C VAL C 89 -10.06 14.89 29.88
N ASP C 90 -11.35 15.29 29.97
CA ASP C 90 -11.95 15.79 31.20
C ASP C 90 -13.48 15.71 31.24
N ILE C 91 -14.02 15.46 32.47
CA ILE C 91 -15.45 15.44 32.84
C ILE C 91 -15.61 16.33 34.07
N SER C 92 -16.31 17.47 33.89
CA SER C 92 -16.53 18.46 34.95
C SER C 92 -18.03 18.72 35.16
N VAL C 93 -18.48 18.71 36.44
CA VAL C 93 -19.88 18.94 36.78
C VAL C 93 -19.98 20.20 37.65
N SER C 94 -20.82 21.15 37.21
CA SER C 94 -21.08 22.41 37.92
C SER C 94 -22.18 22.20 39.00
N PRO C 95 -22.35 23.12 39.99
CA PRO C 95 -23.36 22.90 41.03
C PRO C 95 -24.77 22.59 40.55
N ASP C 96 -25.26 23.24 39.48
CA ASP C 96 -26.61 23.00 38.94
C ASP C 96 -26.78 21.62 38.24
N GLY C 97 -25.67 20.91 38.06
CA GLY C 97 -25.65 19.61 37.40
C GLY C 97 -25.29 19.67 35.93
N THR C 98 -24.71 20.79 35.48
CA THR C 98 -24.31 20.91 34.09
C THR C 98 -22.97 20.17 33.87
N VAL C 99 -22.99 19.13 33.04
CA VAL C 99 -21.83 18.29 32.71
C VAL C 99 -21.05 18.86 31.52
N GLN C 100 -19.71 18.90 31.65
CA GLN C 100 -18.80 19.36 30.62
C GLN C 100 -17.83 18.24 30.33
N TYR C 101 -18.07 17.56 29.21
CA TYR C 101 -17.32 16.43 28.71
C TYR C 101 -16.40 16.89 27.59
N LEU C 102 -15.17 16.36 27.58
CA LEU C 102 -14.18 16.67 26.54
C LEU C 102 -13.34 15.46 26.28
N GLU C 103 -13.22 15.11 25.00
CA GLU C 103 -12.43 14.00 24.50
C GLU C 103 -11.62 14.44 23.31
N ARG C 104 -10.48 13.81 23.12
CA ARG C 104 -9.68 14.05 21.93
C ARG C 104 -9.81 12.77 21.09
N PHE C 105 -10.17 12.93 19.82
CA PHE C 105 -10.37 11.78 18.94
C PHE C 105 -9.62 11.94 17.63
N SER C 106 -9.52 10.82 16.90
CA SER C 106 -8.93 10.71 15.58
C SER C 106 -9.87 9.82 14.81
N ALA C 107 -10.17 10.19 13.55
CA ALA C 107 -11.08 9.42 12.68
C ALA C 107 -10.83 9.65 11.17
N ARG C 108 -11.13 8.62 10.35
CA ARG C 108 -11.04 8.70 8.89
C ARG C 108 -12.48 8.93 8.42
N VAL C 109 -12.72 10.09 7.81
CA VAL C 109 -14.05 10.55 7.41
C VAL C 109 -14.30 10.37 5.90
N LEU C 110 -15.48 9.83 5.55
CA LEU C 110 -15.95 9.66 4.17
C LEU C 110 -16.72 10.92 3.81
N SER C 111 -16.22 11.69 2.85
CA SER C 111 -16.90 12.91 2.43
C SER C 111 -16.76 13.05 0.91
N PRO C 112 -17.89 12.93 0.14
CA PRO C 112 -17.80 13.03 -1.32
C PRO C 112 -17.19 14.33 -1.83
N LEU C 113 -16.42 14.21 -2.93
CA LEU C 113 -15.74 15.35 -3.55
C LEU C 113 -16.25 15.58 -4.97
N ASP C 114 -16.42 16.87 -5.37
CA ASP C 114 -16.86 17.26 -6.70
C ASP C 114 -15.64 17.67 -7.50
N PHE C 115 -15.24 16.80 -8.45
CA PHE C 115 -14.05 17.02 -9.28
C PHE C 115 -14.29 17.77 -10.60
N ARG C 116 -15.54 18.24 -10.84
CA ARG C 116 -15.91 18.95 -12.07
C ARG C 116 -14.94 20.08 -12.44
N ARG C 117 -14.47 20.86 -11.47
CA ARG C 117 -13.57 21.97 -11.76
C ARG C 117 -12.08 21.71 -11.44
N TYR C 118 -11.68 20.44 -11.23
CA TYR C 118 -10.32 20.01 -10.94
C TYR C 118 -9.32 20.51 -12.00
N PRO C 119 -8.13 21.08 -11.61
CA PRO C 119 -7.60 21.26 -10.25
C PRO C 119 -7.92 22.63 -9.64
N PHE C 120 -8.96 23.31 -10.15
CA PHE C 120 -9.42 24.62 -9.65
C PHE C 120 -10.73 24.45 -8.84
N ASP C 121 -10.82 23.32 -8.12
CA ASP C 121 -11.99 22.95 -7.33
C ASP C 121 -11.89 23.33 -5.88
N SER C 122 -13.07 23.52 -5.27
CA SER C 122 -13.27 23.80 -3.85
C SER C 122 -14.23 22.74 -3.32
N GLN C 123 -14.05 22.33 -2.06
CA GLN C 123 -14.87 21.28 -1.46
C GLN C 123 -15.42 21.70 -0.13
N THR C 124 -16.53 21.07 0.29
CA THR C 124 -17.15 21.23 1.62
C THR C 124 -17.11 19.84 2.26
N LEU C 125 -16.11 19.61 3.10
CA LEU C 125 -15.98 18.35 3.81
C LEU C 125 -17.00 18.35 4.98
N HIS C 126 -17.64 17.19 5.24
CA HIS C 126 -18.64 17.08 6.30
C HIS C 126 -18.22 16.11 7.38
N ILE C 127 -18.56 16.43 8.63
CA ILE C 127 -18.37 15.60 9.81
C ILE C 127 -19.76 15.60 10.43
N TYR C 128 -20.49 14.49 10.29
CA TYR C 128 -21.84 14.40 10.81
C TYR C 128 -21.88 13.79 12.19
N LEU C 129 -22.30 14.57 13.19
CA LEU C 129 -22.47 14.14 14.57
C LEU C 129 -23.88 13.61 14.75
N ILE C 130 -24.04 12.47 15.42
CA ILE C 130 -25.36 11.88 15.61
C ILE C 130 -25.56 11.28 17.01
N VAL C 131 -26.82 11.32 17.49
CA VAL C 131 -27.25 10.72 18.76
C VAL C 131 -28.59 10.02 18.58
N ARG C 132 -28.69 8.80 19.10
CA ARG C 132 -29.90 8.01 19.03
C ARG C 132 -30.63 8.14 20.38
N SER C 133 -31.94 8.44 20.35
CA SER C 133 -32.78 8.59 21.53
C SER C 133 -32.95 7.26 22.26
N VAL C 134 -33.21 7.35 23.57
CA VAL C 134 -33.44 6.19 24.44
C VAL C 134 -34.93 6.06 24.75
N ASP C 135 -35.35 4.90 25.30
CA ASP C 135 -36.76 4.64 25.58
C ASP C 135 -37.32 5.60 26.62
N THR C 136 -36.51 5.96 27.63
CA THR C 136 -36.91 6.87 28.70
C THR C 136 -37.13 8.30 28.17
N ARG C 137 -36.24 8.82 27.28
CA ARG C 137 -36.42 10.17 26.69
C ARG C 137 -35.60 10.42 25.40
N ASN C 138 -36.07 11.41 24.64
CA ASN C 138 -35.48 11.84 23.38
C ASN C 138 -34.26 12.73 23.60
N ILE C 139 -33.19 12.47 22.85
CA ILE C 139 -31.94 13.24 22.93
C ILE C 139 -31.76 14.03 21.62
N VAL C 140 -31.60 15.36 21.77
CA VAL C 140 -31.43 16.32 20.68
C VAL C 140 -30.05 16.99 20.80
N LEU C 141 -29.39 17.24 19.65
CA LEU C 141 -28.07 17.88 19.60
C LEU C 141 -28.16 19.38 19.31
N ALA C 142 -27.19 20.13 19.86
CA ALA C 142 -27.09 21.56 19.69
C ALA C 142 -25.64 21.95 19.50
N VAL C 143 -25.41 23.15 18.96
CA VAL C 143 -24.04 23.62 18.71
C VAL C 143 -23.69 24.75 19.71
N ASP C 144 -22.58 24.57 20.43
CA ASP C 144 -22.01 25.62 21.29
C ASP C 144 -20.92 26.21 20.41
N LEU C 145 -21.24 27.34 19.75
CA LEU C 145 -20.34 27.99 18.79
C LEU C 145 -18.99 28.38 19.39
N GLU C 146 -18.94 28.57 20.72
CA GLU C 146 -17.72 28.92 21.44
C GLU C 146 -16.75 27.77 21.53
N LYS C 147 -17.25 26.55 21.29
CA LYS C 147 -16.44 25.36 21.34
C LYS C 147 -16.26 24.70 19.96
N VAL C 148 -16.48 25.48 18.87
CA VAL C 148 -16.28 25.06 17.47
C VAL C 148 -15.14 25.90 16.89
N GLY C 149 -14.12 25.24 16.38
CA GLY C 149 -12.98 25.93 15.81
C GLY C 149 -11.89 25.03 15.26
N LYS C 150 -10.70 25.60 15.05
CA LYS C 150 -9.54 24.89 14.55
C LYS C 150 -8.24 25.60 14.97
N ASN C 151 -7.18 24.81 15.14
CA ASN C 151 -5.85 25.32 15.49
C ASN C 151 -5.33 26.11 14.27
N ASP C 152 -4.58 27.20 14.53
CA ASP C 152 -4.01 28.08 13.50
C ASP C 152 -3.04 27.35 12.57
N ASP C 153 -2.29 26.38 13.14
CA ASP C 153 -1.30 25.54 12.46
C ASP C 153 -1.91 24.42 11.61
N VAL C 154 -3.26 24.20 11.64
CA VAL C 154 -3.95 23.15 10.86
C VAL C 154 -3.68 23.39 9.38
N PHE C 155 -2.99 22.44 8.76
CA PHE C 155 -2.61 22.49 7.36
C PHE C 155 -3.02 21.19 6.66
N LEU C 156 -3.61 21.31 5.50
CA LEU C 156 -3.97 20.15 4.72
C LEU C 156 -3.15 20.28 3.43
N THR C 157 -2.10 19.44 3.30
CA THR C 157 -1.16 19.40 2.16
C THR C 157 -1.89 19.53 0.83
N GLY C 158 -1.52 20.56 0.07
CA GLY C 158 -2.09 20.85 -1.25
C GLY C 158 -3.47 21.52 -1.27
N TRP C 159 -3.94 21.95 -0.10
CA TRP C 159 -5.21 22.64 0.04
C TRP C 159 -5.10 23.85 0.95
N ASP C 160 -6.04 24.81 0.76
CA ASP C 160 -6.20 26.01 1.57
C ASP C 160 -7.46 25.78 2.41
N ILE C 161 -7.37 25.94 3.74
CA ILE C 161 -8.52 25.74 4.58
C ILE C 161 -9.21 27.08 4.75
N GLU C 162 -10.47 27.18 4.31
CA GLU C 162 -11.26 28.42 4.39
C GLU C 162 -11.96 28.61 5.70
N SER C 163 -12.87 27.69 6.04
CA SER C 163 -13.64 27.77 7.28
C SER C 163 -14.03 26.42 7.83
N PHE C 164 -14.35 26.42 9.13
CA PHE C 164 -14.85 25.27 9.86
C PHE C 164 -16.00 25.79 10.70
N THR C 165 -17.22 25.55 10.21
CA THR C 165 -18.47 25.99 10.82
C THR C 165 -19.41 24.80 11.00
N ALA C 166 -20.48 25.00 11.78
CA ALA C 166 -21.47 23.96 12.02
C ALA C 166 -22.85 24.51 11.73
N VAL C 167 -23.69 23.67 11.10
CA VAL C 167 -25.09 24.01 10.81
C VAL C 167 -25.77 23.82 12.17
N VAL C 168 -26.10 24.96 12.82
CA VAL C 168 -26.64 25.03 14.19
C VAL C 168 -27.95 24.26 14.39
N LYS C 169 -28.83 24.18 13.36
CA LYS C 169 -30.10 23.45 13.43
C LYS C 169 -29.86 21.95 13.09
N PRO C 170 -30.12 21.03 14.06
CA PRO C 170 -29.91 19.61 13.77
C PRO C 170 -31.03 19.04 12.88
N ALA C 171 -30.71 17.94 12.20
CA ALA C 171 -31.66 17.23 11.37
C ALA C 171 -32.22 16.11 12.24
N ASN C 172 -33.43 16.34 12.79
CA ASN C 172 -34.13 15.39 13.64
C ASN C 172 -35.06 14.53 12.77
N PHE C 173 -34.91 13.20 12.87
CA PHE C 173 -35.63 12.22 12.06
C PHE C 173 -35.76 10.87 12.75
N ALA C 174 -36.70 10.06 12.26
CA ALA C 174 -36.95 8.73 12.77
C ALA C 174 -36.17 7.73 11.96
N LEU C 175 -35.51 6.84 12.66
CA LEU C 175 -34.79 5.75 12.05
C LEU C 175 -35.01 4.55 12.94
N GLU C 176 -35.58 3.47 12.37
CA GLU C 176 -35.89 2.21 13.04
C GLU C 176 -36.58 2.41 14.38
N ASP C 177 -37.74 3.11 14.36
CA ASP C 177 -38.66 3.38 15.49
C ASP C 177 -38.07 4.20 16.66
N ARG C 178 -37.01 5.00 16.42
CA ARG C 178 -36.39 5.87 17.44
C ARG C 178 -35.95 7.17 16.80
N LEU C 179 -35.94 8.25 17.59
CA LEU C 179 -35.50 9.58 17.14
C LEU C 179 -33.98 9.65 17.06
N GLU C 180 -33.50 10.34 16.02
CA GLU C 180 -32.10 10.56 15.74
C GLU C 180 -31.87 12.03 15.49
N SER C 181 -30.86 12.61 16.15
CA SER C 181 -30.51 14.03 16.04
C SER C 181 -29.13 14.14 15.41
N LYS C 182 -29.07 14.72 14.18
CA LYS C 182 -27.86 14.83 13.37
C LYS C 182 -27.39 16.26 13.17
N LEU C 183 -26.11 16.53 13.47
CA LEU C 183 -25.49 17.83 13.25
C LEU C 183 -24.47 17.76 12.10
N ASP C 184 -24.40 18.83 11.29
CA ASP C 184 -23.48 18.93 10.15
C ASP C 184 -22.34 19.91 10.40
N TYR C 185 -21.13 19.40 10.65
CA TYR C 185 -19.90 20.18 10.80
C TYR C 185 -19.25 20.27 9.42
N GLN C 186 -19.07 21.49 8.90
CA GLN C 186 -18.54 21.72 7.54
C GLN C 186 -17.15 22.36 7.50
N LEU C 187 -16.21 21.67 6.85
CA LEU C 187 -14.85 22.14 6.64
C LEU C 187 -14.68 22.52 5.15
N ARG C 188 -14.68 23.82 4.86
CA ARG C 188 -14.56 24.34 3.51
C ARG C 188 -13.09 24.51 3.12
N ILE C 189 -12.73 23.87 2.01
CA ILE C 189 -11.35 23.86 1.50
C ILE C 189 -11.31 24.20 0.02
N SER C 190 -10.19 24.79 -0.45
CA SER C 190 -10.00 25.12 -1.86
C SER C 190 -8.64 24.60 -2.26
N ARG C 191 -8.59 23.93 -3.42
CA ARG C 191 -7.38 23.32 -3.92
C ARG C 191 -6.32 24.34 -4.35
N GLN C 192 -5.05 24.05 -3.98
CA GLN C 192 -3.88 24.80 -4.37
C GLN C 192 -3.48 24.22 -5.76
N TYR C 193 -3.97 24.90 -6.84
CA TYR C 193 -3.77 24.51 -8.24
C TYR C 193 -2.37 24.83 -8.80
N PHE C 194 -1.56 25.68 -8.10
CA PHE C 194 -0.23 26.11 -8.53
C PHE C 194 0.60 25.04 -9.25
N SER C 195 0.97 23.94 -8.56
CA SER C 195 1.83 22.87 -9.07
C SER C 195 1.38 22.24 -10.37
N TYR C 196 0.04 22.27 -10.66
CA TYR C 196 -0.55 21.70 -11.88
C TYR C 196 -0.11 22.42 -13.14
N ILE C 197 0.20 23.72 -13.02
CA ILE C 197 0.67 24.56 -14.12
C ILE C 197 2.07 24.10 -14.62
N PRO C 198 3.18 24.11 -13.82
CA PRO C 198 4.48 23.68 -14.38
C PRO C 198 4.64 22.16 -14.54
N ASN C 199 3.81 21.36 -13.83
CA ASN C 199 3.96 19.92 -13.89
C ASN C 199 3.10 19.24 -14.91
N ILE C 200 1.83 19.70 -15.11
CA ILE C 200 0.95 19.02 -16.05
C ILE C 200 0.46 19.91 -17.23
N ILE C 201 -0.16 21.08 -16.94
CA ILE C 201 -0.70 22.00 -17.96
C ILE C 201 0.37 22.49 -18.98
N LEU C 202 1.45 23.17 -18.54
CA LEU C 202 2.47 23.69 -19.47
C LEU C 202 3.24 22.58 -20.22
N PRO C 203 3.73 21.49 -19.60
CA PRO C 203 4.39 20.43 -20.39
C PRO C 203 3.46 19.85 -21.47
N MET C 204 2.16 19.70 -21.14
CA MET C 204 1.14 19.20 -22.05
C MET C 204 0.94 20.14 -23.23
N LEU C 205 1.03 21.47 -22.99
CA LEU C 205 0.89 22.50 -24.02
C LEU C 205 2.13 22.54 -24.91
N PHE C 206 3.34 22.40 -24.32
CA PHE C 206 4.59 22.39 -25.07
C PHE C 206 4.64 21.29 -26.10
N ILE C 207 4.27 20.04 -25.73
CA ILE C 207 4.27 18.89 -26.64
C ILE C 207 3.24 19.09 -27.76
N LEU C 208 2.07 19.69 -27.44
CA LEU C 208 1.04 19.99 -28.43
C LEU C 208 1.54 21.03 -29.46
N PHE C 209 2.22 22.10 -28.97
CA PHE C 209 2.77 23.15 -29.83
C PHE C 209 3.90 22.61 -30.68
N ILE C 210 4.66 21.64 -30.16
CA ILE C 210 5.73 20.97 -30.89
C ILE C 210 5.15 20.18 -32.06
N SER C 211 3.96 19.55 -31.85
CA SER C 211 3.29 18.82 -32.93
C SER C 211 2.90 19.75 -34.08
N TRP C 212 2.62 21.04 -33.77
CA TRP C 212 2.20 22.04 -34.75
C TRP C 212 3.34 22.60 -35.61
N THR C 213 4.59 22.24 -35.31
CA THR C 213 5.73 22.64 -36.12
C THR C 213 5.69 21.90 -37.47
N ALA C 214 4.87 20.80 -37.55
CA ALA C 214 4.64 20.01 -38.76
C ALA C 214 3.93 20.84 -39.84
N PHE C 215 3.33 21.99 -39.45
CA PHE C 215 2.67 22.91 -40.38
C PHE C 215 3.67 23.85 -41.10
N TRP C 216 4.96 23.75 -40.73
CA TRP C 216 6.06 24.49 -41.34
C TRP C 216 7.09 23.50 -41.92
N SER C 217 6.62 22.27 -42.18
CA SER C 217 7.42 21.20 -42.73
C SER C 217 6.67 20.44 -43.84
N THR C 218 7.40 20.16 -44.93
CA THR C 218 6.94 19.42 -46.10
C THR C 218 7.39 17.93 -46.03
N SER C 219 8.30 17.62 -45.08
CA SER C 219 8.81 16.28 -44.86
C SER C 219 7.77 15.44 -44.12
N TYR C 220 7.06 14.57 -44.87
CA TYR C 220 6.03 13.68 -44.32
C TYR C 220 6.57 12.75 -43.24
N GLU C 221 7.76 12.17 -43.46
CA GLU C 221 8.42 11.25 -42.54
C GLU C 221 8.74 11.92 -41.20
N ALA C 222 9.18 13.19 -41.24
CA ALA C 222 9.47 14.00 -40.05
C ALA C 222 8.18 14.43 -39.33
N ASN C 223 7.16 14.79 -40.13
CA ASN C 223 5.83 15.19 -39.65
C ASN C 223 5.15 14.05 -38.89
N VAL C 224 5.22 12.83 -39.44
CA VAL C 224 4.67 11.63 -38.82
C VAL C 224 5.34 11.44 -37.48
N THR C 225 6.70 11.57 -37.45
CA THR C 225 7.50 11.48 -36.23
C THR C 225 7.10 12.56 -35.21
N LEU C 226 6.89 13.83 -35.66
CA LEU C 226 6.46 14.93 -34.80
C LEU C 226 5.11 14.72 -34.15
N VAL C 227 4.08 14.40 -34.95
CA VAL C 227 2.71 14.27 -34.43
C VAL C 227 2.51 12.97 -33.62
N VAL C 228 3.07 11.85 -34.08
CA VAL C 228 2.90 10.57 -33.39
C VAL C 228 3.65 10.54 -32.04
N SER C 229 4.93 11.01 -32.02
CA SER C 229 5.75 11.05 -30.80
C SER C 229 5.15 11.91 -29.70
N THR C 230 4.72 13.14 -30.06
CA THR C 230 4.06 14.06 -29.11
C THR C 230 2.73 13.51 -28.62
N LEU C 231 1.97 12.73 -29.47
CA LEU C 231 0.72 12.09 -29.09
C LEU C 231 0.98 11.06 -27.98
N ILE C 232 2.11 10.31 -28.12
CA ILE C 232 2.55 9.29 -27.14
C ILE C 232 2.82 9.95 -25.77
N ALA C 233 3.52 11.13 -25.82
CA ALA C 233 3.79 11.97 -24.63
C ALA C 233 2.49 12.46 -23.98
N HIS C 234 1.47 12.81 -24.80
CA HIS C 234 0.15 13.23 -24.33
C HIS C 234 -0.62 12.09 -23.68
N ILE C 235 -0.45 10.84 -24.18
CA ILE C 235 -1.07 9.65 -23.61
C ILE C 235 -0.53 9.46 -22.20
N ALA C 236 0.84 9.63 -22.05
CA ALA C 236 1.58 9.55 -20.79
C ALA C 236 0.98 10.51 -19.70
N PHE C 237 0.71 11.75 -20.11
CA PHE C 237 0.10 12.74 -19.25
C PHE C 237 -1.35 12.41 -18.93
N ASN C 238 -2.14 11.90 -19.91
CA ASN C 238 -3.54 11.51 -19.67
C ASN C 238 -3.59 10.42 -18.60
N ILE C 239 -2.69 9.40 -18.74
CA ILE C 239 -2.60 8.29 -17.79
C ILE C 239 -2.19 8.79 -16.38
N LEU C 240 -1.17 9.67 -16.31
CA LEU C 240 -0.67 10.27 -15.06
C LEU C 240 -1.78 10.98 -14.34
N VAL C 241 -2.61 11.79 -15.08
CA VAL C 241 -3.73 12.58 -14.52
C VAL C 241 -4.83 11.67 -13.93
N GLU C 242 -5.24 10.61 -14.69
CA GLU C 242 -6.31 9.74 -14.24
C GLU C 242 -5.91 8.82 -13.07
N THR C 243 -4.58 8.68 -12.78
CA THR C 243 -4.11 7.92 -11.60
C THR C 243 -4.31 8.75 -10.29
N ASN C 244 -4.31 10.11 -10.39
CA ASN C 244 -4.51 11.03 -9.25
C ASN C 244 -6.01 11.27 -8.96
N LEU C 245 -6.91 10.79 -9.84
CA LEU C 245 -8.34 11.01 -9.73
C LEU C 245 -9.21 9.76 -9.73
N PRO C 246 -10.37 9.78 -9.00
CA PRO C 246 -11.28 8.64 -9.10
C PRO C 246 -12.12 8.75 -10.38
N LYS C 247 -12.77 7.63 -10.73
CA LYS C 247 -13.62 7.54 -11.90
C LYS C 247 -14.93 8.26 -11.59
N THR C 248 -15.22 9.26 -12.39
CA THR C 248 -16.38 10.11 -12.22
C THR C 248 -17.46 9.87 -13.31
N PRO C 249 -18.76 9.90 -12.93
CA PRO C 249 -19.83 9.78 -13.96
C PRO C 249 -20.08 11.11 -14.73
N TYR C 250 -19.08 12.00 -14.72
CA TYR C 250 -19.09 13.32 -15.33
C TYR C 250 -17.70 13.69 -15.83
N MET C 251 -17.61 14.74 -16.66
CA MET C 251 -16.30 15.15 -17.16
C MET C 251 -15.69 16.14 -16.20
N THR C 252 -14.39 16.03 -15.92
CA THR C 252 -13.71 17.02 -15.11
C THR C 252 -13.15 18.07 -16.08
N TYR C 253 -12.80 19.28 -15.58
CA TYR C 253 -12.26 20.35 -16.42
C TYR C 253 -10.94 19.91 -17.11
N THR C 254 -10.03 19.26 -16.36
CA THR C 254 -8.75 18.75 -16.86
C THR C 254 -8.96 17.59 -17.83
N GLY C 255 -9.92 16.74 -17.51
CA GLY C 255 -10.29 15.59 -18.33
C GLY C 255 -10.83 16.00 -19.67
N ALA C 256 -11.61 17.10 -19.69
CA ALA C 256 -12.16 17.70 -20.89
C ALA C 256 -11.06 18.25 -21.83
N ILE C 257 -10.09 19.01 -21.26
CA ILE C 257 -8.93 19.56 -21.98
C ILE C 257 -8.10 18.41 -22.55
N ILE C 258 -7.72 17.42 -21.72
CA ILE C 258 -6.95 16.27 -22.13
C ILE C 258 -7.64 15.52 -23.28
N PHE C 259 -8.98 15.30 -23.18
CA PHE C 259 -9.74 14.60 -24.22
C PHE C 259 -9.76 15.39 -25.51
N MET C 260 -9.99 16.72 -25.40
CA MET C 260 -10.03 17.63 -26.54
C MET C 260 -8.69 17.64 -27.33
N ILE C 261 -7.54 17.59 -26.61
CA ILE C 261 -6.21 17.59 -27.20
C ILE C 261 -6.02 16.36 -28.12
N TYR C 262 -6.69 15.22 -27.83
CA TYR C 262 -6.66 14.01 -28.68
C TYR C 262 -7.22 14.33 -30.05
N LEU C 263 -8.32 15.12 -30.11
CA LEU C 263 -8.94 15.52 -31.37
C LEU C 263 -7.97 16.38 -32.21
N PHE C 264 -7.20 17.26 -31.53
CA PHE C 264 -6.19 18.10 -32.16
C PHE C 264 -5.06 17.30 -32.75
N TYR C 265 -4.67 16.19 -32.08
CA TYR C 265 -3.64 15.28 -32.57
C TYR C 265 -4.18 14.52 -33.77
N PHE C 266 -5.46 14.09 -33.68
CA PHE C 266 -6.12 13.36 -34.75
C PHE C 266 -6.24 14.18 -36.02
N VAL C 267 -6.71 15.46 -35.91
CA VAL C 267 -6.87 16.34 -37.06
C VAL C 267 -5.51 16.71 -37.66
N ALA C 268 -4.46 16.87 -36.78
CA ALA C 268 -3.08 17.14 -37.21
C ALA C 268 -2.56 16.00 -38.07
N VAL C 269 -2.86 14.73 -37.69
CA VAL C 269 -2.49 13.55 -38.49
C VAL C 269 -3.21 13.61 -39.87
N ILE C 270 -4.51 13.94 -39.88
CA ILE C 270 -5.28 14.06 -41.12
C ILE C 270 -4.61 15.10 -42.05
N GLU C 271 -4.29 16.30 -41.50
CA GLU C 271 -3.64 17.37 -42.26
C GLU C 271 -2.31 16.88 -42.86
N VAL C 272 -1.46 16.24 -42.01
CA VAL C 272 -0.15 15.71 -42.39
C VAL C 272 -0.29 14.66 -43.52
N THR C 273 -1.36 13.83 -43.44
CA THR C 273 -1.70 12.81 -44.44
C THR C 273 -2.15 13.46 -45.76
N VAL C 274 -3.11 14.44 -45.66
CA VAL C 274 -3.67 15.17 -46.79
C VAL C 274 -2.57 15.92 -47.55
N GLN C 275 -1.69 16.62 -46.82
CA GLN C 275 -0.53 17.34 -47.36
C GLN C 275 0.33 16.39 -48.21
N HIS C 276 0.77 15.26 -47.64
CA HIS C 276 1.58 14.27 -48.34
C HIS C 276 0.85 13.67 -49.55
N TYR C 277 -0.44 13.30 -49.39
CA TYR C 277 -1.24 12.71 -50.48
C TYR C 277 -1.27 13.63 -51.73
N LEU C 278 -1.50 14.95 -51.52
CA LEU C 278 -1.55 15.96 -52.60
C LEU C 278 -0.20 16.15 -53.28
N LYS C 279 0.88 16.16 -52.46
CA LYS C 279 2.29 16.25 -52.88
C LYS C 279 2.63 15.10 -53.85
N VAL C 280 2.27 13.85 -53.46
CA VAL C 280 2.47 12.63 -54.25
C VAL C 280 1.65 12.69 -55.57
N GLU C 281 0.43 13.27 -55.47
CA GLU C 281 -0.55 13.47 -56.54
C GLU C 281 -0.17 14.65 -57.48
N SER C 282 1.00 15.27 -57.23
CA SER C 282 1.54 16.43 -57.94
C SER C 282 0.60 17.64 -57.90
N GLN C 283 0.04 17.93 -56.71
CA GLN C 283 -0.83 19.08 -56.45
C GLN C 283 -0.29 19.83 -55.19
N PRO C 284 1.00 20.28 -55.18
CA PRO C 284 1.53 20.94 -53.99
C PRO C 284 1.02 22.33 -53.70
N ALA C 285 0.51 23.05 -54.72
CA ALA C 285 -0.03 24.39 -54.53
C ALA C 285 -1.25 24.34 -53.62
N ARG C 286 -2.03 23.24 -53.75
CA ARG C 286 -3.24 22.97 -52.97
C ARG C 286 -2.85 22.54 -51.53
N ALA C 287 -1.85 21.66 -51.41
CA ALA C 287 -1.30 21.18 -50.15
C ALA C 287 -0.79 22.37 -49.35
N ALA C 288 -0.14 23.34 -50.03
CA ALA C 288 0.38 24.57 -49.44
C ALA C 288 -0.73 25.41 -48.84
N SER C 289 -1.92 25.47 -49.50
CA SER C 289 -3.10 26.23 -49.03
C SER C 289 -3.62 25.63 -47.73
N ILE C 290 -3.72 24.29 -47.67
CA ILE C 290 -4.22 23.58 -46.48
C ILE C 290 -3.23 23.76 -45.31
N THR C 291 -1.92 23.63 -45.57
CA THR C 291 -0.87 23.75 -44.56
C THR C 291 -0.81 25.17 -43.99
N ARG C 292 -0.91 26.19 -44.86
CA ARG C 292 -0.90 27.60 -44.46
C ARG C 292 -2.12 27.95 -43.62
N ALA C 293 -3.30 27.38 -43.97
CA ALA C 293 -4.56 27.58 -43.25
C ALA C 293 -4.46 26.96 -41.87
N SER C 294 -3.83 25.75 -41.78
CA SER C 294 -3.64 24.99 -40.56
C SER C 294 -2.80 25.72 -39.53
N ARG C 295 -1.82 26.53 -40.00
CA ARG C 295 -0.93 27.35 -39.18
C ARG C 295 -1.71 28.36 -38.33
N ILE C 296 -2.84 28.87 -38.88
CA ILE C 296 -3.74 29.81 -38.21
C ILE C 296 -4.87 29.05 -37.51
N ALA C 297 -5.55 28.13 -38.25
CA ALA C 297 -6.70 27.35 -37.76
C ALA C 297 -6.43 26.57 -36.43
N PHE C 298 -5.35 25.76 -36.37
CA PHE C 298 -5.02 24.99 -35.18
C PHE C 298 -4.87 25.84 -33.90
N PRO C 299 -4.00 26.90 -33.83
CA PRO C 299 -3.95 27.70 -32.59
C PRO C 299 -5.25 28.47 -32.29
N VAL C 300 -5.94 28.98 -33.34
CA VAL C 300 -7.20 29.73 -33.18
C VAL C 300 -8.32 28.84 -32.61
N VAL C 301 -8.57 27.67 -33.26
CA VAL C 301 -9.61 26.73 -32.83
C VAL C 301 -9.26 26.23 -31.43
N PHE C 302 -7.96 26.00 -31.12
CA PHE C 302 -7.52 25.57 -29.78
C PHE C 302 -7.84 26.60 -28.68
N LEU C 303 -7.58 27.90 -28.97
CA LEU C 303 -7.85 29.01 -28.08
C LEU C 303 -9.35 29.17 -27.87
N LEU C 304 -10.16 29.19 -28.96
CA LEU C 304 -11.62 29.33 -28.88
C LEU C 304 -12.30 28.15 -28.17
N ALA C 305 -11.85 26.91 -28.45
CA ALA C 305 -12.38 25.72 -27.81
C ALA C 305 -12.12 25.71 -26.30
N ASN C 306 -10.96 26.27 -25.89
CA ASN C 306 -10.58 26.39 -24.47
C ASN C 306 -11.40 27.47 -23.77
N ILE C 307 -11.74 28.57 -24.50
CA ILE C 307 -12.60 29.64 -23.99
C ILE C 307 -14.00 29.04 -23.75
N ILE C 308 -14.52 28.25 -24.74
CA ILE C 308 -15.81 27.55 -24.64
C ILE C 308 -15.83 26.60 -23.42
N LEU C 309 -14.78 25.75 -23.28
CA LEU C 309 -14.66 24.83 -22.14
C LEU C 309 -14.62 25.54 -20.78
N ALA C 310 -13.77 26.61 -20.65
CA ALA C 310 -13.64 27.39 -19.42
C ALA C 310 -14.98 28.03 -19.07
N PHE C 311 -15.75 28.46 -20.08
CA PHE C 311 -17.07 29.04 -19.90
C PHE C 311 -18.03 28.01 -19.37
N LEU C 312 -18.05 26.79 -19.97
CA LEU C 312 -18.95 25.70 -19.56
C LEU C 312 -18.69 25.21 -18.14
N PHE C 313 -17.41 25.23 -17.73
CA PHE C 313 -16.99 24.76 -16.41
C PHE C 313 -16.96 25.83 -15.33
N PHE C 314 -16.77 27.11 -15.65
CA PHE C 314 -16.68 28.16 -14.64
C PHE C 314 -17.63 29.36 -14.91
N VAL D 4 -8.39 9.14 41.84
CA VAL D 4 -7.21 9.98 42.06
C VAL D 4 -7.46 11.43 41.62
N SER D 5 -6.83 12.39 42.30
CA SER D 5 -6.95 13.83 42.00
C SER D 5 -5.54 14.45 41.90
N PRO D 6 -5.35 15.64 41.26
CA PRO D 6 -4.00 16.20 41.16
C PRO D 6 -3.37 16.64 42.49
N PRO D 7 -2.00 16.74 42.58
CA PRO D 7 -1.38 17.13 43.84
C PRO D 7 -1.80 18.51 44.28
N PRO D 8 -2.13 18.73 45.57
CA PRO D 8 -2.58 20.05 45.98
C PRO D 8 -1.44 21.07 46.04
N PRO D 9 -1.71 22.33 45.67
CA PRO D 9 -0.65 23.33 45.74
C PRO D 9 -0.40 23.81 47.17
N ILE D 10 0.87 23.96 47.49
CA ILE D 10 1.30 24.54 48.75
C ILE D 10 0.92 26.02 48.67
N ALA D 11 1.12 26.61 47.50
CA ALA D 11 0.97 28.02 47.21
C ALA D 11 0.20 28.32 45.92
N ASP D 12 0.33 29.56 45.41
CA ASP D 12 -0.29 30.03 44.17
C ASP D 12 0.31 29.31 42.96
N GLU D 13 1.39 28.55 43.18
CA GLU D 13 2.15 27.87 42.15
C GLU D 13 1.41 26.82 41.35
N PRO D 14 1.70 26.80 40.03
CA PRO D 14 1.17 25.74 39.14
C PRO D 14 2.02 24.49 39.27
N LEU D 15 1.49 23.33 38.90
CA LEU D 15 2.29 22.10 38.98
C LEU D 15 3.22 22.00 37.78
N THR D 16 4.54 21.93 38.05
CA THR D 16 5.56 21.82 37.01
C THR D 16 5.84 20.36 36.71
N VAL D 17 5.60 19.94 35.48
CA VAL D 17 5.88 18.59 35.05
C VAL D 17 7.14 18.68 34.16
N ASN D 18 8.27 18.18 34.68
CA ASN D 18 9.54 18.15 33.97
C ASN D 18 9.49 17.00 32.97
N THR D 19 9.86 17.30 31.72
CA THR D 19 9.80 16.33 30.64
C THR D 19 11.15 16.10 30.00
N GLY D 20 11.22 15.01 29.26
CA GLY D 20 12.38 14.57 28.50
C GLY D 20 12.02 13.51 27.48
N ILE D 21 12.61 13.60 26.28
CA ILE D 21 12.40 12.63 25.19
C ILE D 21 13.76 12.12 24.77
N TYR D 22 13.94 10.81 24.79
CA TYR D 22 15.18 10.16 24.37
C TYR D 22 14.86 9.24 23.18
N LEU D 23 15.27 9.66 21.96
CA LEU D 23 15.04 8.91 20.72
C LEU D 23 15.82 7.61 20.65
N ILE D 24 15.11 6.49 20.45
CA ILE D 24 15.68 5.15 20.34
C ILE D 24 15.78 4.78 18.87
N GLU D 25 14.70 5.05 18.11
CA GLU D 25 14.55 4.77 16.67
C GLU D 25 13.82 5.90 15.94
N CYS D 26 14.30 6.21 14.72
CA CYS D 26 13.74 7.18 13.78
C CYS D 26 13.66 6.49 12.48
N TYR D 27 12.47 6.45 11.91
CA TYR D 27 12.25 5.74 10.65
C TYR D 27 11.04 6.30 9.91
N SER D 28 10.89 5.86 8.66
CA SER D 28 9.79 6.17 7.76
C SER D 28 9.47 7.69 7.64
N LEU D 29 10.47 8.50 7.24
CA LEU D 29 10.16 9.89 6.92
C LEU D 29 9.53 9.85 5.52
N ASP D 30 8.22 10.07 5.47
CA ASP D 30 7.40 10.08 4.27
C ASP D 30 7.30 11.54 3.80
N ASP D 31 7.96 11.88 2.67
CA ASP D 31 7.96 13.21 2.07
C ASP D 31 6.58 13.64 1.58
N LYS D 32 5.91 12.74 0.84
CA LYS D 32 4.57 12.98 0.31
C LYS D 32 3.55 13.20 1.44
N ALA D 33 3.57 12.34 2.48
CA ALA D 33 2.66 12.45 3.65
C ALA D 33 3.04 13.48 4.72
N GLU D 34 4.32 13.93 4.70
CA GLU D 34 4.97 14.88 5.62
C GLU D 34 4.91 14.35 7.07
N THR D 35 5.18 13.04 7.22
CA THR D 35 5.18 12.30 8.48
C THR D 35 6.48 11.56 8.71
N PHE D 36 6.73 11.14 9.94
CA PHE D 36 7.88 10.34 10.35
C PHE D 36 7.49 9.53 11.56
N LYS D 37 8.03 8.32 11.67
CA LYS D 37 7.74 7.45 12.81
C LYS D 37 8.88 7.56 13.81
N VAL D 38 8.51 7.51 15.09
CA VAL D 38 9.47 7.65 16.17
C VAL D 38 9.23 6.58 17.24
N ASN D 39 10.31 6.04 17.79
CA ASN D 39 10.29 5.12 18.92
C ASN D 39 11.23 5.77 19.97
N ALA D 40 10.67 6.22 21.11
CA ALA D 40 11.45 6.94 22.10
C ALA D 40 11.00 6.72 23.54
N PHE D 41 11.83 7.19 24.47
CA PHE D 41 11.55 7.18 25.89
C PHE D 41 10.96 8.53 26.21
N LEU D 42 9.89 8.56 27.02
CA LEU D 42 9.29 9.80 27.52
C LEU D 42 9.44 9.77 29.02
N SER D 43 10.19 10.74 29.57
CA SER D 43 10.39 10.84 31.02
C SER D 43 9.57 12.00 31.59
N LEU D 44 8.89 11.76 32.71
CA LEU D 44 8.07 12.78 33.36
C LEU D 44 8.44 12.86 34.84
N SER D 45 8.45 14.08 35.41
CA SER D 45 8.80 14.31 36.82
C SER D 45 8.03 15.47 37.42
N TRP D 46 7.41 15.24 38.58
CA TRP D 46 6.60 16.22 39.29
C TRP D 46 6.60 15.88 40.77
N LYS D 47 6.24 16.86 41.62
CA LYS D 47 6.18 16.69 43.07
C LYS D 47 4.75 16.46 43.54
N ASP D 48 4.55 15.33 44.22
CA ASP D 48 3.28 14.95 44.81
C ASP D 48 3.58 14.72 46.27
N ARG D 49 3.27 15.73 47.10
CA ARG D 49 3.53 15.69 48.53
C ARG D 49 2.80 14.54 49.23
N ARG D 50 1.60 14.16 48.73
CA ARG D 50 0.76 13.08 49.27
C ARG D 50 1.46 11.72 49.28
N LEU D 51 2.49 11.57 48.41
CA LEU D 51 3.28 10.35 48.26
C LEU D 51 4.63 10.39 48.99
N ALA D 52 4.92 11.49 49.73
CA ALA D 52 6.16 11.65 50.50
C ALA D 52 6.25 10.62 51.63
N PHE D 53 7.49 10.25 52.01
CA PHE D 53 7.76 9.26 53.06
C PHE D 53 9.10 9.52 53.76
N ASP D 54 9.27 8.92 54.96
CA ASP D 54 10.51 9.01 55.74
C ASP D 54 11.35 7.77 55.41
N PRO D 55 12.64 7.93 54.97
CA PRO D 55 13.44 6.76 54.57
C PRO D 55 13.77 5.78 55.68
N VAL D 56 13.94 6.27 56.92
CA VAL D 56 14.30 5.49 58.11
C VAL D 56 13.22 4.44 58.46
N ARG D 57 11.97 4.88 58.76
CA ARG D 57 10.85 4.00 59.14
C ARG D 57 10.30 3.14 57.98
N SER D 58 10.59 3.53 56.75
CA SER D 58 10.18 2.78 55.57
C SER D 58 11.22 1.73 55.18
N GLY D 59 12.50 2.04 55.42
CA GLY D 59 13.63 1.18 55.09
C GLY D 59 13.98 1.24 53.62
N VAL D 60 13.24 2.04 52.86
CA VAL D 60 13.42 2.20 51.42
C VAL D 60 13.77 3.66 51.07
N ARG D 61 14.71 3.82 50.13
CA ARG D 61 15.18 5.11 49.65
C ARG D 61 14.33 5.59 48.48
N VAL D 62 13.54 4.65 47.93
CA VAL D 62 12.67 4.82 46.77
C VAL D 62 11.42 3.90 46.87
N LYS D 63 10.29 4.32 46.31
CA LYS D 63 9.06 3.54 46.30
C LYS D 63 8.50 3.42 44.90
N THR D 64 8.24 2.18 44.46
CA THR D 64 7.69 1.87 43.14
C THR D 64 6.17 1.73 43.21
N TYR D 65 5.47 2.32 42.23
CA TYR D 65 4.00 2.30 42.12
C TYR D 65 3.57 1.85 40.73
N GLU D 66 2.32 1.35 40.64
CA GLU D 66 1.69 0.98 39.38
C GLU D 66 0.98 2.26 38.90
N PRO D 67 0.92 2.53 37.57
CA PRO D 67 0.30 3.80 37.10
C PRO D 67 -1.09 4.15 37.66
N GLU D 68 -1.93 3.11 37.87
CA GLU D 68 -3.29 3.24 38.40
C GLU D 68 -3.32 3.63 39.86
N ALA D 69 -2.29 3.25 40.64
CA ALA D 69 -2.20 3.54 42.07
C ALA D 69 -2.04 5.02 42.42
N ILE D 70 -1.37 5.80 41.52
CA ILE D 70 -1.12 7.22 41.77
C ILE D 70 -1.64 8.13 40.64
N TRP D 71 -1.68 9.45 40.94
CA TRP D 71 -2.07 10.47 39.97
C TRP D 71 -0.90 10.71 39.01
N ILE D 72 -1.18 10.63 37.70
CA ILE D 72 -0.22 10.85 36.63
C ILE D 72 -0.78 11.89 35.65
N PRO D 73 0.01 12.94 35.28
CA PRO D 73 -0.51 13.95 34.35
C PRO D 73 -0.83 13.40 32.98
N GLU D 74 -1.96 13.84 32.40
CA GLU D 74 -2.40 13.46 31.06
C GLU D 74 -1.58 14.24 30.02
N ILE D 75 -0.43 13.67 29.65
CA ILE D 75 0.51 14.27 28.68
C ILE D 75 0.17 13.72 27.30
N ARG D 76 -0.02 14.62 26.32
CA ARG D 76 -0.35 14.24 24.98
C ARG D 76 0.58 14.88 23.96
N PHE D 77 0.63 14.35 22.74
CA PHE D 77 1.40 14.91 21.65
C PHE D 77 0.41 15.64 20.77
N VAL D 78 0.76 16.85 20.33
CA VAL D 78 -0.13 17.63 19.49
C VAL D 78 -0.19 17.07 18.09
N ASN D 79 0.98 16.95 17.43
CA ASN D 79 1.10 16.58 16.02
C ASN D 79 1.26 15.08 15.74
N VAL D 80 0.35 14.27 16.28
CA VAL D 80 0.38 12.82 16.06
C VAL D 80 -0.87 12.41 15.30
N GLU D 81 -0.73 11.38 14.41
CA GLU D 81 -1.82 10.83 13.63
C GLU D 81 -2.86 10.24 14.60
N ASN D 82 -2.43 9.25 15.38
CA ASN D 82 -3.25 8.62 16.41
C ASN D 82 -2.51 8.74 17.73
N ALA D 83 -3.20 8.45 18.85
CA ALA D 83 -2.61 8.47 20.20
C ALA D 83 -1.43 7.50 20.24
N ARG D 84 -0.29 7.92 20.86
CA ARG D 84 0.95 7.14 20.98
C ARG D 84 0.73 5.74 21.56
N ASP D 85 1.51 4.78 21.09
CA ASP D 85 1.48 3.42 21.60
C ASP D 85 2.51 3.48 22.71
N ALA D 86 2.06 3.51 23.99
CA ALA D 86 2.95 3.64 25.14
C ALA D 86 2.91 2.48 26.08
N ASP D 87 4.09 2.17 26.67
CA ASP D 87 4.32 1.12 27.66
C ASP D 87 5.12 1.73 28.80
N VAL D 88 4.56 1.73 30.02
CA VAL D 88 5.23 2.28 31.20
C VAL D 88 6.38 1.33 31.57
N VAL D 89 7.60 1.90 31.69
CA VAL D 89 8.83 1.19 32.01
C VAL D 89 9.03 1.21 33.53
N ASP D 90 8.97 2.42 34.14
CA ASP D 90 9.17 2.59 35.56
C ASP D 90 8.57 3.87 36.15
N ILE D 91 8.09 3.78 37.40
CA ILE D 91 7.53 4.86 38.22
C ILE D 91 8.20 4.72 39.59
N SER D 92 9.10 5.68 39.92
CA SER D 92 9.87 5.74 41.17
C SER D 92 9.59 7.02 41.97
N VAL D 93 9.34 6.88 43.28
CA VAL D 93 9.04 8.00 44.17
C VAL D 93 10.14 8.17 45.21
N SER D 94 10.71 9.38 45.30
CA SER D 94 11.78 9.71 46.25
C SER D 94 11.16 10.20 47.56
N PRO D 95 11.92 10.30 48.69
CA PRO D 95 11.30 10.68 49.97
C PRO D 95 10.45 11.96 49.97
N ASP D 96 10.85 13.02 49.24
CA ASP D 96 10.09 14.29 49.19
C ASP D 96 8.81 14.21 48.31
N GLY D 97 8.58 13.06 47.70
CA GLY D 97 7.42 12.83 46.87
C GLY D 97 7.64 13.15 45.42
N THR D 98 8.91 13.29 44.99
CA THR D 98 9.28 13.58 43.60
C THR D 98 9.08 12.29 42.78
N VAL D 99 8.10 12.31 41.89
CA VAL D 99 7.79 11.15 41.05
C VAL D 99 8.66 11.19 39.79
N GLN D 100 9.23 10.03 39.43
CA GLN D 100 10.04 9.84 38.23
C GLN D 100 9.38 8.75 37.37
N TYR D 101 8.70 9.20 36.32
CA TYR D 101 7.94 8.39 35.38
C TYR D 101 8.74 8.20 34.11
N LEU D 102 8.71 6.98 33.57
CA LEU D 102 9.39 6.63 32.34
C LEU D 102 8.57 5.64 31.53
N GLU D 103 8.31 5.99 30.28
CA GLU D 103 7.57 5.18 29.34
C GLU D 103 8.30 5.12 28.04
N ARG D 104 8.14 4.00 27.32
CA ARG D 104 8.69 3.87 25.98
C ARG D 104 7.48 3.93 25.03
N PHE D 105 7.54 4.82 24.04
CA PHE D 105 6.44 5.00 23.11
C PHE D 105 6.89 4.93 21.67
N SER D 106 5.92 4.75 20.78
CA SER D 106 6.06 4.78 19.33
C SER D 106 4.89 5.62 18.79
N ALA D 107 5.19 6.55 17.87
CA ALA D 107 4.17 7.43 17.30
C ALA D 107 4.52 7.90 15.89
N ARG D 108 3.47 8.16 15.08
CA ARG D 108 3.62 8.70 13.72
C ARG D 108 3.32 10.17 13.86
N VAL D 109 4.33 10.98 13.59
CA VAL D 109 4.29 12.43 13.81
C VAL D 109 4.07 13.20 12.49
N LEU D 110 3.14 14.18 12.50
CA LEU D 110 2.85 15.09 11.38
C LEU D 110 3.77 16.28 11.55
N SER D 111 4.66 16.49 10.62
CA SER D 111 5.55 17.64 10.70
C SER D 111 5.78 18.22 9.29
N PRO D 112 5.29 19.45 9.00
CA PRO D 112 5.41 20.00 7.66
C PRO D 112 6.86 20.12 7.19
N LEU D 113 7.05 19.89 5.86
CA LEU D 113 8.35 19.94 5.22
C LEU D 113 8.42 21.03 4.14
N ASP D 114 9.56 21.73 4.08
CA ASP D 114 9.83 22.80 3.09
C ASP D 114 10.67 22.21 1.97
N PHE D 115 10.04 22.00 0.81
CA PHE D 115 10.70 21.38 -0.35
C PHE D 115 11.36 22.36 -1.33
N ARG D 116 11.35 23.67 -1.01
CA ARG D 116 11.91 24.72 -1.88
C ARG D 116 13.33 24.42 -2.39
N ARG D 117 14.21 23.86 -1.53
CA ARG D 117 15.58 23.58 -1.94
C ARG D 117 15.85 22.10 -2.25
N TYR D 118 14.80 21.26 -2.41
CA TYR D 118 14.88 19.84 -2.72
C TYR D 118 15.73 19.56 -3.97
N PRO D 119 16.64 18.56 -3.94
CA PRO D 119 16.97 17.64 -2.86
C PRO D 119 18.12 18.10 -1.96
N PHE D 120 18.42 19.40 -1.94
CA PHE D 120 19.47 19.99 -1.10
C PHE D 120 18.84 20.73 0.11
N ASP D 121 17.73 20.18 0.61
CA ASP D 121 16.94 20.73 1.69
C ASP D 121 17.29 20.19 3.06
N SER D 122 17.00 21.00 4.08
CA SER D 122 17.15 20.69 5.50
C SER D 122 15.78 20.91 6.14
N GLN D 123 15.46 20.15 7.18
CA GLN D 123 14.16 20.24 7.85
C GLN D 123 14.32 20.30 9.34
N THR D 124 13.31 20.87 10.03
CA THR D 124 13.23 20.89 11.49
C THR D 124 11.93 20.15 11.82
N LEU D 125 12.07 18.88 12.19
CA LEU D 125 10.92 18.06 12.58
C LEU D 125 10.53 18.45 14.01
N HIS D 126 9.21 18.51 14.29
CA HIS D 126 8.72 18.89 15.62
C HIS D 126 7.95 17.77 16.29
N ILE D 127 8.11 17.66 17.61
CA ILE D 127 7.37 16.75 18.46
C ILE D 127 6.82 17.67 19.55
N TYR D 128 5.51 17.99 19.50
CA TYR D 128 4.90 18.92 20.46
C TYR D 128 4.26 18.21 21.60
N LEU D 129 4.80 18.41 22.80
CA LEU D 129 4.29 17.84 24.06
C LEU D 129 3.27 18.81 24.64
N ILE D 130 2.14 18.30 25.11
CA ILE D 130 1.10 19.18 25.65
C ILE D 130 0.41 18.59 26.88
N VAL D 131 -0.04 19.48 27.80
CA VAL D 131 -0.80 19.15 29.01
C VAL D 131 -1.93 20.16 29.21
N ARG D 132 -3.13 19.66 29.57
CA ARG D 132 -4.27 20.55 29.81
C ARG D 132 -4.42 20.81 31.32
N SER D 133 -4.71 22.06 31.71
CA SER D 133 -4.91 22.39 33.10
C SER D 133 -6.26 21.85 33.57
N VAL D 134 -6.35 21.54 34.88
CA VAL D 134 -7.55 21.02 35.53
C VAL D 134 -8.19 22.13 36.37
N ASP D 135 -9.45 21.93 36.81
CA ASP D 135 -10.14 22.96 37.59
C ASP D 135 -9.47 23.21 38.92
N THR D 136 -8.94 22.15 39.57
CA THR D 136 -8.25 22.26 40.85
C THR D 136 -6.94 23.10 40.72
N ARG D 137 -6.13 22.92 39.64
CA ARG D 137 -4.90 23.70 39.43
C ARG D 137 -4.32 23.61 38.00
N ASN D 138 -3.51 24.62 37.65
CA ASN D 138 -2.82 24.74 36.37
C ASN D 138 -1.58 23.90 36.33
N ILE D 139 -1.44 23.17 35.21
CA ILE D 139 -0.32 22.28 34.96
C ILE D 139 0.54 22.90 33.86
N VAL D 140 1.83 23.11 34.18
CA VAL D 140 2.84 23.71 33.29
C VAL D 140 3.95 22.69 33.01
N LEU D 141 4.46 22.66 31.76
CA LEU D 141 5.55 21.77 31.33
C LEU D 141 6.93 22.43 31.38
N ALA D 142 7.97 21.64 31.66
CA ALA D 142 9.35 22.09 31.72
C ALA D 142 10.25 21.06 31.05
N VAL D 143 11.47 21.45 30.67
CA VAL D 143 12.41 20.54 30.04
C VAL D 143 13.56 20.21 31.01
N ASP D 144 13.81 18.90 31.23
CA ASP D 144 14.94 18.41 32.00
C ASP D 144 15.94 18.03 30.92
N LEU D 145 16.88 18.93 30.64
CA LEU D 145 17.88 18.78 29.56
C LEU D 145 18.73 17.52 29.70
N GLU D 146 18.90 17.03 30.94
CA GLU D 146 19.65 15.81 31.24
C GLU D 146 18.94 14.57 30.71
N LYS D 147 17.62 14.67 30.44
CA LYS D 147 16.80 13.56 29.96
C LYS D 147 16.29 13.76 28.51
N VAL D 148 16.96 14.66 27.75
CA VAL D 148 16.70 14.92 26.32
C VAL D 148 17.92 14.45 25.53
N GLY D 149 17.71 13.55 24.58
CA GLY D 149 18.79 13.03 23.77
C GLY D 149 18.36 12.04 22.71
N LYS D 150 19.33 11.30 22.18
CA LYS D 150 19.11 10.28 21.17
C LYS D 150 20.23 9.25 21.20
N ASN D 151 19.89 8.01 20.83
CA ASN D 151 20.82 6.90 20.73
C ASN D 151 21.78 7.22 19.54
N ASP D 152 23.06 6.84 19.69
CA ASP D 152 24.12 7.05 18.69
C ASP D 152 23.81 6.35 17.35
N ASP D 153 23.16 5.18 17.42
CA ASP D 153 22.76 4.34 16.29
C ASP D 153 21.52 4.86 15.54
N VAL D 154 20.82 5.92 16.05
CA VAL D 154 19.61 6.51 15.41
C VAL D 154 19.97 6.97 13.99
N PHE D 155 19.33 6.32 13.00
CA PHE D 155 19.55 6.59 11.59
C PHE D 155 18.21 6.81 10.90
N LEU D 156 18.12 7.82 10.06
CA LEU D 156 16.92 8.07 9.27
C LEU D 156 17.36 7.94 7.81
N THR D 157 16.95 6.83 7.16
CA THR D 157 17.31 6.48 5.77
C THR D 157 17.17 7.67 4.83
N GLY D 158 18.28 8.01 4.16
CA GLY D 158 18.34 9.13 3.22
C GLY D 158 18.48 10.51 3.82
N TRP D 159 18.71 10.58 5.15
CA TRP D 159 18.88 11.83 5.87
C TRP D 159 20.03 11.76 6.86
N ASP D 160 20.59 12.94 7.19
CA ASP D 160 21.63 13.12 8.19
C ASP D 160 20.96 13.77 9.40
N ILE D 161 21.12 13.20 10.59
CA ILE D 161 20.51 13.78 11.78
C ILE D 161 21.51 14.73 12.41
N GLU D 162 21.15 16.03 12.50
CA GLU D 162 22.02 17.06 13.05
C GLU D 162 21.91 17.18 14.55
N SER D 163 20.71 17.55 15.05
CA SER D 163 20.46 17.73 16.48
C SER D 163 19.05 17.39 16.90
N PHE D 164 18.90 17.09 18.19
CA PHE D 164 17.63 16.86 18.86
C PHE D 164 17.68 17.67 20.15
N THR D 165 17.01 18.84 20.11
CA THR D 165 16.94 19.79 21.22
C THR D 165 15.47 20.14 21.52
N ALA D 166 15.24 20.80 22.67
CA ALA D 166 13.91 21.22 23.06
C ALA D 166 13.92 22.69 23.40
N VAL D 167 12.84 23.41 23.00
CA VAL D 167 12.63 24.82 23.32
C VAL D 167 12.16 24.78 24.78
N VAL D 168 13.07 25.16 25.70
CA VAL D 168 12.91 25.09 27.17
C VAL D 168 11.69 25.84 27.71
N LYS D 169 11.32 26.99 27.09
CA LYS D 169 10.16 27.78 27.52
C LYS D 169 8.87 27.26 26.85
N PRO D 170 7.87 26.78 27.64
CA PRO D 170 6.63 26.28 27.03
C PRO D 170 5.73 27.41 26.57
N ALA D 171 4.83 27.06 25.64
CA ALA D 171 3.85 27.98 25.08
C ALA D 171 2.59 27.78 25.85
N ASN D 172 2.32 28.66 26.83
CA ASN D 172 1.11 28.61 27.68
C ASN D 172 0.00 29.47 27.05
N PHE D 173 -1.18 28.88 26.81
CA PHE D 173 -2.32 29.52 26.13
C PHE D 173 -3.65 28.89 26.51
N ALA D 174 -4.76 29.61 26.21
CA ALA D 174 -6.12 29.14 26.50
C ALA D 174 -6.70 28.38 25.32
N LEU D 175 -7.33 27.23 25.60
CA LEU D 175 -8.00 26.39 24.61
C LEU D 175 -9.20 25.72 25.28
N GLU D 176 -10.41 26.07 24.79
CA GLU D 176 -11.73 25.61 25.30
C GLU D 176 -11.90 25.90 26.83
N ASP D 177 -11.69 27.17 27.21
CA ASP D 177 -11.78 27.74 28.57
C ASP D 177 -10.79 27.11 29.59
N ARG D 178 -9.75 26.41 29.12
CA ARG D 178 -8.73 25.87 30.01
C ARG D 178 -7.36 26.14 29.44
N LEU D 179 -6.42 26.39 30.33
CA LEU D 179 -5.04 26.70 30.01
C LEU D 179 -4.32 25.42 29.55
N GLU D 180 -3.44 25.57 28.54
CA GLU D 180 -2.67 24.48 27.99
C GLU D 180 -1.19 24.83 27.90
N SER D 181 -0.31 23.90 28.29
CA SER D 181 1.15 24.09 28.31
C SER D 181 1.79 23.21 27.25
N LYS D 182 2.38 23.84 26.21
CA LYS D 182 2.96 23.16 25.03
C LYS D 182 4.50 23.30 24.94
N LEU D 183 5.21 22.17 24.79
CA LEU D 183 6.66 22.15 24.59
C LEU D 183 7.02 21.73 23.17
N ASP D 184 8.07 22.34 22.60
CA ASP D 184 8.54 22.03 21.25
C ASP D 184 9.87 21.29 21.21
N TYR D 185 9.83 19.98 20.92
CA TYR D 185 11.01 19.13 20.72
C TYR D 185 11.38 19.16 19.23
N GLN D 186 12.59 19.63 18.90
CA GLN D 186 13.03 19.80 17.50
C GLN D 186 14.15 18.85 17.05
N LEU D 187 13.87 18.09 15.99
CA LEU D 187 14.81 17.17 15.37
C LEU D 187 15.27 17.75 14.02
N ARG D 188 16.49 18.30 13.98
CA ARG D 188 17.05 18.93 12.78
C ARG D 188 17.74 17.90 11.92
N ILE D 189 17.31 17.83 10.65
CA ILE D 189 17.80 16.87 9.68
C ILE D 189 18.15 17.56 8.39
N SER D 190 19.11 17.00 7.64
CA SER D 190 19.53 17.49 6.32
C SER D 190 19.53 16.32 5.36
N ARG D 191 18.97 16.54 4.18
CA ARG D 191 18.84 15.51 3.16
C ARG D 191 20.17 15.10 2.57
N GLN D 192 20.33 13.78 2.37
CA GLN D 192 21.48 13.17 1.69
C GLN D 192 21.14 13.21 0.19
N TYR D 193 21.62 14.29 -0.48
CA TYR D 193 21.36 14.59 -1.90
C TYR D 193 22.17 13.72 -2.88
N PHE D 194 23.23 13.01 -2.40
CA PHE D 194 24.12 12.18 -3.22
C PHE D 194 23.47 11.45 -4.37
N SER D 195 22.54 10.51 -4.08
CA SER D 195 21.89 9.64 -5.06
C SER D 195 21.16 10.36 -6.18
N TYR D 196 20.72 11.60 -5.94
CA TYR D 196 20.01 12.42 -6.92
C TYR D 196 20.88 12.81 -8.11
N ILE D 197 22.20 12.93 -7.88
CA ILE D 197 23.19 13.26 -8.91
C ILE D 197 23.31 12.13 -9.97
N PRO D 198 23.69 10.85 -9.66
CA PRO D 198 23.78 9.85 -10.73
C PRO D 198 22.44 9.28 -11.21
N ASN D 199 21.38 9.44 -10.39
CA ASN D 199 20.08 8.86 -10.76
C ASN D 199 19.18 9.80 -11.49
N ILE D 200 19.16 11.10 -11.12
CA ILE D 200 18.23 12.03 -11.79
C ILE D 200 18.94 13.21 -12.52
N ILE D 201 19.79 13.99 -11.81
CA ILE D 201 20.46 15.17 -12.37
C ILE D 201 21.35 14.85 -13.60
N LEU D 202 22.37 13.99 -13.47
CA LEU D 202 23.25 13.68 -14.62
C LEU D 202 22.54 12.97 -15.78
N PRO D 203 21.69 11.92 -15.59
CA PRO D 203 20.98 11.36 -16.75
C PRO D 203 20.13 12.39 -17.50
N MET D 204 19.49 13.31 -16.73
CA MET D 204 18.67 14.36 -17.28
C MET D 204 19.51 15.35 -18.11
N LEU D 205 20.77 15.60 -17.69
CA LEU D 205 21.71 16.48 -18.41
C LEU D 205 22.21 15.82 -19.67
N PHE D 206 22.51 14.50 -19.61
CA PHE D 206 22.99 13.74 -20.76
C PHE D 206 22.01 13.75 -21.91
N ILE D 207 20.70 13.50 -21.65
CA ILE D 207 19.67 13.49 -22.68
C ILE D 207 19.49 14.89 -23.30
N LEU D 208 19.61 15.95 -22.46
CA LEU D 208 19.53 17.33 -22.93
C LEU D 208 20.72 17.67 -23.88
N PHE D 209 21.94 17.24 -23.49
CA PHE D 209 23.14 17.47 -24.30
C PHE D 209 23.08 16.69 -25.60
N ILE D 210 22.45 15.50 -25.58
CA ILE D 210 22.23 14.67 -26.77
C ILE D 210 21.31 15.39 -27.75
N SER D 211 20.28 16.11 -27.23
CA SER D 211 19.38 16.89 -28.09
C SER D 211 20.13 18.00 -28.82
N TRP D 212 21.21 18.54 -28.21
CA TRP D 212 22.00 19.63 -28.78
C TRP D 212 22.95 19.20 -29.90
N THR D 213 23.05 17.87 -30.16
CA THR D 213 23.87 17.38 -31.26
C THR D 213 23.19 17.74 -32.59
N ALA D 214 21.88 18.10 -32.54
CA ALA D 214 21.07 18.54 -33.69
C ALA D 214 21.60 19.86 -34.27
N PHE D 215 22.45 20.58 -33.51
CA PHE D 215 23.08 21.83 -33.95
C PHE D 215 24.32 21.58 -34.82
N TRP D 216 24.69 20.31 -34.99
CA TRP D 216 25.80 19.87 -35.86
C TRP D 216 25.27 18.92 -36.91
N SER D 217 23.95 19.01 -37.18
CA SER D 217 23.27 18.20 -38.17
C SER D 217 22.32 19.02 -39.03
N THR D 218 22.35 18.73 -40.34
CA THR D 218 21.51 19.36 -41.37
C THR D 218 20.30 18.47 -41.71
N SER D 219 20.32 17.22 -41.23
CA SER D 219 19.26 16.25 -41.45
C SER D 219 18.08 16.55 -40.53
N TYR D 220 17.02 17.16 -41.08
CA TYR D 220 15.80 17.53 -40.34
C TYR D 220 15.13 16.31 -39.71
N GLU D 221 15.03 15.21 -40.44
CA GLU D 221 14.41 13.95 -40.00
C GLU D 221 15.12 13.39 -38.76
N ALA D 222 16.46 13.45 -38.77
CA ALA D 222 17.32 12.98 -37.68
C ALA D 222 17.23 13.94 -36.48
N ASN D 223 17.17 15.25 -36.76
CA ASN D 223 17.06 16.31 -35.76
C ASN D 223 15.75 16.20 -35.00
N VAL D 224 14.63 15.95 -35.72
CA VAL D 224 13.31 15.77 -35.15
C VAL D 224 13.36 14.58 -34.20
N THR D 225 14.00 13.46 -34.66
CA THR D 225 14.19 12.24 -33.88
C THR D 225 15.03 12.53 -32.63
N LEU D 226 16.13 13.32 -32.75
CA LEU D 226 16.99 13.70 -31.62
C LEU D 226 16.27 14.51 -30.54
N VAL D 227 15.61 15.62 -30.93
CA VAL D 227 14.98 16.51 -29.97
C VAL D 227 13.68 15.91 -29.38
N VAL D 228 12.84 15.27 -30.21
CA VAL D 228 11.58 14.71 -29.72
C VAL D 228 11.81 13.51 -28.79
N SER D 229 12.71 12.56 -29.18
CA SER D 229 13.01 11.38 -28.37
C SER D 229 13.57 11.71 -26.99
N THR D 230 14.54 12.65 -26.95
CA THR D 230 15.13 13.10 -25.67
C THR D 230 14.12 13.84 -24.81
N LEU D 231 13.16 14.58 -25.45
CA LEU D 231 12.08 15.29 -24.74
C LEU D 231 11.19 14.28 -24.01
N ILE D 232 10.90 13.12 -24.67
CA ILE D 232 10.11 12.03 -24.12
C ILE D 232 10.79 11.43 -22.87
N ALA D 233 12.13 11.24 -22.97
CA ALA D 233 12.99 10.79 -21.86
C ALA D 233 12.95 11.80 -20.69
N HIS D 234 12.91 13.12 -20.99
CA HIS D 234 12.82 14.18 -19.99
C HIS D 234 11.45 14.19 -19.30
N ILE D 235 10.38 13.85 -20.05
CA ILE D 235 9.01 13.76 -19.50
C ILE D 235 8.99 12.64 -18.46
N ALA D 236 9.63 11.49 -18.80
CA ALA D 236 9.80 10.31 -17.93
C ALA D 236 10.45 10.68 -16.56
N PHE D 237 11.51 11.51 -16.61
CA PHE D 237 12.21 12.01 -15.43
C PHE D 237 11.37 12.98 -14.65
N ASN D 238 10.62 13.89 -15.34
CA ASN D 238 9.72 14.84 -14.68
C ASN D 238 8.65 14.08 -13.87
N ILE D 239 8.03 13.03 -14.50
CA ILE D 239 7.00 12.22 -13.88
C ILE D 239 7.59 11.46 -12.66
N LEU D 240 8.80 10.87 -12.82
CA LEU D 240 9.51 10.13 -11.75
C LEU D 240 9.74 11.01 -10.55
N VAL D 241 10.18 12.28 -10.78
CA VAL D 241 10.48 13.26 -9.73
C VAL D 241 9.23 13.64 -8.95
N GLU D 242 8.11 13.95 -9.66
CA GLU D 242 6.89 14.39 -9.02
C GLU D 242 6.15 13.27 -8.25
N THR D 243 6.49 11.97 -8.50
CA THR D 243 5.93 10.85 -7.73
C THR D 243 6.59 10.76 -6.32
N ASN D 244 7.84 11.23 -6.17
CA ASN D 244 8.60 11.24 -4.91
C ASN D 244 8.27 12.48 -4.04
N LEU D 245 7.50 13.46 -4.59
CA LEU D 245 7.19 14.72 -3.93
C LEU D 245 5.70 15.04 -3.82
N PRO D 246 5.28 15.75 -2.71
CA PRO D 246 3.88 16.21 -2.66
C PRO D 246 3.73 17.48 -3.52
N LYS D 247 2.46 17.83 -3.82
CA LYS D 247 2.14 19.00 -4.61
C LYS D 247 2.29 20.21 -3.72
N THR D 248 3.17 21.12 -4.14
CA THR D 248 3.50 22.34 -3.39
C THR D 248 2.95 23.61 -4.04
N PRO D 249 2.50 24.59 -3.22
CA PRO D 249 2.03 25.87 -3.77
C PRO D 249 3.19 26.83 -4.17
N TYR D 250 4.38 26.26 -4.36
CA TYR D 250 5.63 26.94 -4.69
C TYR D 250 6.49 26.05 -5.59
N MET D 251 7.50 26.66 -6.21
CA MET D 251 8.39 25.91 -7.07
C MET D 251 9.53 25.35 -6.22
N THR D 252 9.89 24.07 -6.47
CA THR D 252 11.04 23.47 -5.80
C THR D 252 12.25 23.74 -6.72
N TYR D 253 13.49 23.63 -6.19
CA TYR D 253 14.70 23.85 -6.97
C TYR D 253 14.80 22.87 -8.16
N THR D 254 14.53 21.57 -7.92
CA THR D 254 14.51 20.51 -8.94
C THR D 254 13.37 20.72 -9.93
N GLY D 255 12.21 21.11 -9.43
CA GLY D 255 11.03 21.40 -10.24
C GLY D 255 11.26 22.54 -11.21
N ALA D 256 12.00 23.58 -10.74
CA ALA D 256 12.41 24.75 -11.52
C ALA D 256 13.34 24.34 -12.68
N ILE D 257 14.37 23.51 -12.40
CA ILE D 257 15.32 22.99 -13.40
C ILE D 257 14.57 22.16 -14.43
N ILE D 258 13.78 21.20 -13.97
CA ILE D 258 12.97 20.34 -14.83
C ILE D 258 12.05 21.16 -15.73
N PHE D 259 11.35 22.18 -15.17
CA PHE D 259 10.47 23.03 -15.95
C PHE D 259 11.23 23.85 -17.01
N MET D 260 12.37 24.44 -16.61
CA MET D 260 13.23 25.22 -17.47
C MET D 260 13.75 24.41 -18.68
N ILE D 261 14.10 23.11 -18.46
CA ILE D 261 14.61 22.20 -19.50
C ILE D 261 13.55 22.01 -20.61
N TYR D 262 12.23 22.09 -20.27
CA TYR D 262 11.15 22.03 -21.27
C TYR D 262 11.25 23.17 -22.26
N LEU D 263 11.59 24.38 -21.78
CA LEU D 263 11.77 25.57 -22.63
C LEU D 263 12.94 25.37 -23.60
N PHE D 264 14.03 24.73 -23.12
CA PHE D 264 15.21 24.42 -23.93
C PHE D 264 14.88 23.43 -25.03
N TYR D 265 13.99 22.45 -24.75
CA TYR D 265 13.54 21.49 -25.74
C TYR D 265 12.64 22.19 -26.75
N PHE D 266 11.77 23.09 -26.25
CA PHE D 266 10.87 23.84 -27.10
C PHE D 266 11.61 24.76 -28.09
N VAL D 267 12.61 25.53 -27.59
CA VAL D 267 13.41 26.43 -28.44
C VAL D 267 14.27 25.64 -29.43
N ALA D 268 14.78 24.43 -29.01
CA ALA D 268 15.56 23.53 -29.87
C ALA D 268 14.69 23.05 -31.03
N VAL D 269 13.39 22.73 -30.77
CA VAL D 269 12.44 22.36 -31.84
C VAL D 269 12.26 23.56 -32.82
N ILE D 270 12.09 24.78 -32.29
CA ILE D 270 11.93 25.98 -33.12
C ILE D 270 13.17 26.13 -34.04
N GLU D 271 14.40 26.03 -33.47
CA GLU D 271 15.65 26.13 -34.22
C GLU D 271 15.69 25.08 -35.34
N VAL D 272 15.39 23.81 -35.00
CA VAL D 272 15.38 22.68 -35.92
C VAL D 272 14.37 22.91 -37.07
N THR D 273 13.20 23.52 -36.74
CA THR D 273 12.14 23.88 -37.68
C THR D 273 12.60 25.02 -38.61
N VAL D 274 13.16 26.11 -38.00
CA VAL D 274 13.67 27.29 -38.70
C VAL D 274 14.77 26.90 -39.69
N GLN D 275 15.75 26.08 -39.24
CA GLN D 275 16.85 25.56 -40.05
C GLN D 275 16.31 24.86 -41.28
N HIS D 276 15.41 23.87 -41.13
CA HIS D 276 14.80 23.14 -42.23
C HIS D 276 14.00 24.06 -43.15
N TYR D 277 13.17 24.96 -42.59
CA TYR D 277 12.36 25.89 -43.39
C TYR D 277 13.22 26.73 -44.38
N LEU D 278 14.35 27.28 -43.88
CA LEU D 278 15.29 28.11 -44.66
C LEU D 278 15.98 27.31 -45.75
N LYS D 279 16.38 26.06 -45.42
CA LYS D 279 17.01 25.08 -46.30
C LYS D 279 16.08 24.79 -47.51
N VAL D 280 14.79 24.52 -47.24
CA VAL D 280 13.75 24.26 -48.25
C VAL D 280 13.53 25.50 -49.14
N GLU D 281 13.58 26.70 -48.49
CA GLU D 281 13.42 28.04 -49.07
C GLU D 281 14.67 28.52 -49.84
N SER D 282 15.69 27.63 -49.96
CA SER D 282 16.98 27.88 -50.63
C SER D 282 17.74 29.08 -50.02
N GLN D 283 17.77 29.13 -48.68
CA GLN D 283 18.52 30.15 -47.91
C GLN D 283 19.39 29.41 -46.85
N PRO D 284 20.29 28.46 -47.27
CA PRO D 284 21.09 27.71 -46.28
C PRO D 284 22.18 28.50 -45.58
N ALA D 285 22.69 29.58 -46.20
CA ALA D 285 23.72 30.43 -45.60
C ALA D 285 23.21 31.07 -44.33
N ARG D 286 21.91 31.42 -44.33
CA ARG D 286 21.19 32.02 -43.21
C ARG D 286 20.92 30.97 -42.10
N ALA D 287 20.46 29.77 -42.53
CA ALA D 287 20.20 28.65 -41.67
C ALA D 287 21.48 28.26 -40.93
N ALA D 288 22.62 28.30 -41.64
CA ALA D 288 23.95 28.01 -41.10
C ALA D 288 24.34 28.99 -39.99
N SER D 289 23.96 30.29 -40.14
CA SER D 289 24.24 31.35 -39.16
C SER D 289 23.46 31.07 -37.86
N ILE D 290 22.18 30.69 -37.98
CA ILE D 290 21.33 30.39 -36.83
C ILE D 290 21.83 29.14 -36.11
N THR D 291 22.19 28.09 -36.86
CA THR D 291 22.66 26.82 -36.31
C THR D 291 23.99 26.99 -35.58
N ARG D 292 24.93 27.77 -36.17
CA ARG D 292 26.24 28.06 -35.57
C ARG D 292 26.11 28.86 -34.28
N ALA D 293 25.16 29.82 -34.26
CA ALA D 293 24.88 30.65 -33.09
C ALA D 293 24.29 29.79 -31.96
N SER D 294 23.40 28.85 -32.32
CA SER D 294 22.71 27.94 -31.40
C SER D 294 23.68 27.03 -30.65
N ARG D 295 24.80 26.66 -31.32
CA ARG D 295 25.87 25.82 -30.76
C ARG D 295 26.50 26.47 -29.53
N ILE D 296 26.59 27.81 -29.51
CA ILE D 296 27.12 28.60 -28.40
C ILE D 296 25.98 29.04 -27.48
N ALA D 297 24.90 29.64 -28.04
CA ALA D 297 23.74 30.14 -27.30
C ALA D 297 23.09 29.13 -26.32
N PHE D 298 22.73 27.92 -26.80
CA PHE D 298 22.10 26.90 -25.97
C PHE D 298 22.92 26.51 -24.71
N PRO D 299 24.22 26.09 -24.80
CA PRO D 299 24.97 25.79 -23.56
C PRO D 299 25.20 27.03 -22.66
N VAL D 300 25.45 28.22 -23.27
CA VAL D 300 25.68 29.47 -22.53
C VAL D 300 24.44 29.90 -21.74
N VAL D 301 23.28 30.02 -22.43
CA VAL D 301 22.01 30.40 -21.80
C VAL D 301 21.65 29.37 -20.73
N PHE D 302 21.90 28.04 -20.99
CA PHE D 302 21.63 26.98 -20.00
C PHE D 302 22.46 27.12 -18.72
N LEU D 303 23.76 27.42 -18.85
CA LEU D 303 24.69 27.65 -17.75
C LEU D 303 24.28 28.91 -16.96
N LEU D 304 24.05 30.06 -17.65
CA LEU D 304 23.65 31.31 -16.99
C LEU D 304 22.29 31.21 -16.29
N ALA D 305 21.30 30.55 -16.93
CA ALA D 305 19.96 30.37 -16.36
C ALA D 305 20.01 29.52 -15.09
N ASN D 306 20.94 28.52 -15.06
CA ASN D 306 21.15 27.65 -13.90
C ASN D 306 21.84 28.40 -12.76
N ILE D 307 22.78 29.33 -13.10
CA ILE D 307 23.45 30.18 -12.12
C ILE D 307 22.38 31.10 -11.48
N ILE D 308 21.51 31.73 -12.34
CA ILE D 308 20.39 32.56 -11.89
C ILE D 308 19.44 31.76 -10.93
N LEU D 309 19.02 30.54 -11.34
CA LEU D 309 18.16 29.70 -10.52
C LEU D 309 18.80 29.32 -9.16
N ALA D 310 20.10 28.88 -9.18
CA ALA D 310 20.83 28.50 -7.96
C ALA D 310 20.94 29.71 -7.04
N PHE D 311 21.11 30.91 -7.61
CA PHE D 311 21.16 32.16 -6.84
C PHE D 311 19.82 32.43 -6.16
N LEU D 312 18.71 32.32 -6.92
CA LEU D 312 17.34 32.56 -6.42
C LEU D 312 16.93 31.59 -5.34
N PHE D 313 17.41 30.34 -5.42
CA PHE D 313 17.07 29.30 -4.46
C PHE D 313 18.03 29.17 -3.27
N PHE D 314 19.32 29.55 -3.41
CA PHE D 314 20.32 29.40 -2.34
C PHE D 314 21.09 30.68 -2.04
N VAL E 4 4.16 -7.82 42.69
CA VAL E 4 5.40 -8.60 42.61
C VAL E 4 6.63 -7.69 42.56
N SER E 5 7.76 -8.16 43.14
CA SER E 5 9.04 -7.46 43.20
C SER E 5 10.15 -8.38 42.69
N PRO E 6 11.33 -7.86 42.25
CA PRO E 6 12.40 -8.76 41.76
C PRO E 6 13.02 -9.68 42.81
N PRO E 7 13.66 -10.81 42.42
CA PRO E 7 14.26 -11.71 43.42
C PRO E 7 15.38 -11.01 44.17
N PRO E 8 15.48 -11.18 45.50
CA PRO E 8 16.53 -10.48 46.25
C PRO E 8 17.91 -11.10 46.07
N PRO E 9 18.98 -10.26 46.03
CA PRO E 9 20.33 -10.81 45.86
C PRO E 9 20.86 -11.40 47.15
N ILE E 10 21.49 -12.56 46.98
CA ILE E 10 22.18 -13.31 48.03
C ILE E 10 23.46 -12.54 48.35
N ALA E 11 24.08 -11.98 47.32
CA ALA E 11 25.34 -11.28 47.36
C ALA E 11 25.20 -9.96 46.62
N ASP E 12 26.24 -9.11 46.65
CA ASP E 12 26.23 -7.87 45.87
C ASP E 12 26.48 -8.33 44.43
N GLU E 13 25.43 -8.90 43.85
CA GLU E 13 25.40 -9.51 42.56
C GLU E 13 24.23 -9.02 41.73
N PRO E 14 24.38 -8.94 40.39
CA PRO E 14 23.23 -8.61 39.55
C PRO E 14 22.44 -9.87 39.15
N LEU E 15 21.16 -9.71 38.82
CA LEU E 15 20.35 -10.86 38.38
C LEU E 15 20.65 -11.20 36.92
N THR E 16 21.10 -12.44 36.68
CA THR E 16 21.41 -12.92 35.33
C THR E 16 20.17 -13.54 34.69
N VAL E 17 19.73 -12.97 33.58
CA VAL E 17 18.58 -13.48 32.85
C VAL E 17 19.16 -14.14 31.58
N ASN E 18 19.14 -15.48 31.54
CA ASN E 18 19.61 -16.25 30.41
C ASN E 18 18.56 -16.20 29.32
N THR E 19 19.00 -15.86 28.10
CA THR E 19 18.11 -15.69 26.96
C THR E 19 18.41 -16.63 25.84
N GLY E 20 17.44 -16.74 24.94
CA GLY E 20 17.50 -17.55 23.74
C GLY E 20 16.39 -17.18 22.76
N ILE E 21 16.73 -17.13 21.45
CA ILE E 21 15.78 -16.85 20.37
C ILE E 21 15.84 -18.00 19.38
N TYR E 22 14.68 -18.61 19.10
CA TYR E 22 14.59 -19.70 18.13
C TYR E 22 13.65 -19.25 17.01
N LEU E 23 14.20 -18.95 15.80
CA LEU E 23 13.44 -18.50 14.63
C LEU E 23 12.54 -19.57 14.06
N ILE E 24 11.24 -19.27 13.96
CA ILE E 24 10.22 -20.17 13.40
C ILE E 24 9.95 -19.75 11.95
N GLU E 25 9.82 -18.42 11.72
CA GLU E 25 9.52 -17.80 10.43
C GLU E 25 10.32 -16.51 10.24
N CYS E 26 10.80 -16.30 8.99
CA CYS E 26 11.51 -15.10 8.53
C CYS E 26 10.85 -14.76 7.29
N TYR E 27 10.35 -13.54 7.21
CA TYR E 27 9.64 -13.07 6.03
C TYR E 27 9.71 -11.55 5.89
N SER E 28 9.27 -11.06 4.75
CA SER E 28 9.16 -9.65 4.41
C SER E 28 10.44 -8.82 4.67
N LEU E 29 11.59 -9.22 4.06
CA LEU E 29 12.76 -8.37 4.12
C LEU E 29 12.50 -7.28 3.07
N ASP E 30 12.20 -6.07 3.58
CA ASP E 30 11.94 -4.87 2.79
C ASP E 30 13.26 -4.09 2.64
N ASP E 31 13.83 -4.08 1.42
CA ASP E 31 15.09 -3.39 1.11
C ASP E 31 14.97 -1.86 1.26
N LYS E 32 13.89 -1.29 0.67
CA LYS E 32 13.63 0.13 0.73
C LYS E 32 13.46 0.61 2.20
N ALA E 33 12.64 -0.13 3.01
CA ALA E 33 12.35 0.17 4.43
C ALA E 33 13.43 -0.24 5.43
N GLU E 34 14.34 -1.16 4.98
CA GLU E 34 15.43 -1.74 5.77
C GLU E 34 14.90 -2.48 7.03
N THR E 35 13.80 -3.22 6.82
CA THR E 35 13.08 -3.98 7.85
C THR E 35 12.87 -5.42 7.41
N PHE E 36 12.56 -6.28 8.38
CA PHE E 36 12.25 -7.70 8.18
C PHE E 36 11.32 -8.14 9.31
N LYS E 37 10.41 -9.06 8.99
CA LYS E 37 9.47 -9.57 9.97
C LYS E 37 9.99 -10.92 10.47
N VAL E 38 9.79 -11.17 11.76
CA VAL E 38 10.26 -12.38 12.41
C VAL E 38 9.17 -12.97 13.30
N ASN E 39 9.07 -14.30 13.30
CA ASN E 39 8.18 -15.07 14.17
C ASN E 39 9.10 -16.07 14.89
N ALA E 40 9.29 -15.91 16.19
CA ALA E 40 10.23 -16.75 16.94
C ALA E 40 9.84 -17.04 18.36
N PHE E 41 10.59 -17.97 18.97
CA PHE E 41 10.44 -18.33 20.38
C PHE E 41 11.44 -17.49 21.13
N LEU E 42 11.04 -16.91 22.28
CA LEU E 42 11.93 -16.18 23.17
C LEU E 42 11.94 -16.96 24.48
N SER E 43 13.11 -17.49 24.87
CA SER E 43 13.25 -18.20 26.13
C SER E 43 14.00 -17.36 27.15
N LEU E 44 13.51 -17.33 28.40
CA LEU E 44 14.11 -16.57 29.49
C LEU E 44 14.29 -17.49 30.70
N SER E 45 15.42 -17.34 31.42
CA SER E 45 15.73 -18.13 32.60
C SER E 45 16.49 -17.33 33.65
N TRP E 46 16.01 -17.37 34.89
CA TRP E 46 16.59 -16.68 36.05
C TRP E 46 16.27 -17.44 37.34
N LYS E 47 17.06 -17.20 38.40
CA LYS E 47 16.83 -17.84 39.70
C LYS E 47 16.04 -16.92 40.61
N ASP E 48 14.94 -17.48 41.15
CA ASP E 48 14.10 -16.79 42.13
C ASP E 48 13.97 -17.76 43.30
N ARG E 49 14.80 -17.56 44.35
CA ARG E 49 14.83 -18.43 45.53
C ARG E 49 13.51 -18.45 46.30
N ARG E 50 12.68 -17.39 46.14
CA ARG E 50 11.35 -17.25 46.75
C ARG E 50 10.39 -18.32 46.21
N LEU E 51 10.71 -18.87 45.04
CA LEU E 51 9.91 -19.90 44.37
C LEU E 51 10.48 -21.33 44.58
N ALA E 52 11.56 -21.48 45.39
CA ALA E 52 12.18 -22.77 45.66
C ALA E 52 11.24 -23.68 46.42
N PHE E 53 11.37 -24.99 46.21
CA PHE E 53 10.55 -26.02 46.85
C PHE E 53 11.27 -27.37 47.04
N ASP E 54 10.75 -28.23 47.93
CA ASP E 54 11.31 -29.55 48.18
C ASP E 54 10.69 -30.56 47.17
N PRO E 55 11.48 -31.26 46.33
CA PRO E 55 10.87 -32.20 45.37
C PRO E 55 10.39 -33.51 46.00
N VAL E 56 10.99 -33.92 47.15
CA VAL E 56 10.63 -35.15 47.87
C VAL E 56 9.22 -35.02 48.50
N ARG E 57 8.99 -33.96 49.33
CA ARG E 57 7.69 -33.70 49.99
C ARG E 57 6.60 -33.22 49.03
N SER E 58 6.94 -32.38 48.03
CA SER E 58 5.96 -31.86 47.07
C SER E 58 5.48 -32.94 46.09
N GLY E 59 6.32 -33.95 45.86
CA GLY E 59 6.04 -35.06 44.94
C GLY E 59 6.10 -34.64 43.48
N VAL E 60 6.20 -33.31 43.24
CA VAL E 60 6.27 -32.67 41.93
C VAL E 60 7.69 -32.21 41.63
N ARG E 61 8.16 -32.51 40.43
CA ARG E 61 9.48 -32.18 39.92
C ARG E 61 9.52 -30.71 39.48
N VAL E 62 8.40 -30.24 38.89
CA VAL E 62 8.23 -28.90 38.34
C VAL E 62 6.88 -28.31 38.72
N LYS E 63 6.84 -26.97 38.90
CA LYS E 63 5.63 -26.21 39.21
C LYS E 63 5.36 -25.24 38.08
N THR E 64 4.10 -25.20 37.62
CA THR E 64 3.69 -24.34 36.52
C THR E 64 2.98 -23.10 37.04
N TYR E 65 3.46 -21.92 36.65
CA TYR E 65 2.90 -20.64 37.06
C TYR E 65 2.35 -19.88 35.87
N GLU E 66 1.40 -18.99 36.16
CA GLU E 66 0.78 -18.07 35.21
C GLU E 66 1.65 -16.80 35.26
N PRO E 67 1.83 -16.05 34.15
CA PRO E 67 2.72 -14.86 34.18
C PRO E 67 2.47 -13.85 35.33
N GLU E 68 1.20 -13.65 35.70
CA GLU E 68 0.77 -12.73 36.75
C GLU E 68 1.14 -13.20 38.14
N ALA E 69 1.23 -14.53 38.36
CA ALA E 69 1.55 -15.13 39.65
C ALA E 69 2.98 -14.87 40.12
N ILE E 70 3.95 -14.75 39.18
CA ILE E 70 5.35 -14.54 39.52
C ILE E 70 5.96 -13.30 38.87
N TRP E 71 7.16 -12.92 39.35
CA TRP E 71 7.92 -11.79 38.83
C TRP E 71 8.59 -12.23 37.54
N ILE E 72 8.43 -11.42 36.48
CA ILE E 72 9.03 -11.67 35.17
C ILE E 72 9.82 -10.42 34.70
N PRO E 73 11.08 -10.56 34.27
CA PRO E 73 11.85 -9.37 33.82
C PRO E 73 11.25 -8.69 32.60
N GLU E 74 11.24 -7.35 32.59
CA GLU E 74 10.73 -6.56 31.45
C GLU E 74 11.80 -6.55 30.33
N ILE E 75 11.74 -7.57 29.47
CA ILE E 75 12.67 -7.74 28.34
C ILE E 75 12.07 -7.07 27.10
N ARG E 76 12.84 -6.20 26.46
CA ARG E 76 12.39 -5.48 25.27
C ARG E 76 13.38 -5.62 24.13
N PHE E 77 12.93 -5.31 22.91
CA PHE E 77 13.79 -5.32 21.72
C PHE E 77 14.11 -3.88 21.43
N VAL E 78 15.37 -3.59 21.10
CA VAL E 78 15.78 -2.22 20.82
C VAL E 78 15.26 -1.76 19.46
N ASN E 79 15.62 -2.51 18.41
CA ASN E 79 15.35 -2.17 17.01
C ASN E 79 14.04 -2.72 16.43
N VAL E 80 12.92 -2.45 17.12
CA VAL E 80 11.60 -2.86 16.65
C VAL E 80 10.75 -1.64 16.35
N GLU E 81 9.88 -1.74 15.32
CA GLU E 81 8.96 -0.66 14.93
C GLU E 81 7.99 -0.39 16.11
N ASN E 82 7.23 -1.44 16.50
CA ASN E 82 6.31 -1.41 17.64
C ASN E 82 6.70 -2.55 18.58
N ALA E 83 6.17 -2.53 19.82
CA ALA E 83 6.42 -3.58 20.81
C ALA E 83 5.92 -4.91 20.26
N ARG E 84 6.70 -6.00 20.48
CA ARG E 84 6.43 -7.35 19.97
C ARG E 84 5.04 -7.89 20.35
N ASP E 85 4.45 -8.68 19.45
CA ASP E 85 3.18 -9.32 19.68
C ASP E 85 3.57 -10.68 20.27
N ALA E 86 3.45 -10.80 21.61
CA ALA E 86 3.88 -12.01 22.32
C ALA E 86 2.75 -12.77 22.99
N ASP E 87 2.92 -14.11 23.03
CA ASP E 87 2.01 -15.08 23.64
C ASP E 87 2.87 -16.02 24.48
N VAL E 88 2.62 -16.07 25.80
CA VAL E 88 3.37 -16.93 26.71
C VAL E 88 2.94 -18.38 26.44
N VAL E 89 3.95 -19.26 26.19
CA VAL E 89 3.78 -20.68 25.89
C VAL E 89 3.86 -21.47 27.19
N ASP E 90 4.93 -21.25 27.99
CA ASP E 90 5.12 -21.95 29.25
C ASP E 90 6.04 -21.25 30.26
N ILE E 91 5.72 -21.42 31.56
CA ILE E 91 6.47 -20.98 32.73
C ILE E 91 6.61 -22.20 33.66
N SER E 92 7.86 -22.66 33.85
CA SER E 92 8.19 -23.81 34.66
C SER E 92 9.27 -23.48 35.68
N VAL E 93 9.04 -23.88 36.94
CA VAL E 93 9.96 -23.64 38.06
C VAL E 93 10.51 -24.96 38.60
N SER E 94 11.85 -25.06 38.66
CA SER E 94 12.58 -26.21 39.18
C SER E 94 12.65 -26.12 40.72
N PRO E 95 12.94 -27.22 41.46
CA PRO E 95 12.99 -27.15 42.93
C PRO E 95 13.90 -26.08 43.53
N ASP E 96 15.04 -25.80 42.89
CA ASP E 96 15.98 -24.77 43.37
C ASP E 96 15.48 -23.31 43.13
N GLY E 97 14.39 -23.16 42.39
CA GLY E 97 13.79 -21.87 42.08
C GLY E 97 14.16 -21.30 40.73
N THR E 98 14.82 -22.10 39.88
CA THR E 98 15.20 -21.65 38.53
C THR E 98 13.96 -21.64 37.63
N VAL E 99 13.61 -20.44 37.13
CA VAL E 99 12.44 -20.22 36.28
C VAL E 99 12.79 -20.38 34.80
N GLN E 100 11.95 -21.09 34.04
CA GLN E 100 12.09 -21.31 32.62
C GLN E 100 10.85 -20.79 31.91
N TYR E 101 11.01 -19.59 31.30
CA TYR E 101 9.98 -18.83 30.60
C TYR E 101 10.13 -19.03 29.12
N LEU E 102 9.01 -19.23 28.43
CA LEU E 102 8.97 -19.39 26.98
C LEU E 102 7.75 -18.69 26.38
N GLU E 103 8.02 -17.85 25.40
CA GLU E 103 6.98 -17.13 24.68
C GLU E 103 7.23 -17.21 23.18
N ARG E 104 6.17 -17.15 22.41
CA ARG E 104 6.29 -17.10 20.96
C ARG E 104 5.88 -15.68 20.58
N PHE E 105 6.74 -15.00 19.81
CA PHE E 105 6.49 -13.62 19.42
C PHE E 105 6.64 -13.42 17.92
N SER E 106 6.14 -12.28 17.46
CA SER E 106 6.24 -11.80 16.11
C SER E 106 6.61 -10.32 16.22
N ALA E 107 7.57 -9.85 15.40
CA ALA E 107 8.00 -8.45 15.40
C ALA E 107 8.58 -7.99 14.06
N ARG E 108 8.45 -6.67 13.74
CA ARG E 108 9.02 -6.03 12.56
C ARG E 108 10.29 -5.33 13.06
N VAL E 109 11.43 -5.79 12.58
CA VAL E 109 12.75 -5.34 13.04
C VAL E 109 13.42 -4.35 12.07
N LEU E 110 13.97 -3.25 12.59
CA LEU E 110 14.72 -2.22 11.86
C LEU E 110 16.18 -2.65 11.87
N SER E 111 16.73 -2.95 10.71
CA SER E 111 18.13 -3.35 10.66
C SER E 111 18.76 -2.76 9.37
N PRO E 112 19.71 -1.81 9.49
CA PRO E 112 20.31 -1.20 8.30
C PRO E 112 20.97 -2.20 7.34
N LEU E 113 20.86 -1.90 6.03
CA LEU E 113 21.39 -2.75 4.97
C LEU E 113 22.43 -2.00 4.15
N ASP E 114 23.53 -2.71 3.77
CA ASP E 114 24.62 -2.15 2.97
C ASP E 114 24.42 -2.59 1.53
N PHE E 115 24.01 -1.66 0.66
CA PHE E 115 23.72 -1.94 -0.74
C PHE E 115 24.89 -1.77 -1.71
N ARG E 116 26.09 -1.45 -1.18
CA ARG E 116 27.29 -1.20 -2.00
C ARG E 116 27.55 -2.30 -3.05
N ARG E 117 27.35 -3.58 -2.70
CA ARG E 117 27.62 -4.67 -3.65
C ARG E 117 26.36 -5.27 -4.29
N TYR E 118 25.19 -4.58 -4.19
CA TYR E 118 23.91 -5.00 -4.77
C TYR E 118 24.02 -5.31 -6.27
N PRO E 119 23.43 -6.44 -6.77
CA PRO E 119 22.66 -7.47 -6.07
C PRO E 119 23.50 -8.66 -5.62
N PHE E 120 24.83 -8.48 -5.46
CA PHE E 120 25.77 -9.52 -4.99
C PHE E 120 26.17 -9.22 -3.53
N ASP E 121 25.23 -8.66 -2.74
CA ASP E 121 25.43 -8.26 -1.35
C ASP E 121 25.03 -9.31 -0.34
N SER E 122 25.65 -9.22 0.84
CA SER E 122 25.40 -10.04 2.02
C SER E 122 25.10 -9.07 3.17
N GLN E 123 24.22 -9.47 4.11
CA GLN E 123 23.82 -8.62 5.22
C GLN E 123 23.89 -9.34 6.53
N THR E 124 24.03 -8.58 7.64
CA THR E 124 24.00 -9.08 9.02
C THR E 124 22.83 -8.38 9.69
N LEU E 125 21.69 -9.06 9.75
CA LEU E 125 20.50 -8.50 10.39
C LEU E 125 20.68 -8.63 11.91
N HIS E 126 20.23 -7.62 12.67
CA HIS E 126 20.37 -7.63 14.14
C HIS E 126 19.03 -7.63 14.84
N ILE E 127 18.96 -8.33 15.97
CA ILE E 127 17.81 -8.38 16.88
C ILE E 127 18.43 -8.07 18.23
N TYR E 128 18.24 -6.84 18.72
CA TYR E 128 18.84 -6.43 19.99
C TYR E 128 17.92 -6.62 21.17
N LEU E 129 18.28 -7.51 22.09
CA LEU E 129 17.54 -7.78 23.31
C LEU E 129 18.03 -6.84 24.39
N ILE E 130 17.11 -6.26 25.18
CA ILE E 130 17.50 -5.31 26.22
C ILE E 130 16.66 -5.44 27.47
N VAL E 131 17.30 -5.15 28.62
CA VAL E 131 16.68 -5.13 29.96
C VAL E 131 17.18 -3.91 30.74
N ARG E 132 16.25 -3.17 31.37
CA ARG E 132 16.60 -2.01 32.17
C ARG E 132 16.63 -2.43 33.63
N SER E 133 17.70 -2.07 34.35
CA SER E 133 17.84 -2.39 35.77
C SER E 133 16.80 -1.68 36.63
N VAL E 134 16.32 -2.39 37.66
CA VAL E 134 15.33 -1.86 38.63
C VAL E 134 16.08 -1.23 39.81
N ASP E 135 15.37 -0.41 40.61
CA ASP E 135 16.01 0.26 41.73
C ASP E 135 16.52 -0.69 42.81
N THR E 136 15.79 -1.80 43.04
CA THR E 136 16.18 -2.82 44.01
C THR E 136 17.47 -3.57 43.56
N ARG E 137 17.61 -3.95 42.26
CA ARG E 137 18.84 -4.59 41.78
C ARG E 137 19.04 -4.52 40.25
N ASN E 138 20.32 -4.65 39.85
CA ASN E 138 20.75 -4.60 38.46
C ASN E 138 20.47 -5.91 37.75
N ILE E 139 19.90 -5.83 36.54
CA ILE E 139 19.59 -7.01 35.74
C ILE E 139 20.54 -7.05 34.53
N VAL E 140 21.22 -8.19 34.36
CA VAL E 140 22.18 -8.45 33.29
C VAL E 140 21.68 -9.62 32.43
N LEU E 141 21.89 -9.55 31.10
CA LEU E 141 21.49 -10.58 30.15
C LEU E 141 22.64 -11.53 29.80
N ALA E 142 22.29 -12.78 29.49
CA ALA E 142 23.24 -13.82 29.12
C ALA E 142 22.64 -14.66 28.00
N VAL E 143 23.48 -15.39 27.28
CA VAL E 143 23.01 -16.23 26.18
C VAL E 143 23.13 -17.72 26.56
N ASP E 144 22.00 -18.45 26.45
CA ASP E 144 21.93 -19.89 26.61
C ASP E 144 21.98 -20.40 25.17
N LEU E 145 23.18 -20.79 24.71
CA LEU E 145 23.41 -21.22 23.32
C LEU E 145 22.56 -22.41 22.91
N GLU E 146 22.10 -23.19 23.90
CA GLU E 146 21.25 -24.37 23.71
C GLU E 146 19.82 -24.00 23.32
N LYS E 147 19.48 -22.73 23.51
CA LYS E 147 18.17 -22.24 23.19
C LYS E 147 18.20 -21.13 22.11
N VAL E 148 19.31 -21.08 21.31
CA VAL E 148 19.49 -20.16 20.17
C VAL E 148 19.55 -21.01 18.91
N GLY E 149 18.66 -20.73 17.96
CA GLY E 149 18.63 -21.48 16.71
C GLY E 149 17.56 -21.03 15.73
N LYS E 150 17.26 -21.90 14.76
CA LYS E 150 16.26 -21.64 13.74
C LYS E 150 15.71 -22.95 13.15
N ASN E 151 14.45 -22.92 12.72
CA ASN E 151 13.77 -24.05 12.08
C ASN E 151 14.45 -24.26 10.70
N ASP E 152 14.56 -25.53 10.29
CA ASP E 152 15.19 -25.93 9.02
C ASP E 152 14.47 -25.34 7.79
N ASP E 153 13.12 -25.23 7.89
CA ASP E 153 12.23 -24.70 6.86
C ASP E 153 12.24 -23.15 6.74
N VAL E 154 12.97 -22.42 7.64
CA VAL E 154 13.05 -20.95 7.63
C VAL E 154 13.63 -20.50 6.28
N PHE E 155 12.80 -19.79 5.51
CA PHE E 155 13.14 -19.29 4.20
C PHE E 155 12.83 -17.80 4.10
N LEU E 156 13.75 -17.04 3.55
CA LEU E 156 13.56 -15.62 3.34
C LEU E 156 13.64 -15.43 1.83
N THR E 157 12.47 -15.19 1.19
CA THR E 157 12.30 -15.03 -0.27
C THR E 157 13.39 -14.14 -0.86
N GLY E 158 14.13 -14.69 -1.83
CA GLY E 158 15.23 -14.00 -2.51
C GLY E 158 16.55 -13.91 -1.77
N TRP E 159 16.66 -14.62 -0.65
CA TRP E 159 17.87 -14.64 0.16
C TRP E 159 18.21 -16.05 0.62
N ASP E 160 19.50 -16.25 0.93
CA ASP E 160 20.04 -17.48 1.50
C ASP E 160 20.37 -17.18 2.95
N ILE E 161 19.88 -18.00 3.89
CA ILE E 161 20.16 -17.77 5.29
C ILE E 161 21.41 -18.56 5.67
N GLU E 162 22.45 -17.85 6.12
CA GLU E 162 23.73 -18.45 6.49
C GLU E 162 23.77 -18.93 7.90
N SER E 163 23.64 -18.00 8.86
CA SER E 163 23.70 -18.32 10.29
C SER E 163 22.85 -17.42 11.16
N PHE E 164 22.51 -17.92 12.34
CA PHE E 164 21.79 -17.20 13.37
C PHE E 164 22.51 -17.48 14.67
N THR E 165 23.35 -16.52 15.08
CA THR E 165 24.18 -16.60 16.28
C THR E 165 23.94 -15.38 17.18
N ALA E 166 24.44 -15.45 18.42
CA ALA E 166 24.31 -14.35 19.37
C ALA E 166 25.68 -14.02 19.94
N VAL E 167 25.93 -12.70 20.10
CA VAL E 167 27.17 -12.19 20.72
C VAL E 167 26.92 -12.42 22.21
N VAL E 168 27.59 -13.44 22.77
CA VAL E 168 27.43 -13.93 24.14
C VAL E 168 27.67 -12.88 25.24
N LYS E 169 28.61 -11.91 25.01
CA LYS E 169 28.91 -10.83 25.96
C LYS E 169 27.94 -9.66 25.75
N PRO E 170 27.09 -9.32 26.76
CA PRO E 170 26.17 -8.19 26.59
C PRO E 170 26.88 -6.86 26.68
N ALA E 171 26.25 -5.83 26.11
CA ALA E 171 26.74 -4.47 26.16
C ALA E 171 26.04 -3.79 27.33
N ASN E 172 26.74 -3.70 28.48
CA ASN E 172 26.22 -3.08 29.70
C ASN E 172 26.64 -1.60 29.74
N PHE E 173 25.63 -0.71 29.89
CA PHE E 173 25.81 0.74 29.83
C PHE E 173 24.74 1.50 30.61
N ALA E 174 25.01 2.77 30.90
CA ALA E 174 24.07 3.63 31.61
C ALA E 174 23.21 4.40 30.61
N LEU E 175 21.90 4.38 30.84
CA LEU E 175 20.92 5.11 30.03
C LEU E 175 19.87 5.70 30.96
N GLU E 176 19.78 7.05 30.97
CA GLU E 176 18.89 7.85 31.81
C GLU E 176 18.98 7.44 33.29
N ASP E 177 20.22 7.49 33.82
CA ASP E 177 20.60 7.25 35.22
C ASP E 177 20.29 5.83 35.77
N ARG E 178 20.31 4.79 34.88
CA ARG E 178 20.09 3.37 35.20
C ARG E 178 20.94 2.47 34.31
N LEU E 179 21.20 1.24 34.76
CA LEU E 179 21.93 0.29 33.94
C LEU E 179 21.02 -0.41 32.92
N GLU E 180 21.57 -0.66 31.75
CA GLU E 180 20.93 -1.32 30.64
C GLU E 180 21.85 -2.47 30.15
N SER E 181 21.29 -3.67 29.94
CA SER E 181 22.03 -4.85 29.46
C SER E 181 21.47 -5.24 28.10
N LYS E 182 22.31 -5.10 27.04
CA LYS E 182 21.93 -5.33 25.65
C LYS E 182 22.64 -6.51 25.00
N LEU E 183 21.87 -7.43 24.39
CA LEU E 183 22.40 -8.58 23.66
C LEU E 183 22.18 -8.43 22.16
N ASP E 184 23.15 -8.88 21.35
CA ASP E 184 23.07 -8.80 19.90
C ASP E 184 22.90 -10.16 19.23
N TYR E 185 21.67 -10.42 18.74
CA TYR E 185 21.33 -11.62 17.97
C TYR E 185 21.53 -11.29 16.48
N GLN E 186 22.43 -12.02 15.80
CA GLN E 186 22.78 -11.76 14.39
C GLN E 186 22.33 -12.82 13.40
N LEU E 187 21.56 -12.40 12.41
CA LEU E 187 21.08 -13.26 11.33
C LEU E 187 21.83 -12.89 10.03
N ARG E 188 22.78 -13.73 9.62
CA ARG E 188 23.58 -13.51 8.43
C ARG E 188 22.90 -14.09 7.19
N ILE E 189 22.69 -13.23 6.19
CA ILE E 189 22.01 -13.58 4.95
C ILE E 189 22.82 -13.12 3.73
N SER E 190 22.67 -13.82 2.59
CA SER E 190 23.32 -13.46 1.34
C SER E 190 22.27 -13.47 0.25
N ARG E 191 22.29 -12.43 -0.59
CA ARG E 191 21.30 -12.26 -1.65
C ARG E 191 21.44 -13.27 -2.76
N GLN E 192 20.28 -13.77 -3.24
CA GLN E 192 20.17 -14.67 -4.38
C GLN E 192 20.12 -13.77 -5.63
N TYR E 193 21.29 -13.54 -6.24
CA TYR E 193 21.49 -12.65 -7.40
C TYR E 193 21.03 -13.22 -8.75
N PHE E 194 20.78 -14.55 -8.84
CA PHE E 194 20.38 -15.24 -10.08
C PHE E 194 19.46 -14.45 -10.99
N SER E 195 18.21 -14.15 -10.54
CA SER E 195 17.17 -13.47 -11.32
C SER E 195 17.58 -12.14 -11.95
N TYR E 196 18.57 -11.43 -11.34
CA TYR E 196 19.08 -10.14 -11.82
C TYR E 196 19.78 -10.25 -13.17
N ILE E 197 20.37 -11.43 -13.44
CA ILE E 197 21.07 -11.71 -14.68
C ILE E 197 20.09 -11.74 -15.89
N PRO E 198 19.05 -12.62 -15.99
CA PRO E 198 18.17 -12.59 -17.17
C PRO E 198 17.13 -11.45 -17.17
N ASN E 199 16.87 -10.84 -16.00
CA ASN E 199 15.85 -9.79 -15.94
C ASN E 199 16.38 -8.41 -16.09
N ILE E 200 17.58 -8.10 -15.52
CA ILE E 200 18.12 -6.72 -15.61
C ILE E 200 19.49 -6.62 -16.33
N ILE E 201 20.51 -7.37 -15.88
CA ILE E 201 21.88 -7.31 -16.44
C ILE E 201 21.94 -7.65 -17.97
N LEU E 202 21.51 -8.86 -18.39
CA LEU E 202 21.57 -9.24 -19.80
C LEU E 202 20.67 -8.38 -20.72
N PRO E 203 19.38 -8.08 -20.40
CA PRO E 203 18.61 -7.20 -21.29
C PRO E 203 19.26 -5.83 -21.47
N MET E 204 19.88 -5.30 -20.38
CA MET E 204 20.57 -4.03 -20.38
C MET E 204 21.80 -4.08 -21.28
N LEU E 205 22.50 -5.24 -21.32
CA LEU E 205 23.67 -5.45 -22.19
C LEU E 205 23.28 -5.58 -23.64
N PHE E 206 22.16 -6.30 -23.92
CA PHE E 206 21.66 -6.47 -25.27
C PHE E 206 21.34 -5.16 -25.97
N ILE E 207 20.60 -4.25 -25.28
CA ILE E 207 20.24 -2.94 -25.83
C ILE E 207 21.48 -2.08 -26.06
N LEU E 208 22.50 -2.17 -25.16
CA LEU E 208 23.76 -1.45 -25.31
C LEU E 208 24.53 -1.94 -26.57
N PHE E 209 24.57 -3.28 -26.75
CA PHE E 209 25.26 -3.89 -27.90
C PHE E 209 24.54 -3.56 -29.19
N ILE E 210 23.20 -3.42 -29.14
CA ILE E 210 22.38 -3.03 -30.29
C ILE E 210 22.73 -1.62 -30.71
N SER E 211 22.99 -0.71 -29.73
CA SER E 211 23.39 0.66 -30.02
C SER E 211 24.73 0.70 -30.79
N TRP E 212 25.61 -0.29 -30.55
CA TRP E 212 26.93 -0.37 -31.18
C TRP E 212 26.91 -0.87 -32.64
N THR E 213 25.74 -1.29 -33.14
CA THR E 213 25.60 -1.68 -34.54
C THR E 213 25.69 -0.43 -35.43
N ALA E 214 25.55 0.78 -34.83
CA ALA E 214 25.67 2.07 -35.50
C ALA E 214 27.11 2.32 -35.99
N PHE E 215 28.07 1.53 -35.48
CA PHE E 215 29.48 1.60 -35.91
C PHE E 215 29.74 0.82 -37.22
N TRP E 216 28.70 0.14 -37.74
CA TRP E 216 28.72 -0.60 -39.00
C TRP E 216 27.66 -0.03 -39.94
N SER E 217 27.26 1.23 -39.68
CA SER E 217 26.26 1.95 -40.47
C SER E 217 26.69 3.38 -40.75
N THR E 218 26.48 3.80 -42.00
CA THR E 218 26.77 5.15 -42.50
C THR E 218 25.49 6.01 -42.52
N SER E 219 24.33 5.37 -42.32
CA SER E 219 23.03 6.04 -42.29
C SER E 219 22.86 6.76 -40.95
N TYR E 220 23.04 8.09 -40.95
CA TYR E 220 22.91 8.94 -39.77
C TYR E 220 21.53 8.86 -39.15
N GLU E 221 20.48 8.88 -39.99
CA GLU E 221 19.09 8.82 -39.57
C GLU E 221 18.76 7.51 -38.79
N ALA E 222 19.32 6.39 -39.28
CA ALA E 222 19.18 5.06 -38.68
C ALA E 222 20.00 4.96 -37.39
N ASN E 223 21.22 5.55 -37.40
CA ASN E 223 22.14 5.61 -36.27
C ASN E 223 21.54 6.38 -35.10
N VAL E 224 20.92 7.54 -35.39
CA VAL E 224 20.24 8.36 -34.41
C VAL E 224 19.13 7.54 -33.76
N THR E 225 18.34 6.82 -34.60
CA THR E 225 17.26 5.93 -34.16
C THR E 225 17.82 4.80 -33.28
N LEU E 226 18.97 4.19 -33.67
CA LEU E 226 19.61 3.12 -32.90
C LEU E 226 20.08 3.55 -31.53
N VAL E 227 20.86 4.63 -31.44
CA VAL E 227 21.44 5.07 -30.19
C VAL E 227 20.39 5.72 -29.25
N VAL E 228 19.50 6.55 -29.80
CA VAL E 228 18.50 7.23 -28.97
C VAL E 228 17.45 6.26 -28.42
N SER E 229 16.92 5.34 -29.28
CA SER E 229 15.91 4.35 -28.87
C SER E 229 16.39 3.39 -27.76
N THR E 230 17.64 2.88 -27.92
CA THR E 230 18.25 2.00 -26.92
C THR E 230 18.54 2.76 -25.63
N LEU E 231 18.87 4.08 -25.71
CA LEU E 231 19.10 4.93 -24.54
C LEU E 231 17.82 5.05 -23.72
N ILE E 232 16.65 5.18 -24.42
CA ILE E 232 15.33 5.26 -23.80
C ILE E 232 15.01 3.96 -23.02
N ALA E 233 15.36 2.81 -23.65
CA ALA E 233 15.22 1.48 -23.03
C ALA E 233 16.12 1.36 -21.78
N HIS E 234 17.34 1.95 -21.82
CA HIS E 234 18.26 1.98 -20.69
C HIS E 234 17.74 2.85 -19.55
N ILE E 235 17.04 3.97 -19.87
CA ILE E 235 16.43 4.85 -18.88
C ILE E 235 15.37 4.06 -18.11
N ALA E 236 14.55 3.26 -18.87
CA ALA E 236 13.51 2.37 -18.35
C ALA E 236 14.06 1.37 -17.27
N PHE E 237 15.21 0.78 -17.58
CA PHE E 237 15.91 -0.13 -16.68
C PHE E 237 16.50 0.60 -15.48
N ASN E 238 17.08 1.82 -15.67
CA ASN E 238 17.62 2.62 -14.57
C ASN E 238 16.50 2.93 -13.57
N ILE E 239 15.32 3.37 -14.09
CA ILE E 239 14.16 3.70 -13.26
C ILE E 239 13.65 2.46 -12.50
N LEU E 240 13.55 1.30 -13.21
CA LEU E 240 13.12 0.00 -12.64
C LEU E 240 13.99 -0.40 -11.48
N VAL E 241 15.33 -0.27 -11.64
CA VAL E 241 16.33 -0.62 -10.63
C VAL E 241 16.22 0.27 -9.37
N GLU E 242 16.12 1.61 -9.55
CA GLU E 242 16.06 2.52 -8.41
C GLU E 242 14.73 2.46 -7.64
N THR E 243 13.66 1.83 -8.21
CA THR E 243 12.39 1.62 -7.49
C THR E 243 12.51 0.46 -6.49
N ASN E 244 13.43 -0.52 -6.73
CA ASN E 244 13.69 -1.68 -5.87
C ASN E 244 14.69 -1.35 -4.73
N LEU E 245 15.30 -0.16 -4.78
CA LEU E 245 16.32 0.25 -3.83
C LEU E 245 16.07 1.55 -3.11
N PRO E 246 16.53 1.70 -1.83
CA PRO E 246 16.42 3.01 -1.17
C PRO E 246 17.57 3.91 -1.68
N LYS E 247 17.40 5.22 -1.43
CA LYS E 247 18.36 6.23 -1.78
C LYS E 247 19.53 6.14 -0.81
N THR E 248 20.71 5.89 -1.37
CA THR E 248 21.93 5.71 -0.63
C THR E 248 22.91 6.90 -0.80
N PRO E 249 23.62 7.27 0.31
CA PRO E 249 24.65 8.33 0.19
C PRO E 249 25.98 7.83 -0.40
N TYR E 250 25.93 6.70 -1.14
CA TYR E 250 27.04 6.02 -1.79
C TYR E 250 26.56 5.37 -3.08
N MET E 251 27.52 4.94 -3.91
CA MET E 251 27.18 4.30 -5.17
C MET E 251 27.06 2.82 -4.94
N THR E 252 26.03 2.20 -5.53
CA THR E 252 25.89 0.74 -5.47
C THR E 252 26.61 0.19 -6.72
N TYR E 253 26.96 -1.11 -6.71
CA TYR E 253 27.63 -1.73 -7.85
C TYR E 253 26.79 -1.65 -9.12
N THR E 254 25.48 -1.94 -9.03
CA THR E 254 24.52 -1.87 -10.14
C THR E 254 24.31 -0.43 -10.59
N GLY E 255 24.24 0.48 -9.63
CA GLY E 255 24.08 1.92 -9.87
C GLY E 255 25.24 2.49 -10.64
N ALA E 256 26.46 2.02 -10.30
CA ALA E 256 27.71 2.40 -10.96
C ALA E 256 27.73 1.96 -12.45
N ILE E 257 27.36 0.69 -12.73
CA ILE E 257 27.26 0.12 -14.08
C ILE E 257 26.22 0.91 -14.89
N ILE E 258 25.00 1.07 -14.34
CA ILE E 258 23.93 1.79 -14.97
C ILE E 258 24.36 3.23 -15.32
N PHE E 259 25.03 3.93 -14.36
CA PHE E 259 25.50 5.31 -14.59
C PHE E 259 26.56 5.36 -15.70
N MET E 260 27.52 4.42 -15.66
CA MET E 260 28.60 4.31 -16.65
C MET E 260 28.06 4.10 -18.07
N ILE E 261 26.99 3.28 -18.22
CA ILE E 261 26.36 2.98 -19.51
C ILE E 261 25.81 4.26 -20.17
N TYR E 262 25.38 5.27 -19.37
CA TYR E 262 24.94 6.57 -19.88
C TYR E 262 26.06 7.27 -20.63
N LEU E 263 27.29 7.20 -20.10
CA LEU E 263 28.47 7.80 -20.74
C LEU E 263 28.74 7.14 -22.10
N PHE E 264 28.55 5.80 -22.17
CA PHE E 264 28.71 5.02 -23.40
C PHE E 264 27.70 5.41 -24.46
N TYR E 265 26.45 5.73 -24.04
CA TYR E 265 25.40 6.21 -24.93
C TYR E 265 25.75 7.61 -25.39
N PHE E 266 26.26 8.44 -24.48
CA PHE E 266 26.64 9.81 -24.79
C PHE E 266 27.79 9.88 -25.79
N VAL E 267 28.86 9.08 -25.58
CA VAL E 267 30.02 9.06 -26.49
C VAL E 267 29.62 8.48 -27.86
N ALA E 268 28.69 7.48 -27.86
CA ALA E 268 28.15 6.87 -29.09
C ALA E 268 27.42 7.93 -29.91
N VAL E 269 26.64 8.82 -29.25
CA VAL E 269 25.96 9.92 -29.94
C VAL E 269 27.02 10.89 -30.56
N ILE E 270 28.08 11.22 -29.79
CA ILE E 270 29.15 12.10 -30.29
C ILE E 270 29.77 11.47 -31.56
N GLU E 271 30.12 10.16 -31.51
CA GLU E 271 30.71 9.44 -32.65
C GLU E 271 29.78 9.50 -33.86
N VAL E 272 28.49 9.19 -33.66
CA VAL E 272 27.45 9.20 -34.70
C VAL E 272 27.32 10.61 -35.33
N THR E 273 27.44 11.66 -34.49
CA THR E 273 27.38 13.07 -34.90
C THR E 273 28.63 13.45 -35.71
N VAL E 274 29.84 13.09 -35.18
CA VAL E 274 31.15 13.34 -35.79
C VAL E 274 31.23 12.68 -37.17
N GLN E 275 30.83 11.40 -37.25
CA GLN E 275 30.78 10.61 -38.50
C GLN E 275 29.95 11.36 -39.55
N HIS E 276 28.70 11.74 -39.24
CA HIS E 276 27.83 12.45 -40.16
C HIS E 276 28.38 13.81 -40.54
N TYR E 277 28.90 14.59 -39.57
CA TYR E 277 29.48 15.91 -39.83
C TYR E 277 30.61 15.87 -40.88
N LEU E 278 31.54 14.89 -40.75
CA LEU E 278 32.67 14.70 -41.66
C LEU E 278 32.22 14.29 -43.05
N LYS E 279 31.21 13.38 -43.12
CA LYS E 279 30.57 12.89 -44.33
C LYS E 279 29.99 14.07 -45.16
N VAL E 280 29.24 14.96 -44.48
CA VAL E 280 28.63 16.17 -45.05
C VAL E 280 29.72 17.14 -45.53
N GLU E 281 30.84 17.23 -44.75
CA GLU E 281 32.02 18.06 -44.97
C GLU E 281 32.97 17.49 -46.06
N SER E 282 32.54 16.37 -46.71
CA SER E 282 33.25 15.65 -47.77
C SER E 282 34.64 15.16 -47.28
N GLN E 283 34.67 14.60 -46.06
CA GLN E 283 35.86 13.98 -45.46
C GLN E 283 35.49 12.57 -44.95
N PRO E 284 34.98 11.66 -45.84
CA PRO E 284 34.56 10.33 -45.38
C PRO E 284 35.70 9.39 -45.01
N ALA E 285 36.91 9.59 -45.55
CA ALA E 285 38.07 8.76 -45.24
C ALA E 285 38.42 8.86 -43.77
N ARG E 286 38.25 10.07 -43.21
CA ARG E 286 38.48 10.41 -41.80
C ARG E 286 37.37 9.84 -40.91
N ALA E 287 36.11 9.99 -41.35
CA ALA E 287 34.93 9.47 -40.68
C ALA E 287 35.03 7.96 -40.56
N ALA E 288 35.53 7.30 -41.62
CA ALA E 288 35.75 5.87 -41.68
C ALA E 288 36.77 5.41 -40.63
N SER E 289 37.85 6.22 -40.39
CA SER E 289 38.89 5.92 -39.41
C SER E 289 38.31 5.95 -38.00
N ILE E 290 37.47 6.97 -37.69
CA ILE E 290 36.84 7.12 -36.38
C ILE E 290 35.84 5.97 -36.13
N THR E 291 35.02 5.63 -37.14
CA THR E 291 34.01 4.57 -37.05
C THR E 291 34.66 3.21 -36.85
N ARG E 292 35.74 2.92 -37.59
CA ARG E 292 36.49 1.65 -37.49
C ARG E 292 37.14 1.50 -36.13
N ALA E 293 37.68 2.61 -35.57
CA ALA E 293 38.32 2.66 -34.26
C ALA E 293 37.28 2.40 -33.17
N SER E 294 36.07 3.00 -33.33
CA SER E 294 34.95 2.89 -32.40
C SER E 294 34.45 1.45 -32.24
N ARG E 295 34.54 0.66 -33.33
CA ARG E 295 34.17 -0.76 -33.37
C ARG E 295 34.97 -1.59 -32.36
N ILE E 296 36.25 -1.22 -32.14
CA ILE E 296 37.15 -1.87 -31.21
C ILE E 296 37.11 -1.13 -29.86
N ALA E 297 37.26 0.22 -29.88
CA ALA E 297 37.28 1.06 -28.68
C ALA E 297 36.08 0.87 -27.72
N PHE E 298 34.84 0.98 -28.22
CA PHE E 298 33.64 0.83 -27.41
C PHE E 298 33.56 -0.52 -26.64
N PRO E 299 33.67 -1.72 -27.26
CA PRO E 299 33.63 -2.97 -26.47
C PRO E 299 34.84 -3.13 -25.52
N VAL E 300 36.05 -2.70 -25.98
CA VAL E 300 37.28 -2.79 -25.18
C VAL E 300 37.20 -1.90 -23.91
N VAL E 301 36.88 -0.60 -24.09
CA VAL E 301 36.74 0.36 -23.00
C VAL E 301 35.63 -0.11 -22.05
N PHE E 302 34.53 -0.66 -22.60
CA PHE E 302 33.41 -1.19 -21.77
C PHE E 302 33.83 -2.36 -20.87
N LEU E 303 34.60 -3.30 -21.44
CA LEU E 303 35.13 -4.47 -20.73
C LEU E 303 36.14 -4.04 -19.66
N LEU E 304 37.12 -3.16 -20.00
CA LEU E 304 38.12 -2.67 -19.04
C LEU E 304 37.50 -1.82 -17.91
N ALA E 305 36.53 -0.94 -18.24
CA ALA E 305 35.85 -0.11 -17.26
C ALA E 305 35.05 -0.95 -16.25
N ASN E 306 34.49 -2.09 -16.73
CA ASN E 306 33.74 -3.05 -15.90
C ASN E 306 34.67 -3.83 -15.01
N ILE E 307 35.89 -4.16 -15.50
CA ILE E 307 36.94 -4.84 -14.71
C ILE E 307 37.37 -3.88 -13.59
N ILE E 308 37.62 -2.58 -13.93
CA ILE E 308 37.95 -1.53 -12.95
C ILE E 308 36.84 -1.42 -11.86
N LEU E 309 35.56 -1.29 -12.28
CA LEU E 309 34.43 -1.21 -11.35
C LEU E 309 34.30 -2.45 -10.44
N ALA E 310 34.39 -3.68 -11.02
CA ALA E 310 34.29 -4.93 -10.27
C ALA E 310 35.43 -5.01 -9.25
N PHE E 311 36.63 -4.50 -9.62
CA PHE E 311 37.77 -4.45 -8.73
C PHE E 311 37.52 -3.52 -7.56
N LEU E 312 37.01 -2.31 -7.84
CA LEU E 312 36.71 -1.29 -6.81
C LEU E 312 35.64 -1.74 -5.83
N PHE E 313 34.66 -2.52 -6.31
CA PHE E 313 33.55 -2.99 -5.50
C PHE E 313 33.76 -4.35 -4.81
N PHE E 314 34.60 -5.24 -5.36
CA PHE E 314 34.80 -6.57 -4.78
C PHE E 314 36.29 -6.93 -4.56
#